data_8QMT
#
_entry.id   8QMT
#
_cell.length_a   91.710
_cell.length_b   115.110
_cell.length_c   179.380
_cell.angle_alpha   90.00
_cell.angle_beta   90.00
_cell.angle_gamma   90.00
#
_symmetry.space_group_name_H-M   'P 21 21 21'
#
loop_
_entity.id
_entity.type
_entity.pdbx_description
1 polymer 'Succinate semialdehyde dehydrogenase [NAD(P)+] Sad'
2 non-polymer NICOTINAMIDE-ADENINE-DINUCLEOTIDE
3 non-polymer '4-oxobutanoic acid'
4 water water
#
_entity_poly.entity_id   1
_entity_poly.type   'polypeptide(L)'
_entity_poly.pdbx_seq_one_letter_code
;MTITPATHAISINPATGEQLSVLPWAGADDIENALQLAAAGFRDWRETNIDYRAEKLRDIGKALRARSEEMAQMITREMG
KPINQARAEVAKSANLCDWYAEHGPAMLKAEPTLVENQQAVIEYRPLGTILAIMPWNFPLWQVMRGAVPIILAGNGYLLK
HAPNVMGCAQLIAQVFKDAGIPQGVYGWLNADNDGVSQMIKDSRIAAVTVTGSVRAGAAIGAQAGAALKKCVLELGGSDP
FIVLNDADLELAVKAAVAGRYRNTGQVCAAAKRFIIEEGIASAFTERFVAAAAALKMGDPRDEENALGPMARFDLRDELH
HQVEKTLAQGARLLLGGEKMAGAGNYYPPTVLANVTPEMTAFREEMFGPVAAITIAKDAEHALELANDSEFGLSATIFTT
DETQARQMAARLECGGVFINGYCASDARVAFGGVKKSGFGRELSHFGLHEFCNIQTVWKDRI
;
_entity_poly.pdbx_strand_id   A,B,C,D
#
# COMPACT_ATOMS: atom_id res chain seq x y z
N ILE A 3 26.48 46.68 15.27
CA ILE A 3 25.20 46.13 14.83
C ILE A 3 25.38 44.91 13.96
N THR A 4 24.87 43.78 14.44
CA THR A 4 24.92 42.51 13.72
C THR A 4 23.71 41.69 14.11
N PRO A 5 23.30 40.72 13.29
CA PRO A 5 22.18 39.85 13.69
C PRO A 5 22.46 38.97 14.90
N ALA A 6 23.72 38.83 15.32
CA ALA A 6 24.04 38.08 16.52
C ALA A 6 23.79 38.89 17.79
N THR A 7 23.69 40.21 17.69
CA THR A 7 23.54 41.07 18.87
C THR A 7 22.26 41.89 18.90
N HIS A 8 21.58 42.08 17.76
CA HIS A 8 20.48 43.03 17.67
C HIS A 8 19.28 42.45 16.94
N ALA A 9 18.09 42.82 17.41
CA ALA A 9 16.91 42.78 16.56
C ALA A 9 16.98 43.97 15.62
N ILE A 10 16.60 43.75 14.36
CA ILE A 10 16.75 44.75 13.31
C ILE A 10 15.47 44.81 12.49
N SER A 11 14.92 46.01 12.33
CA SER A 11 13.79 46.24 11.44
C SER A 11 14.27 46.88 10.15
N ILE A 12 13.82 46.33 9.02
CA ILE A 12 14.08 46.88 7.70
C ILE A 12 12.75 46.98 6.96
N ASN A 13 12.49 48.14 6.37
CA ASN A 13 11.29 48.29 5.55
C ASN A 13 11.43 47.43 4.31
N PRO A 14 10.61 46.37 4.14
CA PRO A 14 10.76 45.52 2.95
C PRO A 14 10.36 46.20 1.66
N ALA A 15 9.61 47.29 1.71
CA ALA A 15 9.24 47.99 0.48
C ALA A 15 10.39 48.82 -0.08
N THR A 16 11.33 49.23 0.76
CA THR A 16 12.42 50.11 0.33
C THR A 16 13.81 49.60 0.66
N GLY A 17 13.96 48.62 1.55
CA GLY A 17 15.27 48.16 1.95
C GLY A 17 15.97 49.06 2.96
N GLU A 18 15.24 50.04 3.49
CA GLU A 18 15.85 50.98 4.45
C GLU A 18 15.85 50.41 5.87
N GLN A 19 16.97 50.50 6.57
CA GLN A 19 17.01 50.11 7.98
C GLN A 19 16.17 51.08 8.79
N LEU A 20 15.28 50.54 9.63
CA LEU A 20 14.37 51.36 10.43
C LEU A 20 14.83 51.52 11.87
N SER A 21 15.32 50.46 12.50
CA SER A 21 15.59 50.50 13.93
C SER A 21 16.43 49.27 14.29
N VAL A 22 17.11 49.36 15.43
CA VAL A 22 17.84 48.22 15.98
C VAL A 22 17.58 48.14 17.47
N LEU A 23 17.64 46.92 18.00
CA LEU A 23 17.42 46.76 19.44
C LEU A 23 18.27 45.61 19.94
N PRO A 24 19.17 45.84 20.89
CA PRO A 24 20.02 44.74 21.37
C PRO A 24 19.20 43.75 22.17
N TRP A 25 19.64 42.49 22.13
CA TRP A 25 18.99 41.45 22.94
C TRP A 25 18.99 41.84 24.40
N ALA A 26 17.97 41.38 25.12
CA ALA A 26 17.93 41.52 26.57
C ALA A 26 19.17 40.91 27.19
N GLY A 27 19.70 41.57 28.22
CA GLY A 27 20.78 41.02 29.02
C GLY A 27 20.25 40.21 30.19
N ALA A 28 21.19 39.62 30.94
CA ALA A 28 20.83 38.84 32.13
C ALA A 28 19.98 39.66 33.09
N ASP A 29 20.32 40.92 33.31
CA ASP A 29 19.53 41.75 34.22
C ASP A 29 18.13 42.03 33.65
N ASP A 30 18.04 42.30 32.35
CA ASP A 30 16.73 42.50 31.72
C ASP A 30 15.84 41.28 31.92
N ILE A 31 16.40 40.08 31.71
CA ILE A 31 15.60 38.86 31.85
C ILE A 31 15.10 38.70 33.27
N GLU A 32 16.00 38.86 34.25
CA GLU A 32 15.61 38.72 35.65
C GLU A 32 14.55 39.74 36.04
N ASN A 33 14.70 40.99 35.59
CA ASN A 33 13.71 42.02 35.89
C ASN A 33 12.36 41.68 35.28
N ALA A 34 12.33 41.20 34.04
CA ALA A 34 11.07 40.79 33.43
C ALA A 34 10.42 39.66 34.23
N LEU A 35 11.22 38.68 34.65
CA LEU A 35 10.66 37.57 35.40
C LEU A 35 10.18 38.00 36.78
N GLN A 36 10.89 38.94 37.44
CA GLN A 36 10.42 39.44 38.73
C GLN A 36 9.10 40.19 38.57
N LEU A 37 9.01 41.07 37.56
CA LEU A 37 7.77 41.77 37.27
C LEU A 37 6.63 40.81 36.97
N ALA A 38 6.89 39.82 36.11
CA ALA A 38 5.89 38.80 35.80
C ALA A 38 5.38 38.13 37.07
N ALA A 39 6.28 37.72 37.96
CA ALA A 39 5.87 36.97 39.15
C ALA A 39 5.05 37.85 40.08
N ALA A 40 5.50 39.09 40.30
CA ALA A 40 4.73 40.01 41.13
C ALA A 40 3.39 40.35 40.49
N GLY A 41 3.38 40.51 39.17
CA GLY A 41 2.14 40.86 38.49
C GLY A 41 1.10 39.76 38.56
N PHE A 42 1.52 38.52 38.31
CA PHE A 42 0.61 37.39 38.42
C PHE A 42 0.07 37.24 39.84
N ARG A 43 0.96 37.37 40.84
CA ARG A 43 0.56 37.24 42.23
C ARG A 43 -0.62 38.15 42.57
N ASP A 44 -0.59 39.38 42.08
CA ASP A 44 -1.69 40.32 42.31
C ASP A 44 -2.86 40.08 41.37
N TRP A 45 -2.56 39.87 40.07
CA TRP A 45 -3.62 39.77 39.06
C TRP A 45 -4.53 38.58 39.31
N ARG A 46 -3.98 37.47 39.80
CA ARG A 46 -4.79 36.27 40.04
C ARG A 46 -5.82 36.50 41.14
N GLU A 47 -5.65 37.53 41.96
CA GLU A 47 -6.58 37.86 43.03
C GLU A 47 -7.74 38.72 42.55
N THR A 48 -7.68 39.28 41.35
CA THR A 48 -8.70 40.21 40.89
C THR A 48 -9.99 39.47 40.54
N ASN A 49 -11.07 40.24 40.49
CA ASN A 49 -12.39 39.69 40.12
C ASN A 49 -12.44 39.58 38.61
N ILE A 50 -13.17 38.59 38.12
CA ILE A 50 -13.24 38.36 36.68
C ILE A 50 -13.98 39.50 35.97
N ASP A 51 -14.98 40.07 36.62
CA ASP A 51 -15.69 41.19 35.99
C ASP A 51 -14.81 42.43 35.92
N TYR A 52 -13.90 42.60 36.87
CA TYR A 52 -12.90 43.66 36.75
C TYR A 52 -12.00 43.42 35.54
N ARG A 53 -11.48 42.19 35.41
CA ARG A 53 -10.63 41.89 34.25
C ARG A 53 -11.37 42.10 32.95
N ALA A 54 -12.66 41.79 32.92
CA ALA A 54 -13.42 41.98 31.68
C ALA A 54 -13.48 43.46 31.32
N GLU A 55 -13.68 44.33 32.32
CA GLU A 55 -13.64 45.76 32.05
C GLU A 55 -12.27 46.20 31.55
N LYS A 56 -11.20 45.63 32.15
CA LYS A 56 -9.86 45.94 31.66
C LYS A 56 -9.67 45.51 30.21
N LEU A 57 -10.29 44.40 29.79
CA LEU A 57 -10.27 44.04 28.37
C LEU A 57 -10.89 45.13 27.52
N ARG A 58 -12.00 45.71 27.98
CA ARG A 58 -12.61 46.79 27.22
C ARG A 58 -11.69 48.00 27.15
N ASP A 59 -10.95 48.27 28.22
CA ASP A 59 -9.97 49.36 28.20
C ASP A 59 -8.87 49.08 27.20
N ILE A 60 -8.45 47.82 27.06
CA ILE A 60 -7.47 47.47 26.03
C ILE A 60 -8.03 47.81 24.65
N GLY A 61 -9.27 47.39 24.39
CA GLY A 61 -9.87 47.70 23.09
C GLY A 61 -9.91 49.18 22.81
N LYS A 62 -10.22 49.98 23.83
CA LYS A 62 -10.28 51.43 23.64
C LYS A 62 -8.90 52.01 23.37
N ALA A 63 -7.90 51.59 24.17
CA ALA A 63 -6.54 52.08 23.97
C ALA A 63 -6.01 51.68 22.60
N LEU A 64 -6.38 50.50 22.13
CA LEU A 64 -5.90 50.04 20.83
C LEU A 64 -6.51 50.86 19.69
N ARG A 65 -7.83 51.09 19.73
CA ARG A 65 -8.45 51.90 18.69
C ARG A 65 -7.93 53.32 18.70
N ALA A 66 -7.59 53.86 19.88
CA ALA A 66 -7.05 55.20 19.97
C ALA A 66 -5.70 55.35 19.29
N ARG A 67 -4.99 54.24 19.04
CA ARG A 67 -3.71 54.26 18.33
C ARG A 67 -3.78 53.40 17.07
N SER A 68 -4.99 53.20 16.53
CA SER A 68 -5.20 52.27 15.43
C SER A 68 -4.31 52.59 14.24
N GLU A 69 -4.22 53.87 13.88
CA GLU A 69 -3.48 54.21 12.67
C GLU A 69 -1.99 54.21 12.91
N GLU A 70 -1.57 54.64 14.10
CA GLU A 70 -0.17 54.52 14.46
C GLU A 70 0.26 53.05 14.43
N MET A 71 -0.59 52.17 14.94
CA MET A 71 -0.29 50.73 14.92
C MET A 71 -0.28 50.19 13.50
N ALA A 72 -1.31 50.51 12.71
CA ALA A 72 -1.38 50.00 11.34
C ALA A 72 -0.17 50.43 10.53
N GLN A 73 0.23 51.71 10.66
CA GLN A 73 1.36 52.18 9.86
C GLN A 73 2.65 51.50 10.29
N MET A 74 2.79 51.19 11.58
CA MET A 74 3.98 50.48 12.04
C MET A 74 4.01 49.06 11.48
N ILE A 75 2.85 48.38 11.46
CA ILE A 75 2.76 47.03 10.90
C ILE A 75 3.19 47.03 9.44
N THR A 76 2.61 47.94 8.67
CA THR A 76 2.90 48.02 7.24
C THR A 76 4.37 48.38 7.01
N ARG A 77 4.89 49.30 7.81
CA ARG A 77 6.26 49.77 7.64
C ARG A 77 7.27 48.67 7.94
N GLU A 78 7.03 47.88 8.99
CA GLU A 78 8.02 46.88 9.38
C GLU A 78 7.94 45.59 8.57
N MET A 79 6.76 45.17 8.11
CA MET A 79 6.71 43.88 7.43
C MET A 79 5.94 43.88 6.10
N GLY A 80 5.51 45.05 5.60
CA GLY A 80 5.08 45.14 4.21
C GLY A 80 3.59 44.96 3.94
N LYS A 81 2.78 44.71 4.96
CA LYS A 81 1.36 44.42 4.77
C LYS A 81 0.62 45.61 4.15
N PRO A 82 -0.22 45.40 3.14
CA PRO A 82 -1.06 46.49 2.64
C PRO A 82 -1.82 47.20 3.77
N ILE A 83 -1.83 48.54 3.71
CA ILE A 83 -2.20 49.31 4.88
C ILE A 83 -3.63 49.00 5.33
N ASN A 84 -4.56 48.77 4.39
CA ASN A 84 -5.92 48.46 4.82
C ASN A 84 -6.03 47.10 5.49
N GLN A 85 -5.15 46.16 5.13
CA GLN A 85 -5.13 44.89 5.86
C GLN A 85 -4.54 45.08 7.25
N ALA A 86 -3.60 46.01 7.39
CA ALA A 86 -3.08 46.33 8.72
C ALA A 86 -4.14 47.00 9.58
N ARG A 87 -4.93 47.88 8.96
CA ARG A 87 -6.03 48.50 9.67
C ARG A 87 -7.08 47.48 10.08
N ALA A 88 -7.37 46.52 9.20
CA ALA A 88 -8.30 45.46 9.55
C ALA A 88 -7.76 44.58 10.66
N GLU A 89 -6.45 44.37 10.70
CA GLU A 89 -5.85 43.60 11.78
C GLU A 89 -6.08 44.30 13.12
N VAL A 90 -5.96 45.62 13.14
CA VAL A 90 -6.20 46.37 14.37
C VAL A 90 -7.67 46.27 14.79
N ALA A 91 -8.59 46.43 13.83
CA ALA A 91 -10.02 46.38 14.15
C ALA A 91 -10.40 45.02 14.70
N LYS A 92 -9.91 43.95 14.07
CA LYS A 92 -10.22 42.61 14.54
C LYS A 92 -9.67 42.36 15.95
N SER A 93 -8.47 42.86 16.23
CA SER A 93 -7.88 42.68 17.54
C SER A 93 -8.63 43.46 18.62
N ALA A 94 -9.08 44.68 18.31
CA ALA A 94 -9.82 45.46 19.30
C ALA A 94 -11.19 44.84 19.55
N ASN A 95 -11.86 44.34 18.50
CA ASN A 95 -13.13 43.66 18.68
C ASN A 95 -12.98 42.39 19.51
N LEU A 96 -11.83 41.71 19.38
CA LEU A 96 -11.57 40.52 20.19
C LEU A 96 -11.59 40.86 21.67
N CYS A 97 -11.03 42.01 22.05
CA CYS A 97 -11.08 42.45 23.44
C CYS A 97 -12.51 42.56 23.92
N ASP A 98 -13.37 43.21 23.13
CA ASP A 98 -14.76 43.38 23.50
C ASP A 98 -15.50 42.05 23.54
N TRP A 99 -15.22 41.17 22.58
CA TRP A 99 -15.92 39.89 22.54
C TRP A 99 -15.59 39.05 23.76
N TYR A 100 -14.30 38.96 24.11
CA TYR A 100 -13.96 38.20 25.32
C TYR A 100 -14.47 38.88 26.59
N ALA A 101 -14.52 40.21 26.62
CA ALA A 101 -15.06 40.87 27.80
C ALA A 101 -16.53 40.51 28.02
N GLU A 102 -17.28 40.32 26.93
CA GLU A 102 -18.69 40.00 27.03
C GLU A 102 -18.92 38.51 27.28
N HIS A 103 -18.21 37.64 26.56
CA HIS A 103 -18.50 36.21 26.59
C HIS A 103 -17.52 35.39 27.43
N GLY A 104 -16.32 35.91 27.71
CA GLY A 104 -15.31 35.20 28.46
C GLY A 104 -15.67 34.80 29.87
N PRO A 105 -16.18 35.73 30.69
CA PRO A 105 -16.40 35.40 32.11
C PRO A 105 -17.30 34.20 32.34
N ALA A 106 -18.36 34.05 31.53
CA ALA A 106 -19.22 32.89 31.70
C ALA A 106 -18.48 31.59 31.39
N MET A 107 -17.54 31.61 30.45
CA MET A 107 -16.75 30.43 30.16
C MET A 107 -15.82 30.03 31.29
N LEU A 108 -15.61 30.89 32.28
CA LEU A 108 -14.71 30.60 33.38
C LEU A 108 -15.45 30.23 34.67
N LYS A 109 -16.77 30.12 34.61
CA LYS A 109 -17.54 29.72 35.78
C LYS A 109 -17.28 28.24 36.10
N ALA A 110 -17.43 27.91 37.38
CA ALA A 110 -17.18 26.53 37.81
C ALA A 110 -18.16 25.57 37.17
N GLU A 111 -17.68 24.35 36.85
CA GLU A 111 -18.56 23.33 36.30
C GLU A 111 -19.16 22.49 37.42
N PRO A 112 -20.45 22.19 37.35
CA PRO A 112 -21.00 21.12 38.19
C PRO A 112 -20.49 19.77 37.70
N THR A 113 -20.62 18.76 38.57
CA THR A 113 -20.26 17.40 38.24
C THR A 113 -21.39 16.46 38.62
N LEU A 114 -21.28 15.20 38.18
CA LEU A 114 -22.25 14.17 38.50
C LEU A 114 -22.04 13.55 39.87
N VAL A 115 -21.02 14.01 40.62
CA VAL A 115 -20.79 13.49 41.96
C VAL A 115 -22.02 13.75 42.84
N GLU A 116 -22.33 12.77 43.71
CA GLU A 116 -23.49 12.90 44.58
C GLU A 116 -23.42 14.16 45.43
N ASN A 117 -24.60 14.69 45.78
CA ASN A 117 -24.77 15.71 46.81
C ASN A 117 -24.12 17.04 46.43
N GLN A 118 -23.87 17.23 45.13
CA GLN A 118 -23.21 18.45 44.63
C GLN A 118 -21.92 18.76 45.39
N GLN A 119 -21.17 17.70 45.72
CA GLN A 119 -19.98 17.81 46.53
C GLN A 119 -18.77 18.32 45.76
N ALA A 120 -18.73 18.17 44.44
CA ALA A 120 -17.53 18.44 43.66
C ALA A 120 -17.86 19.38 42.50
N VAL A 121 -16.97 20.33 42.26
CA VAL A 121 -17.03 21.20 41.09
C VAL A 121 -15.67 21.22 40.43
N ILE A 122 -15.64 21.69 39.18
CA ILE A 122 -14.41 21.94 38.45
C ILE A 122 -14.23 23.44 38.38
N GLU A 123 -13.08 23.93 38.85
CA GLU A 123 -12.76 25.34 38.83
C GLU A 123 -11.68 25.60 37.79
N TYR A 124 -11.76 26.75 37.11
CA TYR A 124 -10.76 27.13 36.11
C TYR A 124 -9.84 28.18 36.74
N ARG A 125 -8.70 27.74 37.23
CA ARG A 125 -7.74 28.60 37.91
C ARG A 125 -6.66 29.03 36.94
N PRO A 126 -6.03 30.18 37.11
CA PRO A 126 -4.87 30.51 36.26
C PRO A 126 -3.69 29.60 36.60
N LEU A 127 -2.82 29.46 35.60
CA LEU A 127 -1.59 28.68 35.71
C LEU A 127 -0.41 29.53 36.20
N GLY A 128 -0.27 30.72 35.68
CA GLY A 128 0.86 31.57 36.01
C GLY A 128 1.16 32.49 34.83
N THR A 129 2.45 32.73 34.61
CA THR A 129 2.88 33.55 33.48
C THR A 129 3.14 32.67 32.27
N ILE A 130 2.50 32.99 31.15
CA ILE A 130 2.64 32.23 29.91
C ILE A 130 3.66 32.95 29.04
N LEU A 131 4.71 32.23 28.66
CA LEU A 131 5.68 32.76 27.72
C LEU A 131 5.16 32.57 26.29
N ALA A 132 5.09 33.64 25.53
CA ALA A 132 4.55 33.60 24.18
C ALA A 132 5.62 33.97 23.18
N ILE A 133 5.84 33.10 22.19
CA ILE A 133 6.83 33.29 21.14
C ILE A 133 6.05 33.49 19.83
N MET A 134 6.12 34.68 19.25
CA MET A 134 5.20 35.06 18.19
C MET A 134 5.92 35.45 16.91
N PRO A 135 5.20 35.42 15.75
CA PRO A 135 5.82 35.74 14.47
C PRO A 135 5.41 37.09 13.90
N TRP A 136 5.98 37.45 12.74
CA TRP A 136 5.84 38.78 12.15
C TRP A 136 4.66 38.93 11.20
N ASN A 137 3.95 37.86 10.83
CA ASN A 137 2.98 38.01 9.74
C ASN A 137 1.71 38.72 10.16
N PHE A 138 1.26 38.53 11.40
CA PHE A 138 0.22 39.37 12.03
C PHE A 138 0.80 39.88 13.35
N PRO A 139 1.60 40.95 13.31
CA PRO A 139 2.36 41.35 14.51
C PRO A 139 1.49 41.74 15.69
N LEU A 140 0.27 42.21 15.44
CA LEU A 140 -0.66 42.54 16.51
C LEU A 140 -1.64 41.40 16.78
N TRP A 141 -2.31 40.90 15.74
CA TRP A 141 -3.34 39.89 15.97
C TRP A 141 -2.78 38.63 16.60
N GLN A 142 -1.60 38.16 16.17
CA GLN A 142 -1.01 36.97 16.78
C GLN A 142 -0.87 37.13 18.29
N VAL A 143 -0.44 38.31 18.74
CA VAL A 143 -0.25 38.57 20.16
C VAL A 143 -1.59 38.64 20.88
N MET A 144 -2.54 39.40 20.32
CA MET A 144 -3.82 39.60 21.00
C MET A 144 -4.62 38.31 21.07
N ARG A 145 -4.56 37.49 20.02
CA ARG A 145 -5.33 36.22 19.96
C ARG A 145 -5.09 35.39 21.22
N GLY A 146 -3.86 35.32 21.69
CA GLY A 146 -3.58 34.61 22.91
C GLY A 146 -3.63 35.48 24.15
N ALA A 147 -3.05 36.69 24.08
CA ALA A 147 -2.93 37.52 25.27
C ALA A 147 -4.29 37.82 25.89
N VAL A 148 -5.29 38.13 25.07
CA VAL A 148 -6.59 38.55 25.60
C VAL A 148 -7.19 37.42 26.45
N PRO A 149 -7.43 36.21 25.93
CA PRO A 149 -7.97 35.17 26.80
C PRO A 149 -7.01 34.75 27.92
N ILE A 150 -5.70 34.73 27.66
CA ILE A 150 -4.76 34.31 28.70
C ILE A 150 -4.86 35.25 29.92
N ILE A 151 -4.89 36.55 29.67
CA ILE A 151 -4.97 37.50 30.78
C ILE A 151 -6.35 37.46 31.43
N LEU A 152 -7.40 37.26 30.64
CA LEU A 152 -8.75 37.21 31.22
C LEU A 152 -8.87 36.06 32.22
N ALA A 153 -8.23 34.93 31.93
CA ALA A 153 -8.24 33.78 32.83
C ALA A 153 -7.42 34.00 34.10
N GLY A 154 -6.76 35.14 34.24
CA GLY A 154 -5.99 35.42 35.44
C GLY A 154 -4.52 35.13 35.34
N ASN A 155 -4.04 34.73 34.16
CA ASN A 155 -2.62 34.53 33.89
C ASN A 155 -1.95 35.86 33.58
N GLY A 156 -0.62 35.84 33.61
CA GLY A 156 0.18 36.84 32.96
C GLY A 156 0.67 36.34 31.60
N TYR A 157 1.16 37.29 30.80
CA TYR A 157 1.59 37.04 29.42
C TYR A 157 2.93 37.75 29.21
N LEU A 158 3.93 37.02 28.76
CA LEU A 158 5.27 37.59 28.53
C LEU A 158 5.65 37.31 27.09
N LEU A 159 5.72 38.39 26.29
CA LEU A 159 5.85 38.29 24.84
C LEU A 159 7.31 38.33 24.42
N LYS A 160 7.70 37.34 23.62
CA LYS A 160 8.95 37.39 22.87
C LYS A 160 8.54 37.48 21.41
N HIS A 161 8.62 38.67 20.84
CA HIS A 161 8.15 38.88 19.47
C HIS A 161 9.26 38.63 18.45
N ALA A 162 8.85 38.50 17.17
CA ALA A 162 9.80 38.28 16.09
C ALA A 162 10.74 39.47 15.98
N PRO A 163 12.03 39.25 15.68
CA PRO A 163 13.01 40.34 15.79
C PRO A 163 12.86 41.43 14.74
N ASN A 164 12.05 41.21 13.70
CA ASN A 164 11.84 42.24 12.69
C ASN A 164 10.63 43.12 12.96
N VAL A 165 9.90 42.90 14.07
CA VAL A 165 8.73 43.73 14.36
C VAL A 165 8.80 44.29 15.78
N MET A 166 9.97 44.72 16.22
CA MET A 166 10.05 45.23 17.58
C MET A 166 9.47 46.63 17.73
N GLY A 167 9.34 47.38 16.62
CA GLY A 167 8.54 48.59 16.69
C GLY A 167 7.07 48.30 17.00
N CYS A 168 6.51 47.28 16.36
CA CYS A 168 5.18 46.80 16.71
C CYS A 168 5.11 46.37 18.17
N ALA A 169 6.09 45.56 18.60
CA ALA A 169 6.06 45.06 19.97
C ALA A 169 6.06 46.22 20.98
N GLN A 170 6.90 47.23 20.74
CA GLN A 170 6.94 48.38 21.62
C GLN A 170 5.59 49.10 21.66
N LEU A 171 4.94 49.22 20.50
CA LEU A 171 3.64 49.89 20.45
C LEU A 171 2.56 49.08 21.16
N ILE A 172 2.60 47.76 21.03
CA ILE A 172 1.65 46.92 21.75
C ILE A 172 1.80 47.11 23.25
N ALA A 173 3.05 47.15 23.73
CA ALA A 173 3.27 47.39 25.15
C ALA A 173 2.71 48.75 25.57
N GLN A 174 2.87 49.76 24.71
CA GLN A 174 2.32 51.08 25.03
C GLN A 174 0.81 51.04 25.12
N VAL A 175 0.15 50.27 24.25
CA VAL A 175 -1.32 50.16 24.29
C VAL A 175 -1.76 49.50 25.60
N PHE A 176 -1.09 48.42 26.00
CA PHE A 176 -1.46 47.78 27.25
C PHE A 176 -1.25 48.74 28.43
N LYS A 177 -0.20 49.54 28.37
CA LYS A 177 0.06 50.52 29.42
C LYS A 177 -0.98 51.64 29.41
N ASP A 178 -1.37 52.11 28.21
CA ASP A 178 -2.48 53.07 28.09
C ASP A 178 -3.74 52.53 28.73
N ALA A 179 -3.97 51.21 28.61
CA ALA A 179 -5.16 50.57 29.14
C ALA A 179 -5.10 50.40 30.66
N GLY A 180 -3.96 50.63 31.27
CA GLY A 180 -3.85 50.37 32.69
C GLY A 180 -3.64 48.91 33.04
N ILE A 181 -3.09 48.12 32.11
CA ILE A 181 -2.76 46.72 32.41
C ILE A 181 -1.44 46.70 33.16
N PRO A 182 -1.40 46.15 34.39
CA PRO A 182 -0.18 46.24 35.19
C PRO A 182 1.03 45.66 34.49
N GLN A 183 2.19 46.25 34.80
CA GLN A 183 3.47 45.68 34.42
C GLN A 183 3.54 44.23 34.88
N GLY A 184 4.15 43.39 34.05
CA GLY A 184 4.22 41.98 34.40
C GLY A 184 2.98 41.17 34.03
N VAL A 185 1.78 41.76 34.16
CA VAL A 185 0.60 41.06 33.66
C VAL A 185 0.65 40.97 32.15
N TYR A 186 0.92 42.08 31.48
CA TYR A 186 1.42 42.06 30.12
C TYR A 186 2.85 42.58 30.15
N GLY A 187 3.78 41.77 29.68
CA GLY A 187 5.17 42.16 29.62
C GLY A 187 5.80 41.66 28.33
N TRP A 188 7.00 42.14 28.05
CA TRP A 188 7.71 41.69 26.87
C TRP A 188 9.21 41.85 27.06
N LEU A 189 9.97 41.10 26.27
CA LEU A 189 11.43 41.06 26.33
C LEU A 189 11.96 40.82 24.94
N ASN A 190 13.01 41.56 24.57
CA ASN A 190 13.71 41.30 23.30
C ASN A 190 14.78 40.22 23.52
N ALA A 191 14.30 39.01 23.83
CA ALA A 191 15.21 37.92 24.17
C ALA A 191 15.71 37.23 22.92
N ASP A 192 16.99 36.82 22.94
CA ASP A 192 17.43 35.93 21.90
C ASP A 192 17.01 34.51 22.26
N ASN A 193 17.39 33.53 21.43
CA ASN A 193 16.92 32.17 21.63
C ASN A 193 17.42 31.61 22.97
N ASP A 194 18.65 31.93 23.34
CA ASP A 194 19.19 31.45 24.64
C ASP A 194 18.39 32.07 25.79
N GLY A 195 18.00 33.33 25.63
CA GLY A 195 17.17 33.95 26.66
C GLY A 195 15.83 33.25 26.80
N VAL A 196 15.21 32.89 25.68
CA VAL A 196 13.99 32.08 25.72
C VAL A 196 14.26 30.77 26.46
N SER A 197 15.39 30.12 26.16
CA SER A 197 15.70 28.85 26.81
C SER A 197 15.83 29.02 28.33
N GLN A 198 16.44 30.11 28.76
CA GLN A 198 16.59 30.38 30.18
C GLN A 198 15.22 30.60 30.83
N MET A 199 14.32 31.30 30.15
CA MET A 199 13.03 31.58 30.74
C MET A 199 12.18 30.32 30.83
N ILE A 200 12.28 29.43 29.83
CA ILE A 200 11.53 28.18 29.86
C ILE A 200 11.93 27.35 31.09
N LYS A 201 13.21 27.39 31.45
CA LYS A 201 13.69 26.65 32.61
C LYS A 201 13.36 27.32 33.94
N ASP A 202 12.95 28.59 33.91
CA ASP A 202 12.74 29.35 35.13
C ASP A 202 11.37 29.04 35.72
N SER A 203 11.32 28.85 37.04
CA SER A 203 10.06 28.51 37.69
C SER A 203 9.01 29.62 37.60
N ARG A 204 9.38 30.82 37.17
CA ARG A 204 8.39 31.88 37.05
C ARG A 204 7.66 31.86 35.71
N ILE A 205 7.98 30.91 34.83
CA ILE A 205 7.24 30.68 33.60
C ILE A 205 6.49 29.36 33.75
N ALA A 206 5.17 29.40 33.60
CA ALA A 206 4.33 28.23 33.84
C ALA A 206 4.08 27.39 32.60
N ALA A 207 4.03 28.02 31.42
CA ALA A 207 3.73 27.33 30.18
C ALA A 207 4.15 28.22 29.02
N VAL A 208 4.14 27.66 27.81
CA VAL A 208 4.66 28.33 26.63
C VAL A 208 3.65 28.22 25.50
N THR A 209 3.51 29.27 24.71
CA THR A 209 2.73 29.18 23.49
C THR A 209 3.59 29.71 22.34
N VAL A 210 3.52 29.02 21.19
CA VAL A 210 4.41 29.28 20.06
C VAL A 210 3.59 29.36 18.79
N THR A 211 3.76 30.44 18.03
CA THR A 211 3.27 30.52 16.65
C THR A 211 4.46 30.83 15.76
N GLY A 212 4.77 29.93 14.84
CA GLY A 212 5.89 30.14 13.95
C GLY A 212 6.17 28.96 13.06
N SER A 213 7.44 28.69 12.78
CA SER A 213 7.79 27.63 11.87
C SER A 213 7.77 26.29 12.59
N VAL A 214 7.74 25.22 11.78
CA VAL A 214 7.85 23.87 12.31
C VAL A 214 9.15 23.71 13.09
N ARG A 215 10.24 24.24 12.55
CA ARG A 215 11.55 24.15 13.22
C ARG A 215 11.53 24.85 14.58
N ALA A 216 10.88 26.00 14.67
CA ALA A 216 10.78 26.71 15.95
C ALA A 216 9.93 25.93 16.95
N GLY A 217 8.79 25.40 16.50
CA GLY A 217 7.95 24.63 17.40
C GLY A 217 8.64 23.38 17.92
N ALA A 218 9.44 22.72 17.08
CA ALA A 218 10.16 21.54 17.54
C ALA A 218 11.25 21.90 18.55
N ALA A 219 11.98 22.98 18.29
CA ALA A 219 13.02 23.40 19.23
C ALA A 219 12.43 23.85 20.55
N ILE A 220 11.36 24.64 20.52
CA ILE A 220 10.79 25.15 21.76
C ILE A 220 9.98 24.08 22.46
N GLY A 221 9.19 23.30 21.71
CA GLY A 221 8.40 22.25 22.32
C GLY A 221 9.25 21.22 23.05
N ALA A 222 10.41 20.89 22.49
CA ALA A 222 11.33 19.97 23.16
C ALA A 222 11.80 20.56 24.49
N GLN A 223 12.07 21.86 24.52
CA GLN A 223 12.53 22.48 25.76
C GLN A 223 11.40 22.58 26.79
N ALA A 224 10.19 22.91 26.33
CA ALA A 224 9.04 22.93 27.24
C ALA A 224 8.83 21.56 27.88
N GLY A 225 8.85 20.50 27.06
CA GLY A 225 8.69 19.17 27.60
C GLY A 225 9.79 18.79 28.56
N ALA A 226 11.04 19.13 28.23
CA ALA A 226 12.14 18.84 29.14
C ALA A 226 11.99 19.57 30.47
N ALA A 227 11.35 20.74 30.47
CA ALA A 227 11.12 21.53 31.67
C ALA A 227 9.77 21.22 32.32
N LEU A 228 9.03 20.26 31.79
CA LEU A 228 7.71 19.87 32.30
C LEU A 228 6.72 21.02 32.27
N LYS A 229 6.77 21.79 31.17
CA LYS A 229 5.88 22.91 30.93
C LYS A 229 4.98 22.59 29.74
N LYS A 230 3.67 22.77 29.91
CA LYS A 230 2.76 22.58 28.80
C LYS A 230 3.06 23.60 27.71
N CYS A 231 2.95 23.19 26.46
CA CYS A 231 3.04 24.13 25.37
C CYS A 231 1.85 23.96 24.43
N VAL A 232 1.57 25.02 23.69
CA VAL A 232 0.64 25.01 22.57
C VAL A 232 1.43 25.49 21.36
N LEU A 233 1.35 24.75 20.25
CA LEU A 233 2.13 25.04 19.05
C LEU A 233 1.20 25.22 17.85
N GLU A 234 1.35 26.36 17.16
CA GLU A 234 0.65 26.58 15.86
C GLU A 234 1.78 26.84 14.86
N LEU A 235 2.06 25.89 13.97
CA LEU A 235 3.31 25.97 13.16
C LEU A 235 3.09 26.04 11.65
N GLY A 236 2.01 26.67 11.23
CA GLY A 236 1.80 26.86 9.82
C GLY A 236 1.02 25.73 9.20
N GLY A 237 0.83 25.83 7.89
CA GLY A 237 0.02 24.84 7.23
C GLY A 237 0.31 24.82 5.75
N SER A 238 -0.34 23.89 5.08
CA SER A 238 -0.34 23.81 3.64
C SER A 238 -1.77 23.43 3.27
N ASP A 239 -2.69 24.36 3.54
CA ASP A 239 -4.12 24.05 3.51
C ASP A 239 -4.57 23.67 2.11
N PRO A 240 -5.28 22.57 1.95
CA PRO A 240 -5.90 22.24 0.68
C PRO A 240 -7.17 23.05 0.47
N PHE A 241 -7.43 23.37 -0.79
CA PHE A 241 -8.63 24.09 -1.22
C PHE A 241 -9.22 23.23 -2.34
N ILE A 242 -10.30 22.51 -2.03
CA ILE A 242 -10.87 21.50 -2.91
C ILE A 242 -12.07 22.08 -3.64
N VAL A 243 -12.07 21.96 -4.96
CA VAL A 243 -13.15 22.43 -5.82
C VAL A 243 -13.66 21.23 -6.61
N LEU A 244 -14.92 20.87 -6.41
CA LEU A 244 -15.52 19.75 -7.14
C LEU A 244 -16.30 20.27 -8.36
N ASN A 245 -16.66 19.34 -9.25
CA ASN A 245 -17.25 19.73 -10.54
C ASN A 245 -18.53 20.53 -10.38
N ASP A 246 -19.26 20.33 -9.27
CA ASP A 246 -20.54 20.99 -9.05
C ASP A 246 -20.43 22.23 -8.18
N ALA A 247 -19.23 22.81 -8.07
CA ALA A 247 -19.06 23.98 -7.21
C ALA A 247 -19.63 25.23 -7.86
N ASP A 248 -20.02 26.18 -7.03
CA ASP A 248 -20.18 27.55 -7.48
C ASP A 248 -18.81 28.06 -7.91
N LEU A 249 -18.54 28.04 -9.22
CA LEU A 249 -17.17 28.28 -9.67
C LEU A 249 -16.74 29.73 -9.45
N GLU A 250 -17.66 30.68 -9.62
CA GLU A 250 -17.31 32.09 -9.44
C GLU A 250 -16.93 32.39 -7.99
N LEU A 251 -17.73 31.90 -7.05
CA LEU A 251 -17.42 32.08 -5.63
C LEU A 251 -16.16 31.32 -5.22
N ALA A 252 -15.97 30.12 -5.79
CA ALA A 252 -14.78 29.34 -5.46
C ALA A 252 -13.52 30.05 -5.90
N VAL A 253 -13.53 30.67 -7.09
CA VAL A 253 -12.34 31.39 -7.53
C VAL A 253 -12.09 32.61 -6.65
N LYS A 254 -13.15 33.34 -6.28
CA LYS A 254 -12.97 34.50 -5.42
C LYS A 254 -12.38 34.10 -4.08
N ALA A 255 -12.95 33.06 -3.46
CA ALA A 255 -12.42 32.57 -2.19
C ALA A 255 -11.02 31.98 -2.36
N ALA A 256 -10.76 31.34 -3.49
CA ALA A 256 -9.43 30.81 -3.77
C ALA A 256 -8.40 31.92 -3.81
N VAL A 257 -8.71 32.99 -4.55
CA VAL A 257 -7.75 34.08 -4.70
C VAL A 257 -7.52 34.78 -3.37
N ALA A 258 -8.62 35.10 -2.66
CA ALA A 258 -8.47 35.75 -1.36
C ALA A 258 -7.70 34.85 -0.39
N GLY A 259 -7.97 33.56 -0.42
CA GLY A 259 -7.30 32.65 0.52
C GLY A 259 -5.81 32.50 0.27
N ARG A 260 -5.40 32.48 -0.99
CA ARG A 260 -3.97 32.36 -1.29
C ARG A 260 -3.22 33.67 -1.10
N TYR A 261 -3.78 34.80 -1.54
CA TYR A 261 -2.98 36.00 -1.69
C TYR A 261 -3.21 37.05 -0.61
N ARG A 262 -4.14 36.82 0.32
CA ARG A 262 -4.26 37.71 1.47
C ARG A 262 -2.93 37.75 2.22
N ASN A 263 -2.59 38.94 2.74
CA ASN A 263 -1.31 39.21 3.41
C ASN A 263 -0.12 38.76 2.57
N THR A 264 -0.21 39.02 1.26
CA THR A 264 0.81 38.62 0.30
C THR A 264 1.20 37.14 0.48
N GLY A 265 0.21 36.31 0.78
CA GLY A 265 0.39 34.87 0.92
C GLY A 265 0.92 34.40 2.26
N GLN A 266 1.26 35.31 3.16
CA GLN A 266 1.98 34.97 4.39
C GLN A 266 0.98 34.70 5.53
N VAL A 267 0.20 33.63 5.35
CA VAL A 267 -0.81 33.24 6.34
C VAL A 267 -0.70 31.75 6.62
N CYS A 268 -0.69 31.36 7.88
CA CYS A 268 -0.60 29.92 8.25
C CYS A 268 -1.75 29.16 7.60
N ALA A 269 -2.94 29.76 7.62
CA ALA A 269 -4.12 29.11 7.08
C ALA A 269 -4.47 29.63 5.68
N ALA A 270 -3.49 30.10 4.93
CA ALA A 270 -3.73 30.42 3.53
C ALA A 270 -4.17 29.18 2.76
N ALA A 271 -4.98 29.39 1.73
CA ALA A 271 -5.22 28.33 0.76
C ALA A 271 -3.94 28.15 -0.04
N LYS A 272 -3.27 27.01 0.11
CA LYS A 272 -1.97 26.84 -0.53
C LYS A 272 -1.92 25.76 -1.60
N ARG A 273 -2.73 24.70 -1.48
CA ARG A 273 -2.77 23.60 -2.43
C ARG A 273 -4.19 23.53 -2.99
N PHE A 274 -4.36 23.97 -4.23
CA PHE A 274 -5.67 23.89 -4.87
C PHE A 274 -5.80 22.53 -5.54
N ILE A 275 -6.87 21.83 -5.20
CA ILE A 275 -7.09 20.45 -5.61
C ILE A 275 -8.43 20.45 -6.33
N ILE A 276 -8.39 20.32 -7.66
CA ILE A 276 -9.53 20.64 -8.50
C ILE A 276 -9.92 19.38 -9.26
N GLU A 277 -11.19 19.02 -9.21
CA GLU A 277 -11.67 17.86 -9.94
C GLU A 277 -11.52 18.09 -11.44
N GLU A 278 -11.27 16.99 -12.16
CA GLU A 278 -10.79 17.08 -13.54
C GLU A 278 -11.76 17.81 -14.45
N GLY A 279 -13.06 17.60 -14.26
CA GLY A 279 -14.03 18.21 -15.15
C GLY A 279 -14.04 19.73 -15.10
N ILE A 280 -13.75 20.30 -13.93
CA ILE A 280 -13.79 21.75 -13.74
C ILE A 280 -12.39 22.36 -13.68
N ALA A 281 -11.35 21.56 -13.89
CA ALA A 281 -9.99 22.03 -13.66
C ALA A 281 -9.56 23.09 -14.67
N SER A 282 -9.90 22.90 -15.95
CA SER A 282 -9.53 23.88 -16.97
C SER A 282 -10.24 25.21 -16.71
N ALA A 283 -11.52 25.18 -16.40
CA ALA A 283 -12.24 26.42 -16.12
C ALA A 283 -11.71 27.10 -14.87
N PHE A 284 -11.46 26.33 -13.80
CA PHE A 284 -10.95 26.94 -12.57
C PHE A 284 -9.59 27.59 -12.80
N THR A 285 -8.70 26.88 -13.48
CA THR A 285 -7.33 27.35 -13.66
C THR A 285 -7.29 28.62 -14.49
N GLU A 286 -8.08 28.66 -15.57
CA GLU A 286 -8.11 29.86 -16.41
C GLU A 286 -8.62 31.06 -15.62
N ARG A 287 -9.73 30.86 -14.89
CA ARG A 287 -10.28 31.94 -14.08
C ARG A 287 -9.32 32.36 -12.98
N PHE A 288 -8.64 31.39 -12.34
CA PHE A 288 -7.76 31.71 -11.21
C PHE A 288 -6.54 32.49 -11.68
N VAL A 289 -5.90 32.06 -12.77
CA VAL A 289 -4.75 32.77 -13.31
C VAL A 289 -5.14 34.19 -13.67
N ALA A 290 -6.28 34.36 -14.35
CA ALA A 290 -6.73 35.70 -14.73
C ALA A 290 -7.00 36.56 -13.50
N ALA A 291 -7.63 35.99 -12.48
CA ALA A 291 -7.93 36.76 -11.27
C ALA A 291 -6.65 37.13 -10.51
N ALA A 292 -5.71 36.19 -10.39
CA ALA A 292 -4.46 36.50 -9.71
C ALA A 292 -3.67 37.56 -10.48
N ALA A 293 -3.69 37.50 -11.81
CA ALA A 293 -2.96 38.47 -12.62
C ALA A 293 -3.54 39.87 -12.51
N ALA A 294 -4.78 39.99 -12.05
CA ALA A 294 -5.42 41.29 -11.89
C ALA A 294 -5.08 41.96 -10.56
N LEU A 295 -4.37 41.28 -9.66
CA LEU A 295 -4.05 41.85 -8.37
C LEU A 295 -2.92 42.88 -8.49
N LYS A 296 -3.15 44.08 -7.95
CA LYS A 296 -2.14 45.13 -7.97
C LYS A 296 -1.16 44.92 -6.82
N MET A 297 0.13 45.01 -7.11
CA MET A 297 1.18 44.87 -6.12
C MET A 297 2.08 46.11 -6.16
N GLY A 298 2.47 46.57 -4.98
CA GLY A 298 3.37 47.71 -4.89
C GLY A 298 3.44 48.24 -3.47
N ASP A 299 3.86 49.49 -3.35
CA ASP A 299 3.93 50.24 -2.09
C ASP A 299 2.71 49.95 -1.23
N PRO A 300 2.88 49.31 -0.06
CA PRO A 300 1.71 48.95 0.74
C PRO A 300 1.06 50.13 1.43
N ARG A 301 1.69 51.31 1.41
CA ARG A 301 1.04 52.51 1.90
C ARG A 301 0.00 53.03 0.91
N ASP A 302 0.08 52.60 -0.34
CA ASP A 302 -0.87 52.98 -1.39
C ASP A 302 -2.02 51.97 -1.37
N GLU A 303 -3.23 52.44 -1.09
CA GLU A 303 -4.37 51.55 -0.89
C GLU A 303 -4.87 50.91 -2.18
N GLU A 304 -4.35 51.28 -3.34
CA GLU A 304 -4.75 50.55 -4.53
C GLU A 304 -4.09 49.17 -4.61
N ASN A 305 -3.09 48.90 -3.78
CA ASN A 305 -2.35 47.65 -3.92
C ASN A 305 -2.97 46.57 -3.05
N ALA A 306 -3.27 45.42 -3.68
CA ALA A 306 -3.79 44.27 -2.94
C ALA A 306 -2.67 43.44 -2.30
N LEU A 307 -1.45 43.57 -2.79
CA LEU A 307 -0.28 42.86 -2.28
C LEU A 307 0.83 43.86 -2.06
N GLY A 308 1.67 43.56 -1.07
CA GLY A 308 2.85 44.34 -0.82
C GLY A 308 4.08 43.52 -1.13
N PRO A 309 5.25 43.98 -0.69
CA PRO A 309 6.44 43.13 -0.72
C PRO A 309 6.33 42.06 0.34
N MET A 310 7.09 40.99 0.17
CA MET A 310 7.18 40.00 1.24
C MET A 310 7.97 40.59 2.41
N ALA A 311 7.75 40.03 3.60
CA ALA A 311 8.29 40.65 4.80
C ALA A 311 9.81 40.55 4.87
N ARG A 312 10.39 39.43 4.47
CA ARG A 312 11.80 39.15 4.71
C ARG A 312 12.51 38.82 3.43
N PHE A 313 13.65 39.47 3.18
CA PHE A 313 14.40 39.25 1.95
C PHE A 313 14.86 37.80 1.82
N ASP A 314 15.34 37.22 2.93
CA ASP A 314 15.79 35.84 2.88
C ASP A 314 14.63 34.89 2.62
N LEU A 315 13.42 35.26 3.05
CA LEU A 315 12.28 34.38 2.82
C LEU A 315 11.75 34.50 1.40
N ARG A 316 11.88 35.66 0.76
CA ARG A 316 11.62 35.70 -0.67
C ARG A 316 12.60 34.79 -1.42
N ASP A 317 13.88 34.83 -1.04
CA ASP A 317 14.86 33.92 -1.65
C ASP A 317 14.46 32.46 -1.47
N GLU A 318 14.00 32.12 -0.27
CA GLU A 318 13.60 30.72 0.00
C GLU A 318 12.39 30.36 -0.86
N LEU A 319 11.40 31.25 -0.91
CA LEU A 319 10.21 30.96 -1.71
C LEU A 319 10.58 30.78 -3.18
N HIS A 320 11.41 31.66 -3.74
CA HIS A 320 11.79 31.51 -5.14
C HIS A 320 12.56 30.23 -5.37
N HIS A 321 13.39 29.82 -4.41
CA HIS A 321 14.09 28.55 -4.50
C HIS A 321 13.11 27.38 -4.53
N GLN A 322 12.05 27.44 -3.71
CA GLN A 322 11.02 26.41 -3.76
C GLN A 322 10.31 26.42 -5.11
N VAL A 323 10.09 27.61 -5.68
CA VAL A 323 9.48 27.70 -7.00
C VAL A 323 10.38 27.05 -8.04
N GLU A 324 11.67 27.40 -8.03
CA GLU A 324 12.59 26.86 -9.03
C GLU A 324 12.71 25.34 -8.92
N LYS A 325 12.77 24.82 -7.69
CA LYS A 325 12.82 23.38 -7.52
C LYS A 325 11.55 22.72 -8.07
N THR A 326 10.38 23.32 -7.79
CA THR A 326 9.13 22.76 -8.28
C THR A 326 9.09 22.77 -9.81
N LEU A 327 9.52 23.86 -10.43
CA LEU A 327 9.60 23.87 -11.89
C LEU A 327 10.57 22.81 -12.40
N ALA A 328 11.72 22.67 -11.74
CA ALA A 328 12.70 21.68 -12.17
C ALA A 328 12.16 20.26 -12.06
N GLN A 329 11.23 20.02 -11.12
CA GLN A 329 10.61 18.71 -10.92
C GLN A 329 9.47 18.43 -11.90
N GLY A 330 9.05 19.41 -12.69
CA GLY A 330 8.04 19.14 -13.70
C GLY A 330 6.78 20.00 -13.72
N ALA A 331 6.64 20.93 -12.78
CA ALA A 331 5.47 21.80 -12.79
C ALA A 331 5.56 22.80 -13.95
N ARG A 332 4.41 23.38 -14.28
CA ARG A 332 4.32 24.39 -15.33
C ARG A 332 4.07 25.76 -14.71
N LEU A 333 4.85 26.76 -15.13
CA LEU A 333 4.70 28.13 -14.63
C LEU A 333 3.65 28.85 -15.47
N LEU A 334 2.53 29.21 -14.84
CA LEU A 334 1.46 29.92 -15.53
C LEU A 334 1.46 31.43 -15.27
N LEU A 335 2.09 31.89 -14.19
CA LEU A 335 2.06 33.31 -13.85
C LEU A 335 3.19 33.59 -12.87
N GLY A 336 3.86 34.73 -13.07
CA GLY A 336 4.85 35.21 -12.10
C GLY A 336 6.11 34.34 -12.12
N GLY A 337 6.58 33.98 -10.94
CA GLY A 337 7.71 33.07 -10.82
C GLY A 337 9.10 33.66 -10.94
N GLU A 338 9.27 34.95 -10.67
CA GLU A 338 10.59 35.56 -10.70
C GLU A 338 10.67 36.64 -9.64
N LYS A 339 11.82 36.75 -8.99
CA LYS A 339 12.04 37.86 -8.07
C LYS A 339 12.07 39.17 -8.83
N MET A 340 11.35 40.17 -8.35
CA MET A 340 11.42 41.48 -8.97
C MET A 340 12.76 42.14 -8.63
N ALA A 341 13.36 42.77 -9.64
CA ALA A 341 14.54 43.59 -9.42
C ALA A 341 14.17 44.83 -8.61
N GLY A 342 15.18 45.41 -7.96
CA GLY A 342 15.00 46.65 -7.24
C GLY A 342 15.22 46.48 -5.75
N ALA A 343 15.12 47.60 -5.04
CA ALA A 343 15.37 47.61 -3.60
C ALA A 343 14.25 46.97 -2.79
N GLY A 344 13.06 46.84 -3.35
CA GLY A 344 11.95 46.27 -2.62
C GLY A 344 11.92 44.75 -2.71
N ASN A 345 11.31 44.13 -1.69
CA ASN A 345 11.28 42.68 -1.56
C ASN A 345 10.03 42.09 -2.22
N TYR A 346 9.84 42.40 -3.51
CA TYR A 346 8.61 42.07 -4.21
C TYR A 346 8.71 40.72 -4.91
N TYR A 347 7.67 39.91 -4.76
CA TYR A 347 7.50 38.66 -5.51
C TYR A 347 6.10 38.69 -6.08
N PRO A 348 5.94 38.55 -7.39
CA PRO A 348 4.64 38.74 -8.03
C PRO A 348 3.71 37.57 -7.73
N PRO A 349 2.40 37.79 -7.83
CA PRO A 349 1.47 36.65 -7.79
C PRO A 349 1.88 35.59 -8.78
N THR A 350 1.93 34.35 -8.29
CA THR A 350 2.53 33.25 -9.03
C THR A 350 1.61 32.04 -8.98
N VAL A 351 1.52 31.32 -10.10
CA VAL A 351 0.67 30.14 -10.22
C VAL A 351 1.50 29.03 -10.82
N LEU A 352 1.58 27.90 -10.12
CA LEU A 352 2.22 26.69 -10.61
C LEU A 352 1.15 25.67 -10.88
N ALA A 353 1.19 25.05 -12.06
CA ALA A 353 0.21 24.03 -12.43
C ALA A 353 0.92 22.71 -12.66
N ASN A 354 0.12 21.66 -12.84
CA ASN A 354 0.64 20.29 -12.94
C ASN A 354 1.53 19.95 -11.73
N VAL A 355 1.11 20.40 -10.56
CA VAL A 355 1.84 20.09 -9.33
C VAL A 355 1.41 18.70 -8.85
N THR A 356 2.36 17.83 -8.63
CA THR A 356 2.09 16.48 -8.13
C THR A 356 2.50 16.36 -6.68
N PRO A 357 2.02 15.33 -5.96
CA PRO A 357 2.32 15.25 -4.52
C PRO A 357 3.79 15.08 -4.18
N GLU A 358 4.63 14.75 -5.15
CA GLU A 358 6.05 14.60 -4.91
C GLU A 358 6.81 15.91 -4.99
N MET A 359 6.17 16.99 -5.42
CA MET A 359 6.89 18.22 -5.70
C MET A 359 7.00 19.12 -4.47
N THR A 360 8.02 19.97 -4.50
CA THR A 360 8.32 20.84 -3.36
C THR A 360 7.14 21.72 -2.99
N ALA A 361 6.44 22.30 -3.99
CA ALA A 361 5.32 23.18 -3.69
C ALA A 361 4.11 22.45 -3.13
N PHE A 362 4.07 21.12 -3.25
CA PHE A 362 3.00 20.33 -2.64
C PHE A 362 3.36 19.86 -1.25
N ARG A 363 4.65 19.65 -0.97
CA ARG A 363 5.07 19.07 0.30
C ARG A 363 5.54 20.09 1.32
N GLU A 364 5.94 21.29 0.90
CA GLU A 364 6.41 22.29 1.84
C GLU A 364 5.42 23.44 1.92
N GLU A 365 5.46 24.16 3.05
CA GLU A 365 4.66 25.38 3.17
C GLU A 365 5.21 26.44 2.23
N MET A 366 4.35 26.96 1.36
CA MET A 366 4.74 28.01 0.40
C MET A 366 4.25 29.32 0.99
N PHE A 367 5.12 30.00 1.75
CA PHE A 367 4.69 31.12 2.58
C PHE A 367 4.86 32.45 1.84
N GLY A 368 4.16 32.55 0.73
CA GLY A 368 4.22 33.72 -0.13
C GLY A 368 3.20 33.56 -1.23
N PRO A 369 3.19 34.47 -2.21
CA PRO A 369 2.08 34.50 -3.20
C PRO A 369 2.30 33.50 -4.34
N VAL A 370 2.32 32.22 -3.99
CA VAL A 370 2.54 31.15 -4.97
C VAL A 370 1.44 30.11 -4.81
N ALA A 371 0.53 30.05 -5.78
CA ALA A 371 -0.51 29.04 -5.77
C ALA A 371 -0.01 27.76 -6.45
N ALA A 372 -0.35 26.62 -5.87
CA ALA A 372 -0.10 25.31 -6.49
C ALA A 372 -1.43 24.69 -6.87
N ILE A 373 -1.52 24.17 -8.10
CA ILE A 373 -2.77 23.61 -8.60
C ILE A 373 -2.53 22.16 -9.00
N THR A 374 -3.32 21.26 -8.40
CA THR A 374 -3.24 19.82 -8.61
C THR A 374 -4.59 19.32 -9.10
N ILE A 375 -4.57 18.40 -10.07
CA ILE A 375 -5.80 17.84 -10.64
C ILE A 375 -6.18 16.58 -9.90
N ALA A 376 -7.45 16.48 -9.51
CA ALA A 376 -7.98 15.28 -8.88
C ALA A 376 -8.94 14.58 -9.82
N LYS A 377 -8.88 13.24 -9.87
CA LYS A 377 -9.75 12.48 -10.77
C LYS A 377 -11.20 12.55 -10.32
N ASP A 378 -11.43 12.54 -9.01
CA ASP A 378 -12.77 12.54 -8.44
C ASP A 378 -12.67 13.08 -7.02
N ALA A 379 -13.79 13.04 -6.28
CA ALA A 379 -13.80 13.61 -4.93
C ALA A 379 -12.99 12.76 -3.95
N GLU A 380 -12.94 11.45 -4.14
CA GLU A 380 -12.16 10.58 -3.22
C GLU A 380 -10.68 10.88 -3.43
N HIS A 381 -10.24 10.94 -4.67
CA HIS A 381 -8.87 11.35 -4.94
C HIS A 381 -8.58 12.73 -4.36
N ALA A 382 -9.56 13.63 -4.43
CA ALA A 382 -9.36 14.99 -3.90
C ALA A 382 -9.09 14.96 -2.40
N LEU A 383 -9.88 14.17 -1.66
CA LEU A 383 -9.67 14.01 -0.23
C LEU A 383 -8.32 13.39 0.09
N GLU A 384 -7.91 12.39 -0.69
CA GLU A 384 -6.60 11.75 -0.45
C GLU A 384 -5.48 12.75 -0.70
N LEU A 385 -5.59 13.50 -1.80
CA LEU A 385 -4.60 14.54 -2.05
C LEU A 385 -4.58 15.56 -0.92
N ALA A 386 -5.75 15.98 -0.46
CA ALA A 386 -5.82 16.98 0.60
C ALA A 386 -5.15 16.48 1.87
N ASN A 387 -5.32 15.20 2.20
CA ASN A 387 -4.73 14.68 3.43
C ASN A 387 -3.27 14.26 3.26
N ASP A 388 -2.75 14.26 2.03
CA ASP A 388 -1.36 13.86 1.77
C ASP A 388 -0.43 15.04 2.03
N SER A 389 -0.26 15.33 3.33
CA SER A 389 0.47 16.50 3.78
C SER A 389 1.02 16.22 5.18
N GLU A 390 2.21 16.74 5.47
CA GLU A 390 2.69 16.74 6.84
C GLU A 390 1.99 17.79 7.70
N PHE A 391 1.23 18.69 7.08
CA PHE A 391 0.52 19.75 7.78
C PHE A 391 -0.95 19.36 7.94
N GLY A 392 -1.66 20.16 8.73
CA GLY A 392 -3.07 19.92 8.96
C GLY A 392 -3.75 21.03 9.73
N LEU A 393 -3.68 22.25 9.20
CA LEU A 393 -4.24 23.37 9.94
C LEU A 393 -5.73 23.58 9.59
N SER A 394 -6.02 23.78 8.31
CA SER A 394 -7.36 24.16 7.90
C SER A 394 -7.56 23.66 6.47
N ALA A 395 -8.79 23.73 5.98
CA ALA A 395 -9.10 23.26 4.62
C ALA A 395 -10.39 23.90 4.15
N THR A 396 -10.57 23.91 2.82
CA THR A 396 -11.77 24.45 2.20
C THR A 396 -12.33 23.43 1.22
N ILE A 397 -13.66 23.28 1.20
CA ILE A 397 -14.34 22.43 0.22
C ILE A 397 -15.39 23.25 -0.48
N PHE A 398 -15.31 23.33 -1.81
CA PHE A 398 -16.35 23.94 -2.64
C PHE A 398 -17.08 22.84 -3.40
N THR A 399 -18.36 22.67 -3.06
CA THR A 399 -19.26 21.74 -3.73
C THR A 399 -20.68 22.07 -3.33
N THR A 400 -21.62 21.97 -4.27
CA THR A 400 -23.02 22.16 -3.94
C THR A 400 -23.65 20.92 -3.31
N ASP A 401 -22.95 19.79 -3.31
CA ASP A 401 -23.42 18.57 -2.63
C ASP A 401 -23.09 18.72 -1.16
N GLU A 402 -24.03 19.31 -0.40
CA GLU A 402 -23.77 19.64 0.99
C GLU A 402 -23.49 18.40 1.83
N THR A 403 -24.03 17.24 1.44
CA THR A 403 -23.80 16.01 2.19
C THR A 403 -22.41 15.47 1.92
N GLN A 404 -21.96 15.53 0.67
CA GLN A 404 -20.57 15.18 0.36
C GLN A 404 -19.61 16.07 1.12
N ALA A 405 -19.90 17.36 1.21
CA ALA A 405 -19.05 18.28 1.95
C ALA A 405 -18.91 17.84 3.40
N ARG A 406 -20.03 17.48 4.01
CA ARG A 406 -20.03 17.11 5.45
C ARG A 406 -19.20 15.83 5.65
N GLN A 407 -19.34 14.87 4.76
CA GLN A 407 -18.59 13.62 4.89
C GLN A 407 -17.09 13.85 4.68
N MET A 408 -16.73 14.69 3.71
CA MET A 408 -15.32 14.98 3.50
C MET A 408 -14.73 15.74 4.70
N ALA A 409 -15.51 16.64 5.29
CA ALA A 409 -15.04 17.38 6.46
C ALA A 409 -14.72 16.42 7.61
N ALA A 410 -15.57 15.42 7.82
CA ALA A 410 -15.31 14.45 8.87
C ALA A 410 -14.08 13.59 8.58
N ARG A 411 -13.56 13.63 7.36
CA ARG A 411 -12.37 12.80 7.00
C ARG A 411 -11.14 13.67 6.71
N LEU A 412 -11.29 14.99 6.77
CA LEU A 412 -10.14 15.86 6.56
C LEU A 412 -9.31 15.94 7.83
N GLU A 413 -8.00 15.72 7.70
CA GLU A 413 -7.09 15.72 8.83
C GLU A 413 -6.57 17.13 9.11
N CYS A 414 -7.48 17.96 9.65
CA CYS A 414 -7.12 19.35 9.97
C CYS A 414 -8.11 19.89 10.99
N GLY A 415 -7.75 21.04 11.58
CA GLY A 415 -8.52 21.61 12.66
C GLY A 415 -9.65 22.53 12.27
N GLY A 416 -9.73 22.90 10.99
CA GLY A 416 -10.82 23.74 10.52
C GLY A 416 -11.20 23.38 9.11
N VAL A 417 -12.50 23.36 8.81
CA VAL A 417 -12.99 23.04 7.47
C VAL A 417 -14.06 24.04 7.11
N PHE A 418 -13.83 24.78 6.03
CA PHE A 418 -14.77 25.79 5.55
C PHE A 418 -15.43 25.25 4.29
N ILE A 419 -16.76 25.19 4.32
CA ILE A 419 -17.54 24.66 3.21
C ILE A 419 -18.13 25.85 2.47
N ASN A 420 -17.73 26.02 1.21
CA ASN A 420 -18.26 27.06 0.34
C ASN A 420 -18.12 28.45 0.97
N GLY A 421 -16.92 28.74 1.49
CA GLY A 421 -16.71 30.02 2.12
C GLY A 421 -15.23 30.34 2.29
N TYR A 422 -14.98 31.46 2.99
CA TYR A 422 -13.65 32.02 3.16
C TYR A 422 -13.08 31.59 4.51
N CYS A 423 -12.00 30.82 4.49
CA CYS A 423 -11.32 30.44 5.72
C CYS A 423 -10.79 31.66 6.47
N ALA A 424 -10.99 31.69 7.78
CA ALA A 424 -10.52 32.80 8.62
C ALA A 424 -10.48 32.32 10.07
N SER A 425 -9.73 33.05 10.89
CA SER A 425 -9.85 32.87 12.33
C SER A 425 -10.95 33.80 12.86
N ASP A 426 -11.60 33.38 13.92
CA ASP A 426 -12.74 34.10 14.47
C ASP A 426 -12.85 33.75 15.95
N ALA A 427 -13.03 34.77 16.80
CA ALA A 427 -13.12 34.52 18.23
C ALA A 427 -14.14 33.46 18.59
N ARG A 428 -15.18 33.31 17.77
CA ARG A 428 -16.28 32.43 18.13
C ARG A 428 -16.00 30.95 17.89
N VAL A 429 -14.92 30.59 17.20
CA VAL A 429 -14.66 29.18 16.87
C VAL A 429 -13.23 28.81 17.19
N ALA A 430 -12.98 27.50 17.25
CA ALA A 430 -11.64 26.99 17.55
C ALA A 430 -10.67 27.24 16.40
N PHE A 431 -9.40 27.43 16.77
CA PHE A 431 -8.33 27.59 15.78
C PHE A 431 -7.13 26.75 16.18
N GLY A 432 -6.52 26.08 15.20
CA GLY A 432 -5.37 25.23 15.47
C GLY A 432 -5.51 23.89 14.76
N GLY A 433 -4.41 23.19 14.54
CA GLY A 433 -4.45 22.04 13.68
C GLY A 433 -3.89 20.78 14.30
N VAL A 434 -3.42 19.89 13.41
CA VAL A 434 -2.91 18.59 13.74
C VAL A 434 -1.63 18.37 12.94
N LYS A 435 -1.01 17.21 13.16
CA LYS A 435 0.22 16.81 12.45
C LYS A 435 1.28 17.89 12.69
N LYS A 436 2.07 18.24 11.68
CA LYS A 436 3.15 19.21 11.91
C LYS A 436 2.63 20.63 12.04
N SER A 437 1.34 20.86 11.87
CA SER A 437 0.78 22.17 12.23
C SER A 437 0.67 22.34 13.74
N GLY A 438 0.87 21.26 14.51
CA GLY A 438 0.94 21.42 15.95
C GLY A 438 -0.22 20.81 16.71
N PHE A 439 -0.59 21.43 17.83
CA PHE A 439 -1.59 20.91 18.74
C PHE A 439 -1.96 22.03 19.71
N GLY A 440 -3.04 21.82 20.43
CA GLY A 440 -3.63 22.87 21.23
C GLY A 440 -4.52 23.74 20.38
N ARG A 441 -5.45 24.42 21.04
CA ARG A 441 -6.48 25.18 20.36
C ARG A 441 -6.56 26.59 20.91
N GLU A 442 -6.83 27.53 20.02
CA GLU A 442 -6.96 28.94 20.41
C GLU A 442 -8.38 29.42 20.12
N LEU A 443 -8.71 30.56 20.73
CA LEU A 443 -9.97 31.27 20.57
C LEU A 443 -11.15 30.50 21.19
N SER A 444 -12.34 31.09 21.16
CA SER A 444 -13.54 30.61 21.85
C SER A 444 -13.19 30.29 23.31
N HIS A 445 -13.81 29.26 23.89
CA HIS A 445 -13.43 28.86 25.24
C HIS A 445 -12.11 28.07 25.26
N PHE A 446 -11.69 27.56 24.11
CA PHE A 446 -10.45 26.78 24.07
C PHE A 446 -9.25 27.64 24.45
N GLY A 447 -9.15 28.84 23.86
CA GLY A 447 -8.04 29.72 24.18
C GLY A 447 -8.01 30.15 25.65
N LEU A 448 -9.18 30.21 26.27
CA LEU A 448 -9.24 30.55 27.70
C LEU A 448 -8.77 29.40 28.57
N HIS A 449 -9.10 28.17 28.19
CA HIS A 449 -8.87 27.03 29.08
C HIS A 449 -7.52 26.34 28.87
N GLU A 450 -6.86 26.52 27.72
CA GLU A 450 -5.60 25.83 27.48
C GLU A 450 -4.58 26.14 28.56
N PHE A 451 -4.59 27.35 29.10
CA PHE A 451 -3.62 27.73 30.12
C PHE A 451 -4.28 27.99 31.47
N CYS A 452 -5.28 27.16 31.78
CA CYS A 452 -5.84 27.09 33.12
C CYS A 452 -5.38 25.82 33.84
N ASN A 453 -5.25 25.96 35.16
CA ASN A 453 -5.22 24.81 36.06
C ASN A 453 -6.66 24.37 36.24
N ILE A 454 -7.04 23.29 35.56
CA ILE A 454 -8.38 22.74 35.69
C ILE A 454 -8.42 21.95 37.00
N GLN A 455 -9.14 22.47 37.99
CA GLN A 455 -8.97 22.02 39.37
C GLN A 455 -10.26 21.42 39.91
N THR A 456 -10.18 20.16 40.35
CA THR A 456 -11.28 19.54 41.05
C THR A 456 -11.26 20.01 42.50
N VAL A 457 -12.40 20.47 42.99
CA VAL A 457 -12.57 20.80 44.41
C VAL A 457 -13.75 19.99 44.91
N TRP A 458 -13.50 19.14 45.90
CA TRP A 458 -14.45 18.10 46.29
C TRP A 458 -14.56 18.15 47.80
N LYS A 459 -15.76 18.47 48.30
CA LYS A 459 -16.03 18.64 49.72
C LYS A 459 -16.69 17.37 50.27
N ASP A 460 -16.28 16.97 51.48
CA ASP A 460 -16.94 15.90 52.24
C ASP A 460 -17.01 14.59 51.46
N ARG A 461 -15.90 14.19 50.84
CA ARG A 461 -15.85 12.86 50.18
C ARG A 461 -15.59 11.82 51.28
N ILE A 462 -16.66 11.41 51.95
CA ILE A 462 -16.51 10.48 53.11
C ILE A 462 -17.63 9.43 53.03
N ILE B 3 19.83 -13.88 31.61
CA ILE B 3 18.68 -12.99 31.62
C ILE B 3 18.95 -11.79 32.51
N THR B 4 19.24 -10.65 31.88
CA THR B 4 19.54 -9.41 32.59
C THR B 4 18.51 -8.35 32.23
N PRO B 5 18.25 -7.40 33.14
CA PRO B 5 17.27 -6.34 32.84
C PRO B 5 17.70 -5.40 31.73
N ALA B 6 18.85 -5.68 31.12
CA ALA B 6 19.29 -4.95 29.94
C ALA B 6 18.79 -5.60 28.66
N THR B 7 18.36 -6.86 28.72
CA THR B 7 17.80 -7.56 27.57
C THR B 7 16.35 -7.96 27.75
N HIS B 8 15.84 -8.01 28.98
CA HIS B 8 14.52 -8.57 29.22
C HIS B 8 13.73 -7.71 30.19
N ALA B 9 12.40 -7.72 30.01
CA ALA B 9 11.48 -7.35 31.06
C ALA B 9 11.37 -8.53 32.02
N ILE B 10 11.43 -8.25 33.32
CA ILE B 10 11.52 -9.27 34.36
C ILE B 10 10.42 -9.02 35.39
N SER B 11 9.61 -10.04 35.67
CA SER B 11 8.65 -10.03 36.75
C SER B 11 9.16 -10.86 37.92
N ILE B 12 9.13 -10.26 39.11
CA ILE B 12 9.53 -10.92 40.34
C ILE B 12 8.44 -10.67 41.38
N ASN B 13 8.05 -11.70 42.10
CA ASN B 13 7.08 -11.55 43.16
C ASN B 13 7.73 -10.83 44.33
N PRO B 14 7.32 -9.60 44.66
CA PRO B 14 8.00 -8.87 45.74
C PRO B 14 7.80 -9.48 47.11
N ALA B 15 6.78 -10.31 47.29
CA ALA B 15 6.56 -10.97 48.58
C ALA B 15 7.48 -12.15 48.82
N THR B 16 8.01 -12.76 47.76
CA THR B 16 8.82 -13.97 47.89
C THR B 16 10.17 -13.88 47.22
N GLY B 17 10.37 -12.99 46.26
CA GLY B 17 11.63 -12.90 45.56
C GLY B 17 11.77 -13.80 44.36
N GLU B 18 10.76 -14.61 44.05
CA GLU B 18 10.91 -15.56 42.97
C GLU B 18 10.61 -14.92 41.62
N GLN B 19 11.39 -15.31 40.61
CA GLN B 19 11.23 -14.80 39.25
C GLN B 19 10.01 -15.43 38.62
N LEU B 20 9.08 -14.59 38.19
CA LEU B 20 7.82 -15.06 37.63
C LEU B 20 7.89 -15.25 36.12
N SER B 21 8.61 -14.38 35.42
CA SER B 21 8.56 -14.40 33.96
C SER B 21 9.64 -13.47 33.42
N VAL B 22 10.03 -13.72 32.17
CA VAL B 22 10.96 -12.87 31.46
C VAL B 22 10.44 -12.66 30.05
N LEU B 23 10.70 -11.47 29.50
CA LEU B 23 10.23 -11.16 28.16
C LEU B 23 11.24 -10.27 27.46
N PRO B 24 11.81 -10.71 26.33
CA PRO B 24 12.81 -9.89 25.65
C PRO B 24 12.18 -8.63 25.09
N TRP B 25 13.01 -7.59 24.95
CA TRP B 25 12.54 -6.34 24.37
C TRP B 25 12.07 -6.59 22.94
N ALA B 26 11.04 -5.83 22.53
CA ALA B 26 10.59 -5.85 21.15
C ALA B 26 11.71 -5.47 20.19
N GLY B 27 11.83 -6.23 19.10
CA GLY B 27 12.79 -5.91 18.06
C GLY B 27 12.23 -4.92 17.06
N ALA B 28 13.09 -4.54 16.11
CA ALA B 28 12.70 -3.57 15.09
C ALA B 28 11.49 -4.04 14.29
N ASP B 29 11.42 -5.35 14.05
CA ASP B 29 10.29 -5.93 13.29
C ASP B 29 9.01 -5.86 14.14
N ASP B 30 9.14 -6.24 15.40
CA ASP B 30 8.00 -6.18 16.32
C ASP B 30 7.43 -4.77 16.40
N ILE B 31 8.31 -3.78 16.51
CA ILE B 31 7.85 -2.39 16.58
C ILE B 31 7.15 -1.99 15.28
N GLU B 32 7.77 -2.30 14.14
CA GLU B 32 7.16 -1.96 12.86
C GLU B 32 5.81 -2.65 12.68
N ASN B 33 5.73 -3.95 13.02
CA ASN B 33 4.47 -4.67 12.89
C ASN B 33 3.38 -4.02 13.74
N ALA B 34 3.71 -3.63 14.96
CA ALA B 34 2.71 -3.03 15.84
C ALA B 34 2.26 -1.68 15.32
N LEU B 35 3.18 -0.87 14.79
CA LEU B 35 2.79 0.43 14.23
C LEU B 35 1.91 0.27 12.99
N GLN B 36 2.23 -0.71 12.13
CA GLN B 36 1.40 -0.95 10.96
C GLN B 36 -0.02 -1.33 11.35
N LEU B 37 -0.15 -2.21 12.35
CA LEU B 37 -1.48 -2.64 12.76
C LEU B 37 -2.23 -1.53 13.50
N ALA B 38 -1.50 -0.70 14.25
CA ALA B 38 -2.13 0.47 14.88
C ALA B 38 -2.69 1.41 13.83
N ALA B 39 -1.92 1.67 12.78
CA ALA B 39 -2.39 2.56 11.72
C ALA B 39 -3.59 1.98 11.01
N ALA B 40 -3.56 0.67 10.71
CA ALA B 40 -4.69 0.06 10.02
C ALA B 40 -5.92 0.01 10.93
N GLY B 41 -5.71 -0.29 12.21
CA GLY B 41 -6.82 -0.36 13.14
C GLY B 41 -7.48 0.99 13.35
N PHE B 42 -6.68 2.04 13.54
CA PHE B 42 -7.24 3.39 13.66
C PHE B 42 -8.02 3.78 12.42
N ARG B 43 -7.48 3.51 11.24
CA ARG B 43 -8.15 3.85 9.99
C ARG B 43 -9.58 3.32 9.95
N ASP B 44 -9.79 2.09 10.41
CA ASP B 44 -11.12 1.50 10.39
C ASP B 44 -11.93 1.89 11.63
N TRP B 45 -11.28 2.02 12.78
CA TRP B 45 -11.99 2.32 14.02
C TRP B 45 -12.58 3.72 13.99
N ARG B 46 -11.88 4.68 13.39
CA ARG B 46 -12.34 6.10 13.37
C ARG B 46 -13.65 6.23 12.58
N GLU B 47 -13.93 5.28 11.70
CA GLU B 47 -15.14 5.31 10.89
C GLU B 47 -16.34 4.69 11.60
N THR B 48 -16.16 4.11 12.79
CA THR B 48 -17.28 3.46 13.47
C THR B 48 -18.18 4.51 14.12
N ASN B 49 -19.43 4.10 14.32
CA ASN B 49 -20.43 4.97 14.99
C ASN B 49 -20.12 5.00 16.49
N ILE B 50 -20.43 6.13 17.11
CA ILE B 50 -20.10 6.31 18.53
C ILE B 50 -20.86 5.33 19.40
N ASP B 51 -22.11 5.05 19.04
CA ASP B 51 -22.90 4.13 19.86
C ASP B 51 -22.37 2.71 19.77
N TYR B 52 -21.81 2.32 18.62
CA TYR B 52 -21.16 1.02 18.53
C TYR B 52 -19.92 0.94 19.43
N ARG B 53 -19.11 2.00 19.44
CA ARG B 53 -17.95 2.03 20.32
C ARG B 53 -18.36 1.99 21.78
N ALA B 54 -19.45 2.67 22.13
CA ALA B 54 -19.96 2.62 23.49
C ALA B 54 -20.34 1.19 23.86
N GLU B 55 -20.98 0.46 22.95
CA GLU B 55 -21.30 -0.94 23.20
C GLU B 55 -20.02 -1.76 23.39
N LYS B 56 -18.98 -1.48 22.61
CA LYS B 56 -17.74 -2.22 22.77
C LYS B 56 -17.09 -1.93 24.12
N LEU B 57 -17.23 -0.71 24.63
CA LEU B 57 -16.74 -0.43 26.00
C LEU B 57 -17.43 -1.33 27.02
N ARG B 58 -18.75 -1.48 26.90
CA ARG B 58 -19.45 -2.39 27.80
C ARG B 58 -18.96 -3.83 27.64
N ASP B 59 -18.60 -4.22 26.41
CA ASP B 59 -18.04 -5.56 26.21
C ASP B 59 -16.69 -5.71 26.91
N ILE B 60 -15.87 -4.66 26.87
CA ILE B 60 -14.63 -4.67 27.65
C ILE B 60 -14.93 -4.85 29.13
N GLY B 61 -15.94 -4.12 29.62
CA GLY B 61 -16.31 -4.26 31.03
C GLY B 61 -16.74 -5.67 31.40
N LYS B 62 -17.51 -6.31 30.52
CA LYS B 62 -17.92 -7.69 30.78
C LYS B 62 -16.73 -8.64 30.75
N ALA B 63 -15.86 -8.49 29.76
CA ALA B 63 -14.71 -9.39 29.65
C ALA B 63 -13.75 -9.20 30.81
N LEU B 64 -13.68 -7.99 31.36
CA LEU B 64 -12.83 -7.75 32.51
C LEU B 64 -13.41 -8.40 33.76
N ARG B 65 -14.71 -8.24 34.00
CA ARG B 65 -15.33 -8.86 35.16
C ARG B 65 -15.25 -10.38 35.07
N ALA B 66 -15.37 -10.93 33.86
CA ALA B 66 -15.28 -12.38 33.69
C ALA B 66 -13.93 -12.91 34.13
N ARG B 67 -12.87 -12.11 34.02
CA ARG B 67 -11.53 -12.50 34.44
C ARG B 67 -11.09 -11.78 35.71
N SER B 68 -12.05 -11.36 36.55
CA SER B 68 -11.75 -10.44 37.64
C SER B 68 -10.76 -11.04 38.63
N GLU B 69 -10.99 -12.28 39.08
CA GLU B 69 -10.09 -12.83 40.08
C GLU B 69 -8.72 -13.15 39.49
N GLU B 70 -8.68 -13.64 38.24
CA GLU B 70 -7.41 -13.89 37.59
C GLU B 70 -6.60 -12.60 37.49
N MET B 71 -7.25 -11.49 37.13
CA MET B 71 -6.56 -10.21 37.00
C MET B 71 -6.08 -9.72 38.38
N ALA B 72 -6.95 -9.75 39.38
CA ALA B 72 -6.54 -9.32 40.72
C ALA B 72 -5.34 -10.10 41.21
N GLN B 73 -5.36 -11.44 41.04
CA GLN B 73 -4.23 -12.24 41.52
C GLN B 73 -2.96 -11.91 40.74
N MET B 74 -3.08 -11.60 39.43
CA MET B 74 -1.88 -11.23 38.68
C MET B 74 -1.31 -9.90 39.18
N ILE B 75 -2.19 -8.94 39.47
CA ILE B 75 -1.73 -7.67 40.03
C ILE B 75 -0.99 -7.90 41.36
N THR B 76 -1.64 -8.61 42.28
CA THR B 76 -1.02 -8.89 43.57
C THR B 76 0.31 -9.62 43.40
N ARG B 77 0.34 -10.61 42.52
CA ARG B 77 1.54 -11.44 42.38
C ARG B 77 2.72 -10.64 41.84
N GLU B 78 2.49 -9.78 40.83
CA GLU B 78 3.60 -9.09 40.21
C GLU B 78 4.07 -7.86 41.00
N MET B 79 3.20 -7.19 41.74
CA MET B 79 3.67 -5.98 42.40
C MET B 79 3.24 -5.84 43.85
N GLY B 80 2.64 -6.85 44.47
CA GLY B 80 2.53 -6.91 45.93
C GLY B 80 1.31 -6.28 46.55
N LYS B 81 0.38 -5.79 45.75
CA LYS B 81 -0.78 -5.09 46.26
C LYS B 81 -1.69 -6.04 47.03
N PRO B 82 -2.15 -5.65 48.22
CA PRO B 82 -3.15 -6.45 48.94
C PRO B 82 -4.30 -6.86 48.02
N ILE B 83 -4.69 -8.14 48.11
CA ILE B 83 -5.56 -8.75 47.12
C ILE B 83 -6.89 -8.03 47.04
N ASN B 84 -7.40 -7.55 48.18
CA ASN B 84 -8.68 -6.85 48.11
C ASN B 84 -8.54 -5.48 47.47
N GLN B 85 -7.35 -4.88 47.54
CA GLN B 85 -7.15 -3.65 46.79
C GLN B 85 -7.02 -3.94 45.30
N ALA B 86 -6.39 -5.05 44.94
CA ALA B 86 -6.33 -5.45 43.54
C ALA B 86 -7.73 -5.77 43.01
N ARG B 87 -8.56 -6.43 43.82
CA ARG B 87 -9.94 -6.70 43.40
C ARG B 87 -10.70 -5.39 43.23
N ALA B 88 -10.48 -4.43 44.13
CA ALA B 88 -11.13 -3.13 43.99
C ALA B 88 -10.68 -2.44 42.71
N GLU B 89 -9.39 -2.55 42.37
CA GLU B 89 -8.88 -1.95 41.13
C GLU B 89 -9.58 -2.53 39.90
N VAL B 90 -9.82 -3.82 39.90
CA VAL B 90 -10.53 -4.45 38.79
C VAL B 90 -11.95 -3.92 38.71
N ALA B 91 -12.64 -3.86 39.85
CA ALA B 91 -14.03 -3.40 39.86
C ALA B 91 -14.13 -1.94 39.42
N LYS B 92 -13.22 -1.10 39.90
CA LYS B 92 -13.20 0.29 39.48
C LYS B 92 -12.96 0.42 37.98
N SER B 93 -12.05 -0.41 37.44
CA SER B 93 -11.71 -0.32 36.02
C SER B 93 -12.86 -0.80 35.14
N ALA B 94 -13.57 -1.86 35.56
CA ALA B 94 -14.72 -2.31 34.81
C ALA B 94 -15.85 -1.30 34.89
N ASN B 95 -16.03 -0.66 36.05
CA ASN B 95 -17.07 0.34 36.19
C ASN B 95 -16.79 1.55 35.32
N LEU B 96 -15.51 1.88 35.12
CA LEU B 96 -15.15 2.98 34.23
C LEU B 96 -15.61 2.72 32.80
N CYS B 97 -15.45 1.48 32.32
CA CYS B 97 -15.96 1.11 31.00
C CYS B 97 -17.44 1.44 30.88
N ASP B 98 -18.24 1.00 31.85
CA ASP B 98 -19.68 1.26 31.80
C ASP B 98 -20.00 2.73 31.93
N TRP B 99 -19.24 3.46 32.76
CA TRP B 99 -19.54 4.87 32.94
C TRP B 99 -19.31 5.65 31.65
N TYR B 100 -18.16 5.45 31.00
CA TYR B 100 -17.91 6.16 29.75
C TYR B 100 -18.85 5.71 28.63
N ALA B 101 -19.27 4.44 28.64
CA ALA B 101 -20.26 4.00 27.65
C ALA B 101 -21.55 4.78 27.79
N GLU B 102 -21.97 5.07 29.03
CA GLU B 102 -23.23 5.79 29.24
C GLU B 102 -23.07 7.29 29.02
N HIS B 103 -22.02 7.89 29.58
CA HIS B 103 -21.89 9.35 29.61
C HIS B 103 -20.98 9.91 28.52
N GLY B 104 -20.09 9.11 27.97
CA GLY B 104 -19.13 9.55 26.98
C GLY B 104 -19.73 10.06 25.68
N PRO B 105 -20.67 9.32 25.07
CA PRO B 105 -21.17 9.75 23.75
C PRO B 105 -21.69 11.18 23.71
N ALA B 106 -22.48 11.61 24.71
CA ALA B 106 -22.97 12.98 24.72
C ALA B 106 -21.83 14.00 24.74
N MET B 107 -20.70 13.65 25.38
CA MET B 107 -19.57 14.56 25.47
C MET B 107 -18.88 14.76 24.13
N LEU B 108 -19.14 13.89 23.16
CA LEU B 108 -18.54 13.95 21.84
C LEU B 108 -19.47 14.57 20.80
N LYS B 109 -20.66 15.02 21.20
CA LYS B 109 -21.57 15.65 20.27
C LYS B 109 -21.01 17.00 19.82
N ALA B 110 -21.36 17.39 18.59
CA ALA B 110 -20.92 18.67 18.07
C ALA B 110 -21.43 19.81 18.93
N GLU B 111 -20.59 20.84 19.09
CA GLU B 111 -20.87 22.06 19.86
C GLU B 111 -21.49 23.11 18.96
N PRO B 112 -22.59 23.73 19.36
CA PRO B 112 -23.02 24.96 18.69
C PRO B 112 -22.04 26.09 18.98
N THR B 113 -22.08 27.11 18.12
CA THR B 113 -21.27 28.31 18.31
C THR B 113 -22.15 29.54 18.24
N LEU B 114 -21.56 30.69 18.54
CA LEU B 114 -22.25 31.98 18.44
C LEU B 114 -22.31 32.52 17.01
N VAL B 115 -21.71 31.85 16.02
CA VAL B 115 -21.81 32.33 14.65
C VAL B 115 -23.29 32.39 14.26
N GLU B 116 -23.65 33.45 13.54
CA GLU B 116 -25.04 33.65 13.15
C GLU B 116 -25.54 32.53 12.25
N ASN B 117 -26.83 32.24 12.36
CA ASN B 117 -27.55 31.35 11.43
C ASN B 117 -27.01 29.92 11.46
N GLN B 118 -26.47 29.50 12.60
CA GLN B 118 -25.95 28.14 12.79
C GLN B 118 -25.03 27.73 11.64
N GLN B 119 -24.11 28.63 11.31
CA GLN B 119 -23.17 28.36 10.22
C GLN B 119 -22.02 27.46 10.66
N ALA B 120 -21.66 27.50 11.94
CA ALA B 120 -20.44 26.87 12.43
C ALA B 120 -20.74 26.00 13.64
N VAL B 121 -20.09 24.84 13.70
CA VAL B 121 -20.12 23.96 14.86
C VAL B 121 -18.68 23.56 15.16
N ILE B 122 -18.46 23.04 16.37
CA ILE B 122 -17.20 22.43 16.76
C ILE B 122 -17.41 20.92 16.84
N GLU B 123 -16.57 20.16 16.13
CA GLU B 123 -16.62 18.71 16.15
C GLU B 123 -15.42 18.13 16.89
N TYR B 124 -15.64 17.00 17.57
CA TYR B 124 -14.58 16.30 18.31
C TYR B 124 -14.19 15.07 17.51
N ARG B 125 -13.12 15.20 16.68
CA ARG B 125 -12.66 14.14 15.79
C ARG B 125 -11.56 13.33 16.44
N PRO B 126 -11.41 12.06 16.06
CA PRO B 126 -10.25 11.28 16.52
C PRO B 126 -8.95 11.91 16.03
N LEU B 127 -7.89 11.69 16.80
CA LEU B 127 -6.55 12.14 16.46
C LEU B 127 -5.69 11.05 15.81
N GLY B 128 -5.76 9.83 16.29
CA GLY B 128 -4.88 8.79 15.77
C GLY B 128 -4.59 7.76 16.86
N THR B 129 -3.40 7.17 16.79
CA THR B 129 -2.94 6.22 17.78
C THR B 129 -2.18 6.96 18.86
N ILE B 130 -2.58 6.75 20.11
CA ILE B 130 -1.96 7.38 21.26
C ILE B 130 -1.01 6.37 21.89
N LEU B 131 0.26 6.74 22.01
CA LEU B 131 1.23 5.91 22.70
C LEU B 131 1.15 6.18 24.18
N ALA B 132 1.03 5.13 24.98
CA ALA B 132 0.83 5.24 26.43
C ALA B 132 1.97 4.56 27.17
N ILE B 133 2.66 5.31 28.01
CA ILE B 133 3.80 4.83 28.79
C ILE B 133 3.32 4.79 30.23
N MET B 134 3.18 3.59 30.81
CA MET B 134 2.43 3.42 32.04
C MET B 134 3.27 2.78 33.15
N PRO B 135 2.85 2.98 34.43
CA PRO B 135 3.62 2.46 35.57
C PRO B 135 3.00 1.23 36.23
N TRP B 136 3.68 0.69 37.23
CA TRP B 136 3.32 -0.57 37.86
C TRP B 136 2.35 -0.44 39.03
N ASN B 137 2.06 0.78 39.53
CA ASN B 137 1.41 0.83 40.85
C ASN B 137 -0.08 0.56 40.77
N PHE B 138 -0.74 0.90 39.66
CA PHE B 138 -2.08 0.43 39.35
C PHE B 138 -1.99 -0.18 37.97
N PRO B 139 -1.53 -1.43 37.85
CA PRO B 139 -1.21 -1.97 36.51
C PRO B 139 -2.41 -2.08 35.60
N LEU B 140 -3.61 -2.21 36.15
CA LEU B 140 -4.83 -2.21 35.33
C LEU B 140 -5.47 -0.84 35.24
N TRP B 141 -5.72 -0.19 36.39
CA TRP B 141 -6.46 1.07 36.38
C TRP B 141 -5.72 2.16 35.60
N GLN B 142 -4.39 2.20 35.67
CA GLN B 142 -3.67 3.24 34.94
C GLN B 142 -3.87 3.10 33.43
N VAL B 143 -3.91 1.85 32.95
CA VAL B 143 -4.15 1.60 31.54
C VAL B 143 -5.58 1.97 31.20
N MET B 144 -6.55 1.49 31.98
CA MET B 144 -7.95 1.71 31.61
C MET B 144 -8.34 3.17 31.71
N ARG B 145 -7.79 3.91 32.68
CA ARG B 145 -8.16 5.33 32.90
C ARG B 145 -7.99 6.12 31.59
N GLY B 146 -6.92 5.84 30.86
CA GLY B 146 -6.72 6.48 29.56
C GLY B 146 -7.29 5.70 28.40
N ALA B 147 -7.11 4.37 28.40
CA ALA B 147 -7.49 3.59 27.21
C ALA B 147 -8.97 3.71 26.92
N VAL B 148 -9.81 3.68 27.95
CA VAL B 148 -11.25 3.69 27.76
C VAL B 148 -11.69 4.96 27.03
N PRO B 149 -11.47 6.17 27.54
CA PRO B 149 -11.93 7.35 26.78
C PRO B 149 -11.19 7.56 25.47
N ILE B 150 -9.90 7.22 25.40
CA ILE B 150 -9.16 7.39 24.15
C ILE B 150 -9.81 6.58 23.02
N ILE B 151 -10.15 5.31 23.31
CA ILE B 151 -10.75 4.46 22.30
C ILE B 151 -12.18 4.88 22.00
N LEU B 152 -12.93 5.29 23.04
CA LEU B 152 -14.27 5.81 22.80
C LEU B 152 -14.25 7.01 21.85
N ALA B 153 -13.22 7.84 21.94
CA ALA B 153 -13.12 9.01 21.08
C ALA B 153 -12.71 8.66 19.64
N GLY B 154 -12.50 7.37 19.32
CA GLY B 154 -12.15 6.96 17.98
C GLY B 154 -10.67 6.80 17.73
N ASN B 155 -9.83 7.00 18.75
CA ASN B 155 -8.41 6.80 18.66
C ASN B 155 -8.05 5.33 18.84
N GLY B 156 -6.81 4.98 18.50
CA GLY B 156 -6.18 3.76 18.95
C GLY B 156 -5.27 4.02 20.16
N TYR B 157 -4.87 2.93 20.79
CA TYR B 157 -4.11 2.98 22.04
C TYR B 157 -3.00 1.95 21.95
N LEU B 158 -1.76 2.38 22.13
CA LEU B 158 -0.61 1.46 22.09
C LEU B 158 0.12 1.55 23.42
N LEU B 159 0.06 0.48 24.18
CA LEU B 159 0.56 0.45 25.55
C LEU B 159 2.01 0.02 25.60
N LYS B 160 2.85 0.84 26.25
CA LYS B 160 4.17 0.42 26.69
C LYS B 160 4.12 0.36 28.22
N HIS B 161 3.93 -0.84 28.76
CA HIS B 161 3.74 -0.97 30.20
C HIS B 161 5.07 -1.06 30.93
N ALA B 162 5.01 -0.86 32.25
CA ALA B 162 6.20 -0.99 33.07
C ALA B 162 6.73 -2.41 32.98
N PRO B 163 8.05 -2.58 32.94
CA PRO B 163 8.61 -3.90 32.60
C PRO B 163 8.47 -4.94 33.72
N ASN B 164 8.00 -4.58 34.90
CA ASN B 164 7.75 -5.53 35.97
C ASN B 164 6.30 -6.00 36.02
N VAL B 165 5.44 -5.54 35.11
CA VAL B 165 4.04 -5.96 35.16
C VAL B 165 3.61 -6.43 33.77
N MET B 166 4.50 -7.07 33.04
CA MET B 166 4.15 -7.56 31.72
C MET B 166 3.17 -8.73 31.78
N GLY B 167 3.11 -9.47 32.89
CA GLY B 167 2.04 -10.43 33.06
C GLY B 167 0.67 -9.76 33.11
N CYS B 168 0.57 -8.65 33.85
CA CYS B 168 -0.64 -7.84 33.80
C CYS B 168 -0.92 -7.36 32.39
N ALA B 169 0.12 -6.90 31.69
CA ALA B 169 -0.07 -6.37 30.35
C ALA B 169 -0.63 -7.43 29.41
N GLN B 170 -0.16 -8.67 29.53
CA GLN B 170 -0.66 -9.73 28.67
C GLN B 170 -2.12 -10.05 28.98
N LEU B 171 -2.48 -10.06 30.26
CA LEU B 171 -3.86 -10.33 30.65
C LEU B 171 -4.80 -9.24 30.19
N ILE B 172 -4.35 -7.98 30.25
CA ILE B 172 -5.17 -6.88 29.74
C ILE B 172 -5.42 -7.07 28.25
N ALA B 173 -4.36 -7.37 27.50
CA ALA B 173 -4.53 -7.66 26.07
C ALA B 173 -5.53 -8.79 25.85
N GLN B 174 -5.46 -9.84 26.67
CA GLN B 174 -6.42 -10.94 26.53
C GLN B 174 -7.84 -10.46 26.78
N VAL B 175 -8.03 -9.55 27.74
CA VAL B 175 -9.35 -9.01 28.02
C VAL B 175 -9.88 -8.25 26.80
N PHE B 176 -9.03 -7.41 26.19
CA PHE B 176 -9.48 -6.67 25.02
C PHE B 176 -9.77 -7.61 23.84
N LYS B 177 -9.00 -8.69 23.73
CA LYS B 177 -9.27 -9.71 22.72
C LYS B 177 -10.60 -10.43 23.00
N ASP B 178 -10.83 -10.80 24.27
CA ASP B 178 -12.10 -11.40 24.66
C ASP B 178 -13.28 -10.51 24.31
N ALA B 179 -13.10 -9.19 24.42
CA ALA B 179 -14.18 -8.23 24.14
C ALA B 179 -14.39 -7.98 22.66
N GLY B 180 -13.53 -8.52 21.79
CA GLY B 180 -13.66 -8.28 20.37
C GLY B 180 -13.18 -6.93 19.92
N ILE B 181 -12.23 -6.32 20.63
CA ILE B 181 -11.67 -5.04 20.17
C ILE B 181 -10.74 -5.32 18.99
N PRO B 182 -10.93 -4.67 17.85
CA PRO B 182 -10.16 -5.02 16.65
C PRO B 182 -8.65 -4.90 16.86
N GLN B 183 -7.91 -5.61 16.03
CA GLN B 183 -6.45 -5.56 16.10
C GLN B 183 -5.98 -4.16 15.75
N GLY B 184 -5.00 -3.67 16.51
CA GLY B 184 -4.48 -2.34 16.31
C GLY B 184 -5.21 -1.24 17.03
N VAL B 185 -6.46 -1.46 17.45
CA VAL B 185 -7.17 -0.44 18.22
C VAL B 185 -6.66 -0.43 19.66
N TYR B 186 -6.49 -1.62 20.24
CA TYR B 186 -5.71 -1.79 21.47
C TYR B 186 -4.54 -2.69 21.14
N GLY B 187 -3.33 -2.20 21.37
CA GLY B 187 -2.14 -2.98 21.14
C GLY B 187 -1.13 -2.70 22.25
N TRP B 188 -0.06 -3.49 22.27
CA TRP B 188 0.95 -3.29 23.30
C TRP B 188 2.28 -3.85 22.82
N LEU B 189 3.36 -3.32 23.39
CA LEU B 189 4.72 -3.65 22.98
C LEU B 189 5.64 -3.66 24.18
N ASN B 190 6.52 -4.65 24.25
CA ASN B 190 7.57 -4.67 25.27
C ASN B 190 8.81 -3.92 24.76
N ALA B 191 8.65 -2.62 24.54
CA ALA B 191 9.73 -1.82 23.97
C ALA B 191 10.68 -1.33 25.07
N ASP B 192 11.96 -1.31 24.76
CA ASP B 192 12.91 -0.63 25.64
C ASP B 192 12.86 0.87 25.38
N ASN B 193 13.67 1.64 26.11
CA ASN B 193 13.60 3.09 26.00
C ASN B 193 13.88 3.56 24.57
N ASP B 194 14.79 2.88 23.86
CA ASP B 194 15.05 3.25 22.47
C ASP B 194 13.86 2.95 21.58
N GLY B 195 13.18 1.81 21.81
CA GLY B 195 11.96 1.53 21.09
C GLY B 195 10.94 2.65 21.26
N VAL B 196 10.78 3.13 22.49
CA VAL B 196 9.88 4.25 22.74
C VAL B 196 10.31 5.47 21.94
N SER B 197 11.61 5.78 21.96
CA SER B 197 12.11 6.95 21.21
C SER B 197 11.77 6.82 19.74
N GLN B 198 11.92 5.61 19.20
CA GLN B 198 11.63 5.37 17.79
C GLN B 198 10.15 5.58 17.49
N MET B 199 9.28 5.10 18.38
CA MET B 199 7.85 5.24 18.15
C MET B 199 7.40 6.70 18.23
N ILE B 200 7.92 7.45 19.20
CA ILE B 200 7.55 8.86 19.32
C ILE B 200 7.83 9.60 18.01
N LYS B 201 8.94 9.27 17.35
CA LYS B 201 9.31 9.91 16.08
C LYS B 201 8.52 9.41 14.88
N ASP B 202 7.72 8.35 15.03
CA ASP B 202 7.06 7.70 13.90
C ASP B 202 5.73 8.38 13.60
N SER B 203 5.44 8.59 12.32
CA SER B 203 4.25 9.34 11.94
C SER B 203 2.96 8.62 12.33
N ARG B 204 3.01 7.32 12.62
CA ARG B 204 1.82 6.56 13.00
C ARG B 204 1.49 6.68 14.49
N ILE B 205 2.27 7.42 15.26
CA ILE B 205 1.94 7.77 16.63
C ILE B 205 1.52 9.24 16.63
N ALA B 206 0.28 9.51 17.06
CA ALA B 206 -0.24 10.87 16.99
C ALA B 206 0.04 11.71 18.22
N ALA B 207 0.11 11.08 19.39
CA ALA B 207 0.30 11.79 20.65
C ALA B 207 0.75 10.76 21.68
N VAL B 208 1.13 11.27 22.86
CA VAL B 208 1.77 10.45 23.90
C VAL B 208 1.15 10.80 25.24
N THR B 209 0.91 9.79 26.06
CA THR B 209 0.51 10.03 27.44
C THR B 209 1.42 9.22 28.33
N VAL B 210 1.83 9.82 29.45
CA VAL B 210 2.81 9.25 30.35
C VAL B 210 2.32 9.41 31.78
N THR B 211 2.39 8.31 32.54
CA THR B 211 2.25 8.34 34.00
C THR B 211 3.48 7.67 34.59
N GLY B 212 4.18 8.39 35.46
CA GLY B 212 5.41 7.84 36.03
C GLY B 212 6.21 8.90 36.76
N SER B 213 7.53 8.76 36.71
CA SER B 213 8.39 9.65 37.47
C SER B 213 8.59 10.97 36.73
N VAL B 214 8.99 12.00 37.50
CA VAL B 214 9.35 13.29 36.92
C VAL B 214 10.44 13.11 35.87
N ARG B 215 11.39 12.22 36.13
CA ARG B 215 12.52 12.02 35.19
C ARG B 215 11.99 11.41 33.90
N ALA B 216 11.12 10.42 34.01
CA ALA B 216 10.53 9.84 32.81
C ALA B 216 9.71 10.88 32.05
N GLY B 217 8.93 11.68 32.77
CA GLY B 217 8.13 12.70 32.11
C GLY B 217 8.99 13.70 31.35
N ALA B 218 10.13 14.08 31.92
CA ALA B 218 11.00 15.05 31.26
C ALA B 218 11.67 14.44 30.04
N ALA B 219 12.11 13.19 30.14
CA ALA B 219 12.73 12.50 29.01
C ALA B 219 11.74 12.31 27.87
N ILE B 220 10.52 11.85 28.20
CA ILE B 220 9.54 11.57 27.15
C ILE B 220 8.90 12.85 26.65
N GLY B 221 8.59 13.79 27.55
CA GLY B 221 8.02 15.05 27.10
C GLY B 221 8.93 15.81 26.14
N ALA B 222 10.24 15.81 26.42
CA ALA B 222 11.17 16.46 25.50
C ALA B 222 11.14 15.82 24.12
N GLN B 223 11.03 14.49 24.07
CA GLN B 223 10.99 13.81 22.78
C GLN B 223 9.68 14.08 22.05
N ALA B 224 8.56 14.09 22.79
CA ALA B 224 7.27 14.39 22.18
C ALA B 224 7.28 15.80 21.58
N GLY B 225 7.77 16.78 22.33
CA GLY B 225 7.86 18.14 21.81
C GLY B 225 8.73 18.24 20.57
N ALA B 226 9.88 17.54 20.58
CA ALA B 226 10.77 17.58 19.42
C ALA B 226 10.13 16.95 18.20
N ALA B 227 9.24 15.98 18.39
CA ALA B 227 8.53 15.33 17.29
C ALA B 227 7.19 15.98 16.98
N LEU B 228 6.88 17.11 17.64
CA LEU B 228 5.64 17.84 17.41
C LEU B 228 4.41 17.00 17.75
N LYS B 229 4.52 16.22 18.84
CA LYS B 229 3.45 15.37 19.34
C LYS B 229 2.95 15.93 20.67
N LYS B 230 1.63 16.13 20.78
CA LYS B 230 1.06 16.54 22.06
C LYS B 230 1.28 15.46 23.10
N CYS B 231 1.55 15.86 24.35
CA CYS B 231 1.65 14.88 25.42
C CYS B 231 0.83 15.32 26.61
N VAL B 232 0.41 14.32 27.39
CA VAL B 232 -0.15 14.50 28.71
C VAL B 232 0.79 13.79 29.69
N LEU B 233 1.22 14.50 30.74
CA LEU B 233 2.17 13.97 31.71
C LEU B 233 1.56 14.01 33.10
N GLU B 234 1.49 12.85 33.77
CA GLU B 234 1.07 12.76 35.20
C GLU B 234 2.29 12.17 35.89
N LEU B 235 2.99 12.96 36.69
CA LEU B 235 4.34 12.60 37.12
C LEU B 235 4.47 12.46 38.63
N GLY B 236 3.40 12.10 39.31
CA GLY B 236 3.50 11.86 40.73
C GLY B 236 3.28 13.13 41.52
N GLY B 237 3.46 13.00 42.83
CA GLY B 237 3.10 14.12 43.69
C GLY B 237 3.77 14.03 45.04
N SER B 238 3.63 15.11 45.79
CA SER B 238 3.99 15.15 47.21
C SER B 238 2.85 15.90 47.89
N ASP B 239 1.66 15.30 47.86
CA ASP B 239 0.44 16.01 48.23
C ASP B 239 0.48 16.44 49.69
N PRO B 240 0.15 17.69 49.99
CA PRO B 240 0.00 18.11 51.38
C PRO B 240 -1.36 17.70 51.91
N PHE B 241 -1.37 17.45 53.21
CA PHE B 241 -2.57 17.07 53.95
C PHE B 241 -2.57 18.01 55.16
N ILE B 242 -3.43 19.04 55.11
CA ILE B 242 -3.41 20.13 56.10
C ILE B 242 -4.49 19.88 57.12
N VAL B 243 -4.13 19.94 58.40
CA VAL B 243 -5.10 19.82 59.48
C VAL B 243 -4.99 21.08 60.36
N LEU B 244 -6.10 21.82 60.44
CA LEU B 244 -6.16 23.03 61.27
C LEU B 244 -6.75 22.69 62.63
N ASN B 245 -6.68 23.67 63.55
CA ASN B 245 -7.02 23.40 64.96
C ASN B 245 -8.48 22.98 65.12
N ASP B 246 -9.38 23.47 64.27
CA ASP B 246 -10.80 23.20 64.40
C ASP B 246 -11.26 21.98 63.61
N ALA B 247 -10.32 21.15 63.17
CA ALA B 247 -10.64 19.98 62.37
C ALA B 247 -11.44 18.97 63.17
N ASP B 248 -12.26 18.19 62.46
CA ASP B 248 -12.77 16.91 62.95
C ASP B 248 -11.59 15.96 63.04
N LEU B 249 -11.00 15.84 64.25
CA LEU B 249 -9.72 15.15 64.37
C LEU B 249 -9.85 13.65 64.08
N GLU B 250 -10.96 13.04 64.46
CA GLU B 250 -11.09 11.57 64.27
C GLU B 250 -11.20 11.30 62.77
N LEU B 251 -12.04 12.07 62.07
CA LEU B 251 -12.13 11.90 60.62
C LEU B 251 -10.80 12.24 59.95
N ALA B 252 -10.09 13.26 60.45
CA ALA B 252 -8.85 13.67 59.81
C ALA B 252 -7.79 12.59 59.92
N VAL B 253 -7.68 11.94 61.08
CA VAL B 253 -6.69 10.87 61.24
C VAL B 253 -7.05 9.69 60.34
N LYS B 254 -8.33 9.35 60.23
CA LYS B 254 -8.72 8.24 59.36
C LYS B 254 -8.38 8.54 57.91
N ALA B 255 -8.72 9.74 57.43
CA ALA B 255 -8.38 10.10 56.06
C ALA B 255 -6.87 10.19 55.89
N ALA B 256 -6.15 10.64 56.92
CA ALA B 256 -4.69 10.73 56.82
C ALA B 256 -4.06 9.36 56.67
N VAL B 257 -4.49 8.39 57.49
CA VAL B 257 -3.91 7.05 57.42
C VAL B 257 -4.25 6.38 56.09
N ALA B 258 -5.53 6.44 55.68
CA ALA B 258 -5.91 5.87 54.39
C ALA B 258 -5.14 6.52 53.25
N GLY B 259 -4.98 7.85 53.29
CA GLY B 259 -4.34 8.55 52.19
C GLY B 259 -2.85 8.29 52.07
N ARG B 260 -2.17 8.08 53.21
CA ARG B 260 -0.75 7.80 53.13
C ARG B 260 -0.47 6.32 52.81
N TYR B 261 -1.27 5.41 53.36
CA TYR B 261 -0.90 3.99 53.38
C TYR B 261 -1.69 3.12 52.42
N ARG B 262 -2.68 3.66 51.71
CA ARG B 262 -3.30 2.87 50.65
C ARG B 262 -2.24 2.46 49.62
N ASN B 263 -2.40 1.24 49.09
CA ASN B 263 -1.46 0.67 48.12
C ASN B 263 -0.01 0.73 48.63
N THR B 264 0.17 0.45 49.92
CA THR B 264 1.47 0.50 50.59
C THR B 264 2.19 1.83 50.29
N GLY B 265 1.40 2.89 50.19
CA GLY B 265 1.93 4.23 49.97
C GLY B 265 2.27 4.58 48.54
N GLN B 266 2.12 3.64 47.61
CA GLN B 266 2.62 3.81 46.25
C GLN B 266 1.55 4.42 45.36
N VAL B 267 1.19 5.67 45.69
CA VAL B 267 0.12 6.37 45.01
C VAL B 267 0.59 7.78 44.68
N CYS B 268 0.45 8.17 43.41
CA CYS B 268 0.79 9.53 43.00
C CYS B 268 0.11 10.56 43.88
N ALA B 269 -1.17 10.37 44.19
CA ALA B 269 -1.94 11.30 44.99
C ALA B 269 -2.09 10.84 46.44
N ALA B 270 -1.13 10.06 46.92
CA ALA B 270 -1.11 9.76 48.35
C ALA B 270 -0.91 11.05 49.15
N ALA B 271 -1.48 11.08 50.35
CA ALA B 271 -1.14 12.10 51.33
C ALA B 271 0.27 11.85 51.80
N LYS B 272 1.20 12.74 51.42
CA LYS B 272 2.61 12.51 51.70
C LYS B 272 3.22 13.51 52.68
N ARG B 273 2.72 14.75 52.72
CA ARG B 273 3.25 15.78 53.62
C ARG B 273 2.13 16.24 54.55
N PHE B 274 2.16 15.80 55.80
CA PHE B 274 1.16 16.19 56.77
C PHE B 274 1.57 17.51 57.40
N ILE B 275 0.72 18.52 57.24
CA ILE B 275 1.01 19.87 57.69
C ILE B 275 -0.06 20.21 58.72
N ILE B 276 0.34 20.23 59.99
CA ILE B 276 -0.59 20.22 61.12
C ILE B 276 -0.38 21.51 61.91
N GLU B 277 -1.46 22.25 62.11
CA GLU B 277 -1.37 23.48 62.89
C GLU B 277 -0.95 23.16 64.32
N GLU B 278 -0.19 24.08 64.92
CA GLU B 278 0.56 23.77 66.16
C GLU B 278 -0.36 23.30 67.29
N GLY B 279 -1.54 23.90 67.42
CA GLY B 279 -2.41 23.58 68.55
C GLY B 279 -2.92 22.16 68.55
N ILE B 280 -3.08 21.55 67.37
CA ILE B 280 -3.61 20.20 67.25
C ILE B 280 -2.52 19.20 66.89
N ALA B 281 -1.26 19.64 66.78
CA ALA B 281 -0.20 18.78 66.25
C ALA B 281 0.09 17.61 67.17
N SER B 282 0.12 17.83 68.48
CA SER B 282 0.45 16.74 69.39
C SER B 282 -0.64 15.67 69.35
N ALA B 283 -1.91 16.09 69.43
CA ALA B 283 -3.01 15.14 69.40
C ALA B 283 -3.08 14.40 68.07
N PHE B 284 -2.86 15.11 66.95
CA PHE B 284 -2.86 14.44 65.66
C PHE B 284 -1.73 13.42 65.56
N THR B 285 -0.51 13.83 65.92
CA THR B 285 0.64 12.96 65.75
C THR B 285 0.50 11.68 66.56
N GLU B 286 0.04 11.80 67.81
CA GLU B 286 -0.10 10.61 68.65
C GLU B 286 -1.18 9.69 68.09
N ARG B 287 -2.31 10.25 67.68
CA ARG B 287 -3.35 9.40 67.10
C ARG B 287 -2.89 8.79 65.79
N PHE B 288 -2.16 9.56 64.98
CA PHE B 288 -1.73 9.06 63.67
C PHE B 288 -0.71 7.94 63.82
N VAL B 289 0.28 8.12 64.69
CA VAL B 289 1.28 7.08 64.93
C VAL B 289 0.61 5.80 65.41
N ALA B 290 -0.33 5.92 66.36
CA ALA B 290 -1.01 4.75 66.89
C ALA B 290 -1.86 4.05 65.84
N ALA B 291 -2.51 4.83 64.96
CA ALA B 291 -3.31 4.22 63.91
C ALA B 291 -2.43 3.56 62.85
N ALA B 292 -1.30 4.19 62.50
CA ALA B 292 -0.39 3.57 61.55
C ALA B 292 0.19 2.28 62.11
N ALA B 293 0.45 2.25 63.43
CA ALA B 293 1.06 1.08 64.03
C ALA B 293 0.10 -0.11 64.15
N ALA B 294 -1.20 0.13 64.00
CA ALA B 294 -2.17 -0.94 64.03
C ALA B 294 -2.40 -1.57 62.67
N LEU B 295 -1.77 -1.05 61.62
CA LEU B 295 -1.93 -1.62 60.29
C LEU B 295 -1.22 -2.96 60.16
N LYS B 296 -1.94 -3.97 59.70
CA LYS B 296 -1.35 -5.28 59.50
C LYS B 296 -0.67 -5.34 58.13
N MET B 297 0.58 -5.84 58.12
CA MET B 297 1.39 -5.95 56.91
C MET B 297 1.91 -7.38 56.76
N GLY B 298 1.95 -7.87 55.53
CA GLY B 298 2.40 -9.22 55.27
C GLY B 298 1.93 -9.69 53.89
N ASP B 299 1.91 -11.02 53.73
CA ASP B 299 1.50 -11.70 52.49
C ASP B 299 0.25 -11.05 51.89
N PRO B 300 0.34 -10.43 50.71
CA PRO B 300 -0.82 -9.72 50.17
C PRO B 300 -1.95 -10.62 49.69
N ARG B 301 -1.73 -11.93 49.58
CA ARG B 301 -2.84 -12.84 49.30
C ARG B 301 -3.73 -13.02 50.53
N ASP B 302 -3.25 -12.64 51.71
CA ASP B 302 -3.97 -12.80 52.96
C ASP B 302 -4.75 -11.52 53.22
N GLU B 303 -6.08 -11.62 53.19
CA GLU B 303 -6.93 -10.43 53.27
C GLU B 303 -6.90 -9.73 54.62
N GLU B 304 -6.31 -10.34 55.65
CA GLU B 304 -6.16 -9.60 56.89
C GLU B 304 -5.15 -8.46 56.76
N ASN B 305 -4.33 -8.46 55.72
CA ASN B 305 -3.24 -7.51 55.62
C ASN B 305 -3.69 -6.26 54.87
N ALA B 306 -3.48 -5.11 55.49
CA ALA B 306 -3.79 -3.83 54.87
C ALA B 306 -2.65 -3.32 54.00
N LEU B 307 -1.43 -3.74 54.30
CA LEU B 307 -0.27 -3.41 53.48
C LEU B 307 0.41 -4.68 53.05
N GLY B 308 0.99 -4.64 51.85
CA GLY B 308 1.84 -5.71 51.38
C GLY B 308 3.28 -5.25 51.35
N PRO B 309 4.14 -6.01 50.66
CA PRO B 309 5.48 -5.52 50.40
C PRO B 309 5.44 -4.40 49.36
N MET B 310 6.53 -3.65 49.27
CA MET B 310 6.63 -2.69 48.18
C MET B 310 6.90 -3.46 46.88
N ALA B 311 6.61 -2.80 45.75
CA ALA B 311 6.64 -3.48 44.46
C ALA B 311 8.07 -3.82 44.02
N ARG B 312 9.03 -2.94 44.28
CA ARG B 312 10.35 -3.04 43.66
C ARG B 312 11.44 -2.97 44.71
N PHE B 313 12.35 -3.95 44.69
CA PHE B 313 13.41 -4.02 45.68
C PHE B 313 14.31 -2.79 45.61
N ASP B 314 14.64 -2.33 44.40
CA ASP B 314 15.50 -1.15 44.28
C ASP B 314 14.81 0.11 44.80
N LEU B 315 13.48 0.19 44.70
CA LEU B 315 12.78 1.37 45.19
C LEU B 315 12.61 1.35 46.70
N ARG B 316 12.56 0.16 47.32
CA ARG B 316 12.62 0.12 48.77
C ARG B 316 13.95 0.67 49.27
N ASP B 317 15.05 0.28 48.61
CA ASP B 317 16.35 0.83 48.97
C ASP B 317 16.37 2.35 48.83
N GLU B 318 15.80 2.85 47.74
CA GLU B 318 15.74 4.33 47.53
C GLU B 318 14.93 4.95 48.67
N LEU B 319 13.77 4.39 48.98
CA LEU B 319 12.93 5.00 50.01
C LEU B 319 13.63 4.97 51.36
N HIS B 320 14.24 3.85 51.73
CA HIS B 320 14.96 3.80 53.00
C HIS B 320 16.09 4.81 53.01
N HIS B 321 16.79 4.97 51.88
CA HIS B 321 17.84 5.98 51.80
C HIS B 321 17.27 7.38 52.00
N GLN B 322 16.08 7.64 51.47
CA GLN B 322 15.40 8.91 51.73
C GLN B 322 15.09 9.09 53.20
N VAL B 323 14.74 7.99 53.88
CA VAL B 323 14.46 8.05 55.32
C VAL B 323 15.73 8.38 56.10
N GLU B 324 16.83 7.70 55.78
CA GLU B 324 18.10 7.92 56.46
C GLU B 324 18.57 9.37 56.30
N LYS B 325 18.52 9.89 55.07
CA LYS B 325 18.93 11.28 54.85
C LYS B 325 18.06 12.23 55.66
N THR B 326 16.75 11.99 55.70
CA THR B 326 15.85 12.87 56.44
C THR B 326 16.15 12.82 57.93
N LEU B 327 16.43 11.62 58.45
CA LEU B 327 16.83 11.50 59.85
C LEU B 327 18.18 12.18 60.09
N ALA B 328 19.13 11.99 59.18
CA ALA B 328 20.41 12.68 59.31
C ALA B 328 20.24 14.19 59.31
N GLN B 329 19.23 14.70 58.60
CA GLN B 329 18.96 16.14 58.54
C GLN B 329 18.28 16.67 59.79
N GLY B 330 17.84 15.81 60.71
CA GLY B 330 17.28 16.26 61.98
C GLY B 330 15.84 15.86 62.25
N ALA B 331 15.19 15.09 61.38
CA ALA B 331 13.84 14.62 61.70
C ALA B 331 13.90 13.55 62.78
N ARG B 332 12.74 13.30 63.37
CA ARG B 332 12.64 12.27 64.43
C ARG B 332 11.86 11.06 63.93
N LEU B 333 12.35 9.86 64.21
CA LEU B 333 11.69 8.62 63.80
C LEU B 333 10.68 8.23 64.87
N LEU B 334 9.40 8.23 64.50
CA LEU B 334 8.36 7.86 65.45
C LEU B 334 7.84 6.45 65.27
N LEU B 335 8.10 5.83 64.12
CA LEU B 335 7.59 4.50 63.81
C LEU B 335 8.33 3.96 62.59
N GLY B 336 8.58 2.66 62.59
CA GLY B 336 9.15 1.99 61.42
C GLY B 336 10.56 2.45 61.11
N GLY B 337 10.84 2.61 59.81
CA GLY B 337 12.10 3.16 59.39
C GLY B 337 13.25 2.18 59.25
N GLU B 338 12.96 0.91 58.98
CA GLU B 338 14.02 -0.06 58.72
C GLU B 338 13.50 -1.09 57.71
N LYS B 339 14.36 -1.49 56.78
CA LYS B 339 14.00 -2.57 55.86
C LYS B 339 13.82 -3.87 56.64
N MET B 340 12.69 -4.55 56.43
CA MET B 340 12.48 -5.84 57.06
C MET B 340 13.40 -6.89 56.46
N ALA B 341 13.96 -7.74 57.32
CA ALA B 341 14.77 -8.85 56.87
C ALA B 341 13.90 -9.91 56.21
N GLY B 342 14.53 -10.77 55.43
CA GLY B 342 13.84 -11.86 54.78
C GLY B 342 13.73 -11.65 53.28
N ALA B 343 13.08 -12.60 52.63
CA ALA B 343 13.02 -12.61 51.18
C ALA B 343 12.06 -11.57 50.62
N GLY B 344 11.05 -11.17 51.39
CA GLY B 344 10.06 -10.23 50.88
C GLY B 344 10.54 -8.79 50.93
N ASN B 345 9.98 -7.97 50.04
CA ASN B 345 10.36 -6.56 49.92
C ASN B 345 9.57 -5.65 50.87
N TYR B 346 9.55 -5.99 52.14
CA TYR B 346 8.67 -5.32 53.09
C TYR B 346 9.35 -4.10 53.71
N TYR B 347 8.59 -3.00 53.79
CA TYR B 347 8.97 -1.82 54.55
C TYR B 347 7.82 -1.51 55.48
N PRO B 348 8.07 -1.35 56.79
CA PRO B 348 6.97 -1.18 57.73
C PRO B 348 6.36 0.21 57.63
N PRO B 349 5.11 0.37 58.06
CA PRO B 349 4.56 1.72 58.18
C PRO B 349 5.50 2.58 59.01
N THR B 350 5.78 3.78 58.49
CA THR B 350 6.84 4.63 59.03
C THR B 350 6.32 6.04 59.20
N VAL B 351 6.73 6.70 60.29
CA VAL B 351 6.34 8.07 60.58
C VAL B 351 7.61 8.86 60.92
N LEU B 352 7.85 9.95 60.18
CA LEU B 352 8.91 10.91 60.49
C LEU B 352 8.27 12.20 60.95
N ALA B 353 8.79 12.77 62.03
CA ALA B 353 8.28 14.02 62.57
C ALA B 353 9.42 15.04 62.64
N ASN B 354 9.06 16.28 62.97
CA ASN B 354 10.02 17.38 62.93
C ASN B 354 10.64 17.50 61.54
N VAL B 355 9.82 17.30 60.52
CA VAL B 355 10.28 17.42 59.14
C VAL B 355 10.12 18.88 58.72
N THR B 356 11.22 19.48 58.27
CA THR B 356 11.23 20.88 57.87
C THR B 356 11.30 20.97 56.35
N PRO B 357 11.00 22.14 55.78
CA PRO B 357 10.99 22.26 54.31
C PRO B 357 12.30 21.93 53.64
N GLU B 358 13.41 21.95 54.36
CA GLU B 358 14.70 21.68 53.74
C GLU B 358 15.01 20.20 53.63
N MET B 359 14.22 19.34 54.27
CA MET B 359 14.60 17.93 54.38
C MET B 359 14.14 17.12 53.18
N THR B 360 14.80 15.97 53.00
CA THR B 360 14.55 15.13 51.83
C THR B 360 13.10 14.64 51.77
N ALA B 361 12.53 14.23 52.91
CA ALA B 361 11.15 13.73 52.90
C ALA B 361 10.13 14.83 52.66
N PHE B 362 10.53 16.10 52.75
CA PHE B 362 9.64 17.19 52.40
C PHE B 362 9.76 17.60 50.94
N ARG B 363 10.92 17.40 50.31
CA ARG B 363 11.17 17.89 48.97
C ARG B 363 11.06 16.83 47.88
N GLU B 364 11.23 15.55 48.20
CA GLU B 364 11.11 14.47 47.22
C GLU B 364 9.83 13.70 47.45
N GLU B 365 9.36 13.03 46.39
CA GLU B 365 8.21 12.15 46.51
C GLU B 365 8.62 10.92 47.32
N MET B 366 7.90 10.64 48.41
CA MET B 366 8.16 9.45 49.24
C MET B 366 7.15 8.38 48.81
N PHE B 367 7.56 7.53 47.88
CA PHE B 367 6.64 6.63 47.20
C PHE B 367 6.60 5.27 47.90
N GLY B 368 6.14 5.30 49.15
CA GLY B 368 6.07 4.12 49.98
C GLY B 368 5.49 4.53 51.31
N PRO B 369 5.46 3.62 52.28
CA PRO B 369 4.66 3.85 53.50
C PRO B 369 5.38 4.71 54.54
N VAL B 370 5.72 5.94 54.16
CA VAL B 370 6.48 6.85 55.02
C VAL B 370 5.74 8.18 55.12
N ALA B 371 5.21 8.49 56.30
CA ALA B 371 4.56 9.77 56.55
C ALA B 371 5.57 10.79 57.04
N ALA B 372 5.45 12.02 56.54
CA ALA B 372 6.24 13.15 57.02
C ALA B 372 5.30 14.14 57.68
N ILE B 373 5.60 14.52 58.93
CA ILE B 373 4.75 15.42 59.68
C ILE B 373 5.51 16.71 59.93
N THR B 374 4.90 17.82 59.50
CA THR B 374 5.45 19.17 59.64
C THR B 374 4.47 20.03 60.42
N ILE B 375 4.99 20.78 61.39
CA ILE B 375 4.17 21.67 62.22
C ILE B 375 4.07 23.03 61.53
N ALA B 376 2.85 23.55 61.42
CA ALA B 376 2.59 24.89 60.91
C ALA B 376 2.23 25.82 62.07
N LYS B 377 2.66 27.07 61.98
CA LYS B 377 2.36 28.02 63.05
C LYS B 377 0.90 28.44 63.02
N ASP B 378 0.33 28.56 61.83
CA ASP B 378 -1.06 28.95 61.65
C ASP B 378 -1.47 28.54 60.24
N ALA B 379 -2.71 28.88 59.86
CA ALA B 379 -3.23 28.47 58.56
C ALA B 379 -2.48 29.11 57.41
N GLU B 380 -2.00 30.34 57.57
CA GLU B 380 -1.25 30.97 56.50
C GLU B 380 0.10 30.28 56.31
N HIS B 381 0.76 29.93 57.41
CA HIS B 381 1.99 29.14 57.32
C HIS B 381 1.73 27.79 56.67
N ALA B 382 0.57 27.19 56.98
CA ALA B 382 0.23 25.86 56.45
C ALA B 382 0.07 25.92 54.94
N LEU B 383 -0.56 26.99 54.44
CA LEU B 383 -0.69 27.16 52.99
C LEU B 383 0.67 27.32 52.35
N GLU B 384 1.55 28.13 52.96
CA GLU B 384 2.88 28.34 52.41
C GLU B 384 3.70 27.05 52.40
N LEU B 385 3.65 26.30 53.49
CA LEU B 385 4.30 24.98 53.53
C LEU B 385 3.73 24.07 52.46
N ALA B 386 2.40 24.05 52.32
CA ALA B 386 1.77 23.17 51.33
C ALA B 386 2.24 23.49 49.92
N ASN B 387 2.35 24.78 49.59
CA ASN B 387 2.77 25.19 48.25
C ASN B 387 4.28 25.15 48.05
N ASP B 388 5.06 24.96 49.11
CA ASP B 388 6.51 24.93 49.00
C ASP B 388 6.95 23.54 48.56
N SER B 389 6.63 23.23 47.30
CA SER B 389 6.89 21.93 46.72
C SER B 389 7.07 22.13 45.22
N GLU B 390 7.91 21.28 44.62
CA GLU B 390 7.99 21.25 43.16
C GLU B 390 6.81 20.49 42.54
N PHE B 391 6.09 19.73 43.35
CA PHE B 391 4.95 18.95 42.88
C PHE B 391 3.68 19.75 43.07
N GLY B 392 2.59 19.27 42.47
CA GLY B 392 1.31 19.96 42.59
C GLY B 392 0.16 19.15 42.05
N LEU B 393 0.03 17.91 42.53
CA LEU B 393 -1.01 17.03 42.00
C LEU B 393 -2.34 17.27 42.72
N SER B 394 -2.35 17.12 44.04
CA SER B 394 -3.60 17.16 44.79
C SER B 394 -3.27 17.61 46.21
N ALA B 395 -4.32 17.85 47.01
CA ALA B 395 -4.16 18.35 48.38
C ALA B 395 -5.43 18.07 49.17
N THR B 396 -5.27 17.98 50.49
CA THR B 396 -6.38 17.80 51.42
C THR B 396 -6.33 18.91 52.46
N ILE B 397 -7.49 19.47 52.80
CA ILE B 397 -7.63 20.43 53.89
C ILE B 397 -8.69 19.92 54.86
N PHE B 398 -8.33 19.82 56.15
CA PHE B 398 -9.28 19.49 57.20
C PHE B 398 -9.45 20.72 58.09
N THR B 399 -10.65 21.30 58.08
CA THR B 399 -11.00 22.40 58.95
C THR B 399 -12.52 22.49 58.95
N THR B 400 -13.10 22.82 60.10
CA THR B 400 -14.55 22.97 60.10
C THR B 400 -15.00 24.34 59.62
N ASP B 401 -14.06 25.27 59.43
CA ASP B 401 -14.33 26.59 58.86
C ASP B 401 -14.42 26.46 57.34
N GLU B 402 -15.65 26.37 56.82
CA GLU B 402 -15.82 26.20 55.38
C GLU B 402 -15.36 27.43 54.60
N THR B 403 -15.47 28.62 55.19
CA THR B 403 -14.97 29.81 54.51
C THR B 403 -13.46 29.76 54.36
N GLN B 404 -12.75 29.31 55.39
CA GLN B 404 -11.29 29.21 55.30
C GLN B 404 -10.87 28.11 54.32
N ALA B 405 -11.59 27.00 54.30
CA ALA B 405 -11.23 25.89 53.42
C ALA B 405 -11.31 26.30 51.95
N ARG B 406 -12.40 26.95 51.57
CA ARG B 406 -12.61 27.32 50.15
C ARG B 406 -11.55 28.34 49.71
N GLN B 407 -11.15 29.20 50.61
CA GLN B 407 -10.13 30.19 50.28
C GLN B 407 -8.76 29.55 50.09
N MET B 408 -8.41 28.58 50.94
CA MET B 408 -7.14 27.89 50.77
C MET B 408 -7.12 27.05 49.51
N ALA B 409 -8.27 26.45 49.15
CA ALA B 409 -8.34 25.71 47.89
C ALA B 409 -8.02 26.61 46.70
N ALA B 410 -8.56 27.83 46.71
CA ALA B 410 -8.31 28.76 45.61
C ALA B 410 -6.85 29.15 45.53
N ARG B 411 -6.10 28.94 46.61
CA ARG B 411 -4.67 29.34 46.64
C ARG B 411 -3.72 28.13 46.69
N LEU B 412 -4.25 26.91 46.79
CA LEU B 412 -3.38 25.75 46.73
C LEU B 412 -2.98 25.49 45.29
N GLU B 413 -1.67 25.30 45.07
CA GLU B 413 -1.10 25.16 43.74
C GLU B 413 -1.12 23.69 43.32
N CYS B 414 -2.32 23.20 43.04
CA CYS B 414 -2.49 21.80 42.66
C CYS B 414 -3.79 21.64 41.87
N GLY B 415 -3.92 20.47 41.23
CA GLY B 415 -5.04 20.17 40.38
C GLY B 415 -6.27 19.64 41.06
N GLY B 416 -6.17 19.17 42.31
CA GLY B 416 -7.34 18.68 42.98
C GLY B 416 -7.27 19.03 44.45
N VAL B 417 -8.35 19.50 45.04
CA VAL B 417 -8.39 19.84 46.47
C VAL B 417 -9.56 19.11 47.09
N PHE B 418 -9.28 18.33 48.14
CA PHE B 418 -10.31 17.64 48.89
C PHE B 418 -10.46 18.31 50.24
N ILE B 419 -11.67 18.76 50.54
CA ILE B 419 -11.98 19.43 51.79
C ILE B 419 -12.70 18.44 52.68
N ASN B 420 -12.14 18.18 53.88
CA ASN B 420 -12.72 17.28 54.88
C ASN B 420 -13.14 15.94 54.29
N GLY B 421 -12.22 15.32 53.56
CA GLY B 421 -12.57 14.05 52.93
C GLY B 421 -11.37 13.31 52.42
N TYR B 422 -11.65 12.19 51.73
CA TYR B 422 -10.63 11.24 51.28
C TYR B 422 -10.32 11.48 49.81
N CYS B 423 -9.06 11.79 49.51
CA CYS B 423 -8.63 12.02 48.15
C CYS B 423 -8.75 10.75 47.32
N ALA B 424 -9.21 10.89 46.08
CA ALA B 424 -9.31 9.73 45.19
C ALA B 424 -9.48 10.23 43.77
N SER B 425 -9.16 9.36 42.82
CA SER B 425 -9.52 9.61 41.43
C SER B 425 -10.91 9.03 41.17
N ASP B 426 -11.65 9.68 40.27
CA ASP B 426 -13.05 9.34 40.03
C ASP B 426 -13.41 9.78 38.63
N ALA B 427 -14.09 8.90 37.89
CA ALA B 427 -14.42 9.19 36.48
C ALA B 427 -15.17 10.50 36.30
N ARG B 428 -15.85 10.98 37.33
CA ARG B 428 -16.76 12.12 37.19
C ARG B 428 -16.08 13.47 37.35
N VAL B 429 -14.78 13.49 37.70
CA VAL B 429 -14.06 14.73 37.97
C VAL B 429 -12.69 14.68 37.31
N ALA B 430 -12.11 15.86 37.08
CA ALA B 430 -10.81 15.93 36.43
C ALA B 430 -9.71 15.39 37.32
N PHE B 431 -8.66 14.85 36.69
CA PHE B 431 -7.50 14.38 37.43
C PHE B 431 -6.22 14.83 36.72
N GLY B 432 -5.26 15.31 37.50
CA GLY B 432 -3.99 15.76 36.99
C GLY B 432 -3.57 17.04 37.71
N GLY B 433 -2.27 17.36 37.61
CA GLY B 433 -1.76 18.46 38.39
C GLY B 433 -1.04 19.58 37.65
N VAL B 434 -0.23 20.33 38.41
CA VAL B 434 0.54 21.46 37.93
C VAL B 434 1.99 21.27 38.35
N LYS B 435 2.84 22.21 37.95
CA LYS B 435 4.27 22.22 38.32
C LYS B 435 4.88 20.90 37.86
N LYS B 436 5.79 20.29 38.63
CA LYS B 436 6.44 19.08 38.14
C LYS B 436 5.54 17.84 38.22
N SER B 437 4.33 17.95 38.76
CA SER B 437 3.37 16.86 38.58
C SER B 437 2.87 16.75 37.16
N GLY B 438 3.13 17.77 36.35
CA GLY B 438 2.79 17.65 34.93
C GLY B 438 1.71 18.59 34.44
N PHE B 439 1.01 18.15 33.40
CA PHE B 439 -0.03 18.96 32.78
C PHE B 439 -0.93 18.05 31.97
N GLY B 440 -2.07 18.59 31.57
CA GLY B 440 -3.12 17.81 30.96
C GLY B 440 -4.01 17.15 32.00
N ARG B 441 -5.21 16.79 31.59
CA ARG B 441 -6.20 16.29 32.52
C ARG B 441 -6.79 14.98 32.03
N GLU B 442 -7.09 14.08 32.97
CA GLU B 442 -7.70 12.81 32.65
C GLU B 442 -9.08 12.73 33.28
N LEU B 443 -9.86 11.76 32.79
CA LEU B 443 -11.19 11.43 33.30
C LEU B 443 -12.21 12.53 32.97
N SER B 444 -13.47 12.29 33.30
CA SER B 444 -14.62 13.13 32.92
C SER B 444 -14.53 13.39 31.41
N HIS B 445 -14.98 14.57 30.97
CA HIS B 445 -14.85 14.89 29.55
C HIS B 445 -13.44 15.31 29.17
N PHE B 446 -12.59 15.64 30.15
CA PHE B 446 -11.23 16.07 29.86
C PHE B 446 -10.41 14.94 29.26
N GLY B 447 -10.48 13.74 29.86
CA GLY B 447 -9.75 12.62 29.31
C GLY B 447 -10.23 12.19 27.93
N LEU B 448 -11.49 12.47 27.60
CA LEU B 448 -12.00 12.25 26.26
C LEU B 448 -11.38 13.24 25.27
N HIS B 449 -11.39 14.52 25.65
CA HIS B 449 -11.10 15.57 24.69
C HIS B 449 -9.61 15.82 24.50
N GLU B 450 -8.77 15.41 25.46
CA GLU B 450 -7.34 15.70 25.36
C GLU B 450 -6.74 15.14 24.08
N PHE B 451 -7.24 14.01 23.59
CA PHE B 451 -6.70 13.40 22.39
C PHE B 451 -7.74 13.40 21.27
N CYS B 452 -8.54 14.46 21.22
CA CYS B 452 -9.34 14.75 20.05
C CYS B 452 -8.69 15.85 19.22
N ASN B 453 -8.98 15.80 17.92
CA ASN B 453 -8.80 16.91 17.00
C ASN B 453 -10.05 17.76 17.11
N ILE B 454 -9.97 18.87 17.85
CA ILE B 454 -11.10 19.77 17.97
C ILE B 454 -11.20 20.57 16.66
N GLN B 455 -12.30 20.40 15.93
CA GLN B 455 -12.37 20.83 14.53
C GLN B 455 -13.55 21.76 14.30
N THR B 456 -13.25 22.99 13.88
CA THR B 456 -14.28 23.92 13.45
C THR B 456 -14.77 23.53 12.06
N VAL B 457 -16.09 23.43 11.89
CA VAL B 457 -16.70 23.22 10.58
C VAL B 457 -17.68 24.35 10.34
N TRP B 458 -17.41 25.16 9.31
CA TRP B 458 -18.09 26.42 9.10
C TRP B 458 -18.59 26.45 7.66
N LYS B 459 -19.89 26.54 7.49
CA LYS B 459 -20.52 26.53 6.17
C LYS B 459 -20.89 27.95 5.75
N ASP B 460 -20.62 28.27 4.48
CA ASP B 460 -21.11 29.52 3.86
C ASP B 460 -20.56 30.76 4.55
N ARG B 461 -19.29 30.75 4.95
CA ARG B 461 -18.70 31.96 5.51
C ARG B 461 -18.37 32.89 4.35
N ILE B 462 -19.32 33.76 4.01
CA ILE B 462 -19.19 34.69 2.88
C ILE B 462 -19.70 36.07 3.27
N ILE C 3 -26.90 -15.02 2.49
CA ILE C 3 -26.17 -14.76 1.22
C ILE C 3 -25.65 -16.08 0.66
N THR C 4 -25.43 -16.14 -0.65
CA THR C 4 -25.01 -17.40 -1.32
C THR C 4 -23.93 -17.06 -2.36
N PRO C 5 -23.14 -18.03 -2.84
CA PRO C 5 -22.16 -17.79 -3.90
C PRO C 5 -22.85 -17.39 -5.19
N ALA C 6 -24.17 -17.50 -5.21
CA ALA C 6 -24.91 -17.15 -6.43
C ALA C 6 -24.97 -15.63 -6.58
N THR C 7 -24.71 -14.92 -5.50
CA THR C 7 -24.83 -13.44 -5.55
C THR C 7 -23.58 -12.79 -4.99
N HIS C 8 -22.80 -13.52 -4.21
CA HIS C 8 -21.65 -12.80 -3.59
C HIS C 8 -20.39 -13.59 -3.30
N ALA C 9 -19.25 -12.93 -3.40
CA ALA C 9 -18.01 -13.47 -2.86
C ALA C 9 -18.08 -13.39 -1.34
N ILE C 10 -17.63 -14.47 -0.68
CA ILE C 10 -17.80 -14.61 0.76
C ILE C 10 -16.47 -15.02 1.36
N SER C 11 -16.03 -14.30 2.38
CA SER C 11 -14.84 -14.66 3.16
C SER C 11 -15.27 -15.24 4.50
N ILE C 12 -14.63 -16.35 4.88
CA ILE C 12 -14.87 -17.00 6.16
C ILE C 12 -13.51 -17.37 6.73
N ASN C 13 -13.29 -17.05 8.00
CA ASN C 13 -12.06 -17.46 8.66
C ASN C 13 -12.10 -18.97 8.87
N PRO C 14 -11.25 -19.76 8.19
CA PRO C 14 -11.32 -21.23 8.35
C PRO C 14 -10.85 -21.72 9.71
N ALA C 15 -10.19 -20.88 10.51
CA ALA C 15 -9.75 -21.30 11.83
C ALA C 15 -10.89 -21.27 12.84
N THR C 16 -11.88 -20.41 12.62
CA THR C 16 -12.98 -20.20 13.56
C THR C 16 -14.36 -20.44 12.96
N GLY C 17 -14.49 -20.43 11.64
CA GLY C 17 -15.79 -20.57 11.02
C GLY C 17 -16.60 -19.29 10.94
N GLU C 18 -16.02 -18.17 11.34
CA GLU C 18 -16.75 -16.89 11.38
C GLU C 18 -16.80 -16.23 10.00
N GLN C 19 -17.97 -15.72 9.60
CA GLN C 19 -18.07 -14.96 8.37
C GLN C 19 -17.34 -13.63 8.53
N LEU C 20 -16.52 -13.29 7.55
CA LEU C 20 -15.70 -12.08 7.60
C LEU C 20 -16.27 -10.95 6.75
N SER C 21 -16.79 -11.25 5.57
CA SER C 21 -17.19 -10.21 4.62
C SER C 21 -17.91 -10.86 3.45
N VAL C 22 -18.72 -10.05 2.78
CA VAL C 22 -19.38 -10.46 1.54
C VAL C 22 -19.20 -9.32 0.55
N LEU C 23 -19.21 -9.66 -0.74
CA LEU C 23 -19.03 -8.68 -1.80
C LEU C 23 -19.82 -9.13 -3.02
N PRO C 24 -20.80 -8.35 -3.46
CA PRO C 24 -21.65 -8.79 -4.56
C PRO C 24 -20.88 -8.84 -5.87
N TRP C 25 -21.29 -9.77 -6.74
CA TRP C 25 -20.66 -9.89 -8.05
C TRP C 25 -20.77 -8.59 -8.83
N ALA C 26 -19.73 -8.29 -9.59
CA ALA C 26 -19.71 -7.12 -10.45
C ALA C 26 -20.87 -7.14 -11.44
N GLY C 27 -21.55 -6.00 -11.58
CA GLY C 27 -22.61 -5.87 -12.55
C GLY C 27 -22.10 -5.43 -13.91
N ALA C 28 -23.04 -5.28 -14.85
CA ALA C 28 -22.66 -4.91 -16.20
C ALA C 28 -21.94 -3.56 -16.25
N ASP C 29 -22.41 -2.60 -15.45
CA ASP C 29 -21.75 -1.29 -15.42
C ASP C 29 -20.35 -1.38 -14.82
N ASP C 30 -20.17 -2.23 -13.80
CA ASP C 30 -18.86 -2.43 -13.19
C ASP C 30 -17.87 -2.98 -14.20
N ILE C 31 -18.28 -4.01 -14.94
CA ILE C 31 -17.39 -4.64 -15.92
C ILE C 31 -16.99 -3.63 -16.99
N GLU C 32 -17.98 -2.95 -17.59
CA GLU C 32 -17.67 -1.95 -18.60
C GLU C 32 -16.71 -0.89 -18.06
N ASN C 33 -16.92 -0.44 -16.83
CA ASN C 33 -16.05 0.57 -16.25
C ASN C 33 -14.63 0.06 -16.10
N ALA C 34 -14.47 -1.17 -15.59
CA ALA C 34 -13.13 -1.74 -15.46
C ALA C 34 -12.45 -1.86 -16.82
N LEU C 35 -13.20 -2.26 -17.84
CA LEU C 35 -12.62 -2.40 -19.17
C LEU C 35 -12.25 -1.04 -19.76
N GLN C 36 -13.06 0.00 -19.50
CA GLN C 36 -12.70 1.33 -19.98
C GLN C 36 -11.45 1.85 -19.28
N LEU C 37 -11.35 1.65 -17.96
CA LEU C 37 -10.15 2.03 -17.24
C LEU C 37 -8.93 1.29 -17.75
N ALA C 38 -9.07 -0.02 -17.96
CA ALA C 38 -7.93 -0.82 -18.42
C ALA C 38 -7.47 -0.36 -19.80
N ALA C 39 -8.42 -0.13 -20.71
CA ALA C 39 -8.06 0.32 -22.06
C ALA C 39 -7.36 1.67 -22.00
N ALA C 40 -7.91 2.60 -21.23
CA ALA C 40 -7.28 3.92 -21.11
C ALA C 40 -5.93 3.82 -20.43
N GLY C 41 -5.82 2.98 -19.40
CA GLY C 41 -4.57 2.86 -18.68
C GLY C 41 -3.46 2.27 -19.52
N PHE C 42 -3.76 1.21 -20.27
CA PHE C 42 -2.76 0.62 -21.16
C PHE C 42 -2.32 1.62 -22.24
N ARG C 43 -3.27 2.38 -22.79
CA ARG C 43 -2.93 3.32 -23.85
C ARG C 43 -1.82 4.27 -23.43
N ASP C 44 -1.86 4.75 -22.18
CA ASP C 44 -0.79 5.61 -21.65
C ASP C 44 0.41 4.81 -21.18
N TRP C 45 0.18 3.72 -20.44
CA TRP C 45 1.27 2.96 -19.85
C TRP C 45 2.25 2.44 -20.90
N ARG C 46 1.74 2.01 -22.06
CA ARG C 46 2.61 1.45 -23.09
C ARG C 46 3.57 2.49 -23.64
N GLU C 47 3.32 3.78 -23.39
CA GLU C 47 4.15 4.86 -23.88
C GLU C 47 5.25 5.26 -22.90
N THR C 48 5.27 4.69 -21.70
CA THR C 48 6.27 5.05 -20.70
C THR C 48 7.62 4.41 -21.03
N ASN C 49 8.64 4.96 -20.40
CA ASN C 49 10.02 4.42 -20.56
C ASN C 49 10.21 3.24 -19.62
N ILE C 50 11.00 2.27 -20.04
CA ILE C 50 11.20 1.06 -19.24
C ILE C 50 11.81 1.40 -17.88
N ASP C 51 12.72 2.38 -17.85
CA ASP C 51 13.36 2.73 -16.58
C ASP C 51 12.37 3.41 -15.63
N TYR C 52 11.43 4.20 -16.15
CA TYR C 52 10.36 4.69 -15.30
C TYR C 52 9.56 3.52 -14.71
N ARG C 53 9.18 2.56 -15.55
CA ARG C 53 8.40 1.44 -15.05
C ARG C 53 9.18 0.64 -14.01
N ALA C 54 10.50 0.52 -14.17
CA ALA C 54 11.31 -0.19 -13.18
C ALA C 54 11.29 0.55 -11.84
N GLU C 55 11.38 1.88 -11.87
CA GLU C 55 11.29 2.63 -10.62
C GLU C 55 9.93 2.44 -9.97
N LYS C 56 8.87 2.34 -10.77
CA LYS C 56 7.54 2.09 -10.21
C LYS C 56 7.44 0.70 -9.59
N LEU C 57 8.14 -0.29 -10.13
CA LEU C 57 8.23 -1.58 -9.46
C LEU C 57 8.85 -1.44 -8.07
N ARG C 58 9.93 -0.66 -7.96
CA ARG C 58 10.50 -0.38 -6.65
C ARG C 58 9.48 0.27 -5.72
N ASP C 59 8.67 1.18 -6.26
CA ASP C 59 7.62 1.79 -5.44
C ASP C 59 6.61 0.76 -4.96
N ILE C 60 6.27 -0.23 -5.80
CA ILE C 60 5.38 -1.30 -5.36
C ILE C 60 5.99 -2.05 -4.18
N GLY C 61 7.27 -2.42 -4.31
CA GLY C 61 7.93 -3.11 -3.21
C GLY C 61 7.93 -2.29 -1.93
N LYS C 62 8.18 -0.98 -2.06
CA LYS C 62 8.15 -0.11 -0.90
C LYS C 62 6.75 -0.07 -0.28
N ALA C 63 5.74 0.16 -1.12
CA ALA C 63 4.36 0.21 -0.63
C ALA C 63 3.95 -1.11 0.05
N LEU C 64 4.48 -2.23 -0.44
CA LEU C 64 4.08 -3.54 0.09
C LEU C 64 4.72 -3.79 1.45
N ARG C 65 6.01 -3.49 1.58
CA ARG C 65 6.68 -3.68 2.86
C ARG C 65 6.08 -2.77 3.92
N ALA C 66 5.55 -1.60 3.52
CA ALA C 66 4.94 -0.67 4.45
C ALA C 66 3.59 -1.17 4.96
N ARG C 67 2.95 -2.10 4.26
CA ARG C 67 1.72 -2.72 4.73
C ARG C 67 1.89 -4.22 4.98
N SER C 68 3.13 -4.66 5.25
CA SER C 68 3.42 -6.09 5.28
C SER C 68 2.62 -6.83 6.35
N GLU C 69 2.52 -6.25 7.55
CA GLU C 69 1.82 -6.96 8.62
C GLU C 69 0.32 -6.92 8.41
N GLU C 70 -0.19 -5.80 7.90
CA GLU C 70 -1.61 -5.74 7.55
C GLU C 70 -1.95 -6.77 6.48
N MET C 71 -1.09 -6.88 5.46
CA MET C 71 -1.31 -7.87 4.39
C MET C 71 -1.23 -9.29 4.96
N ALA C 72 -0.18 -9.59 5.73
CA ALA C 72 -0.01 -10.95 6.24
C ALA C 72 -1.17 -11.38 7.14
N GLN C 73 -1.65 -10.47 7.99
CA GLN C 73 -2.77 -10.81 8.86
C GLN C 73 -4.02 -11.11 8.05
N MET C 74 -4.22 -10.38 6.95
CA MET C 74 -5.40 -10.62 6.12
C MET C 74 -5.27 -11.95 5.39
N ILE C 75 -4.08 -12.28 4.89
CA ILE C 75 -3.87 -13.58 4.27
C ILE C 75 -4.21 -14.70 5.25
N THR C 76 -3.65 -14.62 6.45
CA THR C 76 -3.88 -15.64 7.47
C THR C 76 -5.35 -15.70 7.87
N ARG C 77 -5.99 -14.53 8.02
CA ARG C 77 -7.38 -14.50 8.45
C ARG C 77 -8.31 -15.11 7.42
N GLU C 78 -8.09 -14.82 6.14
CA GLU C 78 -9.04 -15.26 5.12
C GLU C 78 -8.83 -16.71 4.69
N MET C 79 -7.59 -17.22 4.70
CA MET C 79 -7.42 -18.59 4.21
C MET C 79 -6.56 -19.49 5.09
N GLY C 80 -6.16 -19.05 6.29
CA GLY C 80 -5.67 -19.97 7.32
C GLY C 80 -4.18 -20.23 7.36
N LYS C 81 -3.40 -19.58 6.49
CA LYS C 81 -1.96 -19.80 6.43
C LYS C 81 -1.30 -19.37 7.74
N PRO C 82 -0.36 -20.18 8.27
CA PRO C 82 0.41 -19.74 9.44
C PRO C 82 1.04 -18.37 9.21
N ILE C 83 0.99 -17.52 10.25
CA ILE C 83 1.23 -16.09 10.04
C ILE C 83 2.64 -15.85 9.52
N ASN C 84 3.62 -16.65 9.97
CA ASN C 84 4.98 -16.45 9.48
C ASN C 84 5.15 -16.89 8.03
N GLN C 85 4.36 -17.86 7.56
CA GLN C 85 4.35 -18.14 6.12
C GLN C 85 3.69 -17.01 5.33
N ALA C 86 2.67 -16.37 5.91
CA ALA C 86 2.06 -15.20 5.28
C ALA C 86 3.04 -14.03 5.24
N ARG C 87 3.84 -13.84 6.30
CA ARG C 87 4.86 -12.80 6.29
C ARG C 87 5.93 -13.10 5.25
N ALA C 88 6.33 -14.37 5.14
CA ALA C 88 7.31 -14.75 4.12
C ALA C 88 6.76 -14.53 2.71
N GLU C 89 5.47 -14.76 2.51
CA GLU C 89 4.86 -14.48 1.22
C GLU C 89 4.95 -13.00 0.87
N VAL C 90 4.73 -12.13 1.85
CA VAL C 90 4.86 -10.69 1.60
C VAL C 90 6.30 -10.34 1.23
N ALA C 91 7.25 -10.84 2.02
CA ALA C 91 8.66 -10.53 1.76
C ALA C 91 9.10 -11.03 0.39
N LYS C 92 8.72 -12.27 0.04
CA LYS C 92 9.06 -12.78 -1.28
C LYS C 92 8.46 -11.92 -2.38
N SER C 93 7.20 -11.52 -2.21
CA SER C 93 6.53 -10.70 -3.23
C SER C 93 7.20 -9.34 -3.38
N ALA C 94 7.62 -8.74 -2.25
CA ALA C 94 8.27 -7.44 -2.31
C ALA C 94 9.66 -7.55 -2.93
N ASN C 95 10.39 -8.61 -2.59
CA ASN C 95 11.69 -8.84 -3.22
C ASN C 95 11.56 -9.05 -4.72
N LEU C 96 10.48 -9.70 -5.16
CA LEU C 96 10.26 -9.90 -6.59
C LEU C 96 10.17 -8.57 -7.34
N CYS C 97 9.54 -7.57 -6.72
CA CYS C 97 9.48 -6.24 -7.30
C CYS C 97 10.86 -5.67 -7.53
N ASP C 98 11.71 -5.73 -6.51
CA ASP C 98 13.08 -5.23 -6.61
C ASP C 98 13.90 -6.04 -7.60
N TRP C 99 13.67 -7.35 -7.66
CA TRP C 99 14.48 -8.17 -8.55
C TRP C 99 14.17 -7.85 -10.01
N TYR C 100 12.89 -7.71 -10.35
CA TYR C 100 12.55 -7.37 -11.72
C TYR C 100 12.94 -5.93 -12.06
N ALA C 101 12.83 -5.01 -11.09
CA ALA C 101 13.31 -3.65 -11.34
C ALA C 101 14.77 -3.64 -11.75
N GLU C 102 15.58 -4.49 -11.13
CA GLU C 102 17.02 -4.54 -11.40
C GLU C 102 17.34 -5.30 -12.68
N HIS C 103 16.72 -6.46 -12.89
CA HIS C 103 17.12 -7.36 -13.96
C HIS C 103 16.17 -7.36 -15.14
N GLY C 104 14.92 -6.92 -14.96
CA GLY C 104 13.92 -6.94 -15.99
C GLY C 104 14.22 -6.09 -17.22
N PRO C 105 14.65 -4.84 -17.03
CA PRO C 105 14.88 -3.98 -18.21
C PRO C 105 15.82 -4.60 -19.24
N ALA C 106 16.92 -5.21 -18.80
CA ALA C 106 17.86 -5.82 -19.76
C ALA C 106 17.22 -6.98 -20.49
N MET C 107 16.32 -7.72 -19.83
CA MET C 107 15.60 -8.81 -20.48
C MET C 107 14.61 -8.33 -21.54
N LEU C 108 14.27 -7.04 -21.55
CA LEU C 108 13.35 -6.50 -22.55
C LEU C 108 14.06 -5.70 -23.64
N LYS C 109 15.39 -5.70 -23.62
CA LYS C 109 16.17 -5.01 -24.66
C LYS C 109 15.98 -5.71 -26.02
N ALA C 110 16.10 -4.94 -27.10
CA ALA C 110 15.95 -5.52 -28.42
C ALA C 110 17.05 -6.55 -28.69
N GLU C 111 16.67 -7.64 -29.36
CA GLU C 111 17.56 -8.73 -29.73
C GLU C 111 18.21 -8.45 -31.07
N PRO C 112 19.54 -8.53 -31.19
CA PRO C 112 20.14 -8.61 -32.53
C PRO C 112 19.78 -9.92 -33.19
N THR C 113 19.95 -9.96 -34.52
CA THR C 113 19.70 -11.16 -35.30
C THR C 113 20.91 -11.42 -36.19
N LEU C 114 20.89 -12.58 -36.83
CA LEU C 114 21.93 -12.96 -37.78
C LEU C 114 21.78 -12.32 -39.16
N VAL C 115 20.78 -11.47 -39.36
CA VAL C 115 20.62 -10.82 -40.66
C VAL C 115 21.76 -9.84 -40.88
N GLU C 116 22.27 -9.78 -42.11
CA GLU C 116 23.43 -8.97 -42.46
C GLU C 116 23.12 -7.47 -42.32
N ASN C 117 24.20 -6.68 -42.21
CA ASN C 117 24.14 -5.22 -42.30
C ASN C 117 23.24 -4.62 -41.23
N GLN C 118 23.19 -5.20 -40.02
CA GLN C 118 22.40 -4.61 -38.90
C GLN C 118 20.97 -4.33 -39.32
N GLN C 119 20.37 -5.16 -40.16
CA GLN C 119 19.08 -4.79 -40.71
C GLN C 119 17.91 -5.08 -39.78
N ALA C 120 18.00 -6.15 -38.96
CA ALA C 120 16.83 -6.66 -38.25
C ALA C 120 17.12 -6.84 -36.77
N VAL C 121 16.17 -6.41 -35.94
CA VAL C 121 16.19 -6.71 -34.52
C VAL C 121 14.84 -7.27 -34.12
N ILE C 122 14.81 -7.93 -32.97
CA ILE C 122 13.57 -8.38 -32.35
C ILE C 122 13.25 -7.44 -31.18
N GLU C 123 12.04 -6.87 -31.18
CA GLU C 123 11.62 -5.98 -30.12
C GLU C 123 10.50 -6.62 -29.30
N TYR C 124 10.48 -6.32 -28.00
CA TYR C 124 9.48 -6.87 -27.08
C TYR C 124 8.46 -5.78 -26.78
N ARG C 125 7.36 -5.82 -27.47
CA ARG C 125 6.29 -4.84 -27.31
C ARG C 125 5.22 -5.38 -26.36
N PRO C 126 4.54 -4.49 -25.64
CA PRO C 126 3.39 -4.93 -24.85
C PRO C 126 2.26 -5.40 -25.76
N LEU C 127 1.42 -6.26 -25.19
CA LEU C 127 0.27 -6.83 -25.88
C LEU C 127 -1.02 -6.07 -25.59
N GLY C 128 -1.22 -5.65 -24.35
CA GLY C 128 -2.44 -4.98 -23.94
C GLY C 128 -2.76 -5.33 -22.49
N THR C 129 -4.04 -5.43 -22.20
CA THR C 129 -4.47 -5.77 -20.83
C THR C 129 -4.58 -7.28 -20.70
N ILE C 130 -3.91 -7.84 -19.69
CA ILE C 130 -3.93 -9.27 -19.42
C ILE C 130 -4.94 -9.53 -18.32
N LEU C 131 -5.92 -10.39 -18.60
CA LEU C 131 -6.88 -10.82 -17.60
C LEU C 131 -6.26 -11.96 -16.80
N ALA C 132 -6.24 -11.83 -15.47
CA ALA C 132 -5.65 -12.84 -14.60
C ALA C 132 -6.70 -13.45 -13.69
N ILE C 133 -6.80 -14.78 -13.72
CA ILE C 133 -7.74 -15.53 -12.90
C ILE C 133 -6.89 -16.27 -11.87
N MET C 134 -7.02 -15.91 -10.60
CA MET C 134 -6.08 -16.36 -9.58
C MET C 134 -6.75 -17.10 -8.41
N PRO C 135 -5.97 -17.92 -7.67
CA PRO C 135 -6.54 -18.72 -6.57
C PRO C 135 -6.18 -18.19 -5.20
N TRP C 136 -6.69 -18.87 -4.16
CA TRP C 136 -6.60 -18.41 -2.77
C TRP C 136 -5.38 -18.92 -2.01
N ASN C 137 -4.56 -19.81 -2.57
CA ASN C 137 -3.55 -20.46 -1.72
C ASN C 137 -2.34 -19.57 -1.44
N PHE C 138 -1.98 -18.69 -2.38
CA PHE C 138 -1.02 -17.60 -2.12
C PHE C 138 -1.70 -16.32 -2.62
N PRO C 139 -2.55 -15.71 -1.80
CA PRO C 139 -3.40 -14.61 -2.32
C PRO C 139 -2.60 -13.44 -2.85
N LEU C 140 -1.40 -13.22 -2.33
CA LEU C 140 -0.53 -12.14 -2.77
C LEU C 140 0.50 -12.61 -3.79
N TRP C 141 1.24 -13.68 -3.47
CA TRP C 141 2.32 -14.10 -4.37
C TRP C 141 1.79 -14.53 -5.74
N GLN C 142 0.63 -15.20 -5.79
CA GLN C 142 0.08 -15.62 -7.09
C GLN C 142 -0.17 -14.40 -7.98
N VAL C 143 -0.65 -13.31 -7.39
CA VAL C 143 -0.93 -12.10 -8.15
C VAL C 143 0.37 -11.43 -8.59
N MET C 144 1.29 -11.24 -7.63
CA MET C 144 2.51 -10.51 -7.93
C MET C 144 3.41 -11.27 -8.89
N ARG C 145 3.42 -12.60 -8.85
CA ARG C 145 4.31 -13.41 -9.71
C ARG C 145 4.07 -13.05 -11.18
N GLY C 146 2.81 -12.89 -11.56
CA GLY C 146 2.50 -12.44 -12.91
C GLY C 146 2.43 -10.94 -13.06
N ALA C 147 1.81 -10.23 -12.11
CA ALA C 147 1.53 -8.82 -12.30
C ALA C 147 2.81 -8.01 -12.46
N VAL C 148 3.85 -8.33 -11.69
CA VAL C 148 5.07 -7.55 -11.71
C VAL C 148 5.73 -7.61 -13.09
N PRO C 149 6.07 -8.77 -13.65
CA PRO C 149 6.66 -8.76 -14.99
C PRO C 149 5.69 -8.30 -16.07
N ILE C 150 4.40 -8.62 -15.93
CA ILE C 150 3.44 -8.22 -16.96
C ILE C 150 3.41 -6.69 -17.07
N ILE C 151 3.36 -6.00 -15.94
CA ILE C 151 3.29 -4.54 -15.96
C ILE C 151 4.64 -3.93 -16.39
N LEU C 152 5.75 -4.56 -16.00
CA LEU C 152 7.05 -4.04 -16.42
C LEU C 152 7.18 -4.07 -17.94
N ALA C 153 6.61 -5.09 -18.59
CA ALA C 153 6.62 -5.22 -20.03
C ALA C 153 5.75 -4.20 -20.73
N GLY C 154 5.01 -3.38 -19.98
CA GLY C 154 4.18 -2.35 -20.55
C GLY C 154 2.74 -2.76 -20.73
N ASN C 155 2.35 -3.94 -20.27
CA ASN C 155 0.97 -4.38 -20.28
C ASN C 155 0.19 -3.79 -19.11
N GLY C 156 -1.14 -3.89 -19.19
CA GLY C 156 -1.99 -3.79 -18.04
C GLY C 156 -2.31 -5.17 -17.48
N TYR C 157 -2.83 -5.17 -16.25
CA TYR C 157 -3.17 -6.39 -15.51
C TYR C 157 -4.53 -6.19 -14.86
N LEU C 158 -5.46 -7.09 -15.12
CA LEU C 158 -6.82 -7.01 -14.59
C LEU C 158 -7.09 -8.29 -13.80
N LEU C 159 -7.18 -8.16 -12.49
CA LEU C 159 -7.24 -9.32 -11.59
C LEU C 159 -8.67 -9.74 -11.31
N LYS C 160 -8.96 -11.02 -11.50
CA LYS C 160 -10.18 -11.68 -11.00
C LYS C 160 -9.70 -12.68 -9.96
N HIS C 161 -9.77 -12.29 -8.68
CA HIS C 161 -9.22 -13.11 -7.60
C HIS C 161 -10.24 -14.13 -7.12
N ALA C 162 -9.76 -15.10 -6.33
CA ALA C 162 -10.64 -16.12 -5.78
C ALA C 162 -11.69 -15.48 -4.87
N PRO C 163 -12.93 -15.95 -4.90
CA PRO C 163 -14.00 -15.26 -4.15
C PRO C 163 -13.86 -15.34 -2.63
N ASN C 164 -12.96 -16.16 -2.09
CA ASN C 164 -12.75 -16.22 -0.65
C ASN C 164 -11.59 -15.37 -0.16
N VAL C 165 -10.95 -14.58 -1.04
CA VAL C 165 -9.86 -13.71 -0.61
C VAL C 165 -10.03 -12.30 -1.14
N MET C 166 -11.26 -11.79 -1.15
CA MET C 166 -11.45 -10.43 -1.67
C MET C 166 -10.95 -9.37 -0.69
N GLY C 167 -10.77 -9.70 0.59
CA GLY C 167 -10.07 -8.78 1.47
C GLY C 167 -8.61 -8.61 1.07
N CYS C 168 -7.94 -9.73 0.74
CA CYS C 168 -6.59 -9.64 0.19
C CYS C 168 -6.57 -8.86 -1.11
N ALA C 169 -7.55 -9.12 -1.98
CA ALA C 169 -7.60 -8.43 -3.27
C ALA C 169 -7.72 -6.93 -3.07
N GLN C 170 -8.57 -6.51 -2.13
CA GLN C 170 -8.72 -5.07 -1.88
C GLN C 170 -7.43 -4.49 -1.33
N LEU C 171 -6.73 -5.22 -0.44
CA LEU C 171 -5.47 -4.71 0.10
C LEU C 171 -4.41 -4.60 -0.99
N ILE C 172 -4.35 -5.57 -1.91
CA ILE C 172 -3.38 -5.48 -2.99
C ILE C 172 -3.64 -4.25 -3.84
N ALA C 173 -4.90 -4.01 -4.17
CA ALA C 173 -5.24 -2.81 -4.94
C ALA C 173 -4.81 -1.55 -4.21
N GLN C 174 -4.90 -1.54 -2.87
CA GLN C 174 -4.46 -0.37 -2.12
C GLN C 174 -2.95 -0.21 -2.20
N VAL C 175 -2.20 -1.32 -2.19
CA VAL C 175 -0.75 -1.24 -2.30
C VAL C 175 -0.34 -0.66 -3.64
N PHE C 176 -0.96 -1.15 -4.72
CA PHE C 176 -0.63 -0.60 -6.03
C PHE C 176 -0.99 0.87 -6.10
N LYS C 177 -2.10 1.26 -5.46
CA LYS C 177 -2.48 2.67 -5.40
C LYS C 177 -1.46 3.47 -4.61
N ASP C 178 -1.05 2.97 -3.44
CA ASP C 178 0.01 3.62 -2.66
C ASP C 178 1.29 3.80 -3.47
N ALA C 179 1.56 2.89 -4.40
CA ALA C 179 2.78 2.96 -5.20
C ALA C 179 2.67 3.93 -6.36
N GLY C 180 1.49 4.45 -6.64
CA GLY C 180 1.32 5.32 -7.79
C GLY C 180 1.12 4.60 -9.11
N ILE C 181 0.71 3.34 -9.07
CA ILE C 181 0.38 2.60 -10.30
C ILE C 181 -0.99 3.03 -10.77
N PRO C 182 -1.15 3.48 -12.03
CA PRO C 182 -2.43 4.03 -12.46
C PRO C 182 -3.56 3.01 -12.44
N GLN C 183 -4.76 3.51 -12.15
CA GLN C 183 -6.00 2.82 -12.43
C GLN C 183 -5.94 2.18 -13.82
N GLY C 184 -6.41 0.94 -13.92
CA GLY C 184 -6.39 0.32 -15.24
C GLY C 184 -5.08 -0.39 -15.57
N VAL C 185 -3.94 0.19 -15.17
CA VAL C 185 -2.68 -0.54 -15.34
C VAL C 185 -2.64 -1.73 -14.39
N TYR C 186 -2.98 -1.50 -13.12
CA TYR C 186 -3.40 -2.56 -12.22
C TYR C 186 -4.85 -2.30 -11.85
N GLY C 187 -5.72 -3.25 -12.19
CA GLY C 187 -7.12 -3.16 -11.84
C GLY C 187 -7.61 -4.51 -11.36
N TRP C 188 -8.85 -4.53 -10.86
CA TRP C 188 -9.45 -5.77 -10.38
C TRP C 188 -10.96 -5.65 -10.42
N LEU C 189 -11.62 -6.81 -10.45
CA LEU C 189 -13.07 -6.91 -10.55
C LEU C 189 -13.54 -8.12 -9.76
N ASN C 190 -14.65 -7.98 -9.03
CA ASN C 190 -15.29 -9.13 -8.39
C ASN C 190 -16.30 -9.76 -9.35
N ALA C 191 -15.78 -10.31 -10.44
CA ALA C 191 -16.62 -10.90 -11.48
C ALA C 191 -16.97 -12.35 -11.16
N ASP C 192 -18.19 -12.75 -11.54
CA ASP C 192 -18.52 -14.17 -11.52
C ASP C 192 -18.05 -14.81 -12.83
N ASN C 193 -18.32 -16.11 -12.98
CA ASN C 193 -17.82 -16.82 -14.14
C ASN C 193 -18.36 -16.24 -15.45
N ASP C 194 -19.62 -15.80 -15.45
CA ASP C 194 -20.17 -15.16 -16.64
C ASP C 194 -19.50 -13.82 -16.92
N GLY C 195 -19.17 -13.07 -15.86
CA GLY C 195 -18.43 -11.84 -16.06
C GLY C 195 -17.05 -12.10 -16.65
N VAL C 196 -16.41 -13.19 -16.24
CA VAL C 196 -15.14 -13.57 -16.85
C VAL C 196 -15.32 -13.90 -18.33
N SER C 197 -16.37 -14.67 -18.64
CA SER C 197 -16.66 -15.03 -20.03
C SER C 197 -16.85 -13.78 -20.89
N GLN C 198 -17.57 -12.80 -20.36
CA GLN C 198 -17.78 -11.56 -21.08
C GLN C 198 -16.46 -10.86 -21.35
N MET C 199 -15.57 -10.82 -20.35
CA MET C 199 -14.31 -10.10 -20.52
C MET C 199 -13.40 -10.77 -21.55
N ILE C 200 -13.36 -12.11 -21.55
CA ILE C 200 -12.52 -12.83 -22.50
C ILE C 200 -12.91 -12.49 -23.94
N LYS C 201 -14.21 -12.34 -24.19
CA LYS C 201 -14.72 -11.99 -25.51
C LYS C 201 -14.54 -10.53 -25.87
N ASP C 202 -14.21 -9.68 -24.91
CA ASP C 202 -14.14 -8.24 -25.16
C ASP C 202 -12.79 -7.86 -25.76
N SER C 203 -12.80 -6.95 -26.73
CA SER C 203 -11.57 -6.65 -27.46
C SER C 203 -10.54 -5.91 -26.61
N ARG C 204 -10.93 -5.39 -25.44
CA ARG C 204 -9.97 -4.72 -24.58
C ARG C 204 -9.20 -5.69 -23.67
N ILE C 205 -9.47 -6.98 -23.76
CA ILE C 205 -8.65 -7.99 -23.11
C ILE C 205 -7.80 -8.65 -24.19
N ALA C 206 -6.46 -8.55 -24.06
CA ALA C 206 -5.52 -9.07 -25.05
C ALA C 206 -5.17 -10.54 -24.86
N ALA C 207 -5.09 -11.01 -23.62
CA ALA C 207 -4.64 -12.36 -23.30
C ALA C 207 -5.11 -12.69 -21.87
N VAL C 208 -4.95 -13.96 -21.49
CA VAL C 208 -5.46 -14.46 -20.22
C VAL C 208 -4.41 -15.32 -19.52
N THR C 209 -4.32 -15.20 -18.20
CA THR C 209 -3.49 -16.11 -17.43
C THR C 209 -4.33 -16.67 -16.29
N VAL C 210 -4.19 -17.98 -16.04
CA VAL C 210 -5.03 -18.71 -15.09
C VAL C 210 -4.14 -19.56 -14.19
N THR C 211 -4.31 -19.43 -12.88
CA THR C 211 -3.74 -20.37 -11.93
C THR C 211 -4.89 -20.93 -11.11
N GLY C 212 -5.08 -22.25 -11.18
CA GLY C 212 -6.23 -22.82 -10.52
C GLY C 212 -6.37 -24.29 -10.78
N SER C 213 -7.60 -24.78 -10.82
CA SER C 213 -7.82 -26.20 -11.01
C SER C 213 -7.75 -26.55 -12.50
N VAL C 214 -7.61 -27.85 -12.77
CA VAL C 214 -7.66 -28.36 -14.13
C VAL C 214 -8.99 -28.01 -14.78
N ARG C 215 -10.09 -28.14 -14.04
CA ARG C 215 -11.40 -27.82 -14.56
C ARG C 215 -11.50 -26.33 -14.93
N ALA C 216 -10.96 -25.46 -14.08
CA ALA C 216 -10.96 -24.04 -14.39
C ALA C 216 -10.12 -23.73 -15.62
N GLY C 217 -8.95 -24.37 -15.72
CA GLY C 217 -8.09 -24.13 -16.89
C GLY C 217 -8.75 -24.56 -18.18
N ALA C 218 -9.45 -25.69 -18.17
CA ALA C 218 -10.09 -26.16 -19.40
C ALA C 218 -11.24 -25.24 -19.79
N ALA C 219 -12.06 -24.82 -18.81
CA ALA C 219 -13.18 -23.92 -19.12
C ALA C 219 -12.69 -22.58 -19.63
N ILE C 220 -11.66 -22.02 -19.00
CA ILE C 220 -11.18 -20.70 -19.42
C ILE C 220 -10.33 -20.83 -20.68
N GLY C 221 -9.47 -21.84 -20.76
CA GLY C 221 -8.64 -22.01 -21.95
C GLY C 221 -9.47 -22.17 -23.21
N ALA C 222 -10.59 -22.87 -23.11
CA ALA C 222 -11.45 -23.04 -24.29
C ALA C 222 -12.04 -21.72 -24.76
N GLN C 223 -12.42 -20.87 -23.80
CA GLN C 223 -12.96 -19.55 -24.14
C GLN C 223 -11.88 -18.65 -24.72
N ALA C 224 -10.66 -18.70 -24.16
CA ALA C 224 -9.57 -17.90 -24.71
C ALA C 224 -9.24 -18.31 -26.14
N GLY C 225 -9.15 -19.63 -26.38
CA GLY C 225 -8.92 -20.08 -27.74
C GLY C 225 -10.02 -19.66 -28.70
N ALA C 226 -11.28 -19.74 -28.26
CA ALA C 226 -12.40 -19.35 -29.12
C ALA C 226 -12.34 -17.86 -29.48
N ALA C 227 -11.87 -17.04 -28.56
CA ALA C 227 -11.74 -15.60 -28.76
C ALA C 227 -10.39 -15.22 -29.36
N LEU C 228 -9.56 -16.20 -29.68
CA LEU C 228 -8.24 -15.98 -30.29
C LEU C 228 -7.34 -15.17 -29.36
N LYS C 229 -7.44 -15.45 -28.06
CA LYS C 229 -6.61 -14.85 -27.03
C LYS C 229 -5.62 -15.89 -26.52
N LYS C 230 -4.33 -15.55 -26.51
CA LYS C 230 -3.34 -16.44 -25.92
C LYS C 230 -3.60 -16.60 -24.44
N CYS C 231 -3.36 -17.80 -23.91
CA CYS C 231 -3.46 -18.00 -22.48
C CYS C 231 -2.23 -18.72 -21.96
N VAL C 232 -1.99 -18.53 -20.66
CA VAL C 232 -1.03 -19.31 -19.90
C VAL C 232 -1.82 -19.98 -18.79
N LEU C 233 -1.62 -21.27 -18.59
CA LEU C 233 -2.38 -22.03 -17.61
C LEU C 233 -1.43 -22.74 -16.68
N GLU C 234 -1.62 -22.55 -15.36
CA GLU C 234 -0.87 -23.33 -14.33
C GLU C 234 -1.95 -23.99 -13.48
N LEU C 235 -2.15 -25.30 -13.66
CA LEU C 235 -3.35 -25.95 -13.07
C LEU C 235 -3.06 -27.00 -12.00
N GLY C 236 -2.02 -26.78 -11.20
CA GLY C 236 -1.76 -27.69 -10.10
C GLY C 236 -0.84 -28.81 -10.51
N GLY C 237 -0.58 -29.70 -9.57
CA GLY C 237 0.37 -30.75 -9.83
C GLY C 237 0.13 -31.93 -8.91
N SER C 238 0.88 -32.99 -9.17
CA SER C 238 0.99 -34.11 -8.25
C SER C 238 2.46 -34.51 -8.30
N ASP C 239 3.31 -33.62 -7.78
CA ASP C 239 4.74 -33.74 -7.99
C ASP C 239 5.29 -35.01 -7.35
N PRO C 240 6.08 -35.80 -8.07
CA PRO C 240 6.80 -36.92 -7.46
C PRO C 240 8.02 -36.42 -6.71
N PHE C 241 8.37 -37.17 -5.68
CA PHE C 241 9.53 -36.90 -4.81
C PHE C 241 10.25 -38.24 -4.72
N ILE C 242 11.34 -38.39 -5.47
CA ILE C 242 12.03 -39.66 -5.64
C ILE C 242 13.20 -39.74 -4.68
N VAL C 243 13.27 -40.81 -3.91
CA VAL C 243 14.39 -41.08 -3.01
C VAL C 243 14.99 -42.42 -3.40
N LEU C 244 16.26 -42.42 -3.79
CA LEU C 244 16.97 -43.64 -4.13
C LEU C 244 17.80 -44.10 -2.93
N ASN C 245 18.31 -45.34 -3.03
CA ASN C 245 18.97 -45.98 -1.90
C ASN C 245 20.19 -45.20 -1.41
N ASP C 246 20.87 -44.47 -2.30
CA ASP C 246 22.08 -43.77 -1.94
C ASP C 246 21.82 -42.33 -1.50
N ALA C 247 20.58 -41.97 -1.22
CA ALA C 247 20.24 -40.60 -0.86
C ALA C 247 20.74 -40.23 0.54
N ASP C 248 20.95 -38.94 0.73
CA ASP C 248 21.06 -38.36 2.06
C ASP C 248 19.67 -38.44 2.70
N LEU C 249 19.44 -39.51 3.48
CA LEU C 249 18.09 -39.80 3.95
C LEU C 249 17.57 -38.71 4.87
N GLU C 250 18.42 -38.19 5.74
CA GLU C 250 17.93 -37.17 6.71
C GLU C 250 17.50 -35.91 5.96
N LEU C 251 18.33 -35.45 5.01
CA LEU C 251 17.95 -34.26 4.23
C LEU C 251 16.72 -34.56 3.38
N ALA C 252 16.65 -35.76 2.80
CA ALA C 252 15.49 -36.16 1.99
C ALA C 252 14.21 -36.09 2.81
N VAL C 253 14.22 -36.60 4.04
CA VAL C 253 13.03 -36.56 4.88
C VAL C 253 12.66 -35.12 5.22
N LYS C 254 13.65 -34.27 5.55
CA LYS C 254 13.37 -32.87 5.86
C LYS C 254 12.76 -32.17 4.65
N ALA C 255 13.35 -32.36 3.47
CA ALA C 255 12.79 -31.75 2.27
C ALA C 255 11.44 -32.35 1.94
N ALA C 256 11.25 -33.64 2.24
CA ALA C 256 9.96 -34.27 1.96
C ALA C 256 8.86 -33.68 2.82
N VAL C 257 9.13 -33.49 4.12
CA VAL C 257 8.13 -32.94 5.02
C VAL C 257 7.83 -31.48 4.67
N ALA C 258 8.87 -30.68 4.45
CA ALA C 258 8.65 -29.31 4.03
C ALA C 258 7.86 -29.24 2.72
N GLY C 259 8.20 -30.11 1.76
CA GLY C 259 7.54 -30.06 0.46
C GLY C 259 6.08 -30.43 0.52
N ARG C 260 5.73 -31.40 1.37
CA ARG C 260 4.34 -31.85 1.43
C ARG C 260 3.50 -30.90 2.29
N TYR C 261 4.05 -30.40 3.39
CA TYR C 261 3.21 -29.78 4.41
C TYR C 261 3.32 -28.26 4.48
N ARG C 262 4.17 -27.64 3.67
CA ARG C 262 4.16 -26.20 3.59
C ARG C 262 2.79 -25.71 3.13
N ASN C 263 2.37 -24.57 3.66
CA ASN C 263 1.03 -24.00 3.41
C ASN C 263 -0.07 -25.03 3.62
N THR C 264 0.08 -25.84 4.67
CA THR C 264 -0.87 -26.91 5.01
C THR C 264 -1.18 -27.78 3.79
N GLY C 265 -0.14 -28.05 2.99
CA GLY C 265 -0.24 -28.91 1.83
C GLY C 265 -0.82 -28.27 0.58
N GLN C 266 -1.28 -27.02 0.66
CA GLN C 266 -2.07 -26.42 -0.42
C GLN C 266 -1.14 -25.67 -1.39
N VAL C 267 -0.30 -26.45 -2.07
CA VAL C 267 0.69 -25.88 -3.00
C VAL C 267 0.66 -26.68 -4.31
N CYS C 268 0.57 -25.97 -5.43
CA CYS C 268 0.58 -26.62 -6.74
C CYS C 268 1.79 -27.54 -6.88
N ALA C 269 2.96 -27.08 -6.45
CA ALA C 269 4.21 -27.80 -6.56
C ALA C 269 4.61 -28.47 -5.25
N ALA C 270 3.66 -28.78 -4.39
CA ALA C 270 3.97 -29.54 -3.20
C ALA C 270 4.50 -30.91 -3.61
N ALA C 271 5.37 -31.48 -2.77
CA ALA C 271 5.70 -32.90 -2.92
C ALA C 271 4.47 -33.71 -2.55
N LYS C 272 3.89 -34.42 -3.52
CA LYS C 272 2.64 -35.11 -3.27
C LYS C 272 2.73 -36.63 -3.38
N ARG C 273 3.60 -37.15 -4.23
CA ARG C 273 3.76 -38.60 -4.42
C ARG C 273 5.20 -38.98 -4.09
N PHE C 274 5.38 -39.60 -2.94
CA PHE C 274 6.72 -40.03 -2.52
C PHE C 274 7.01 -41.40 -3.10
N ILE C 275 8.09 -41.50 -3.87
CA ILE C 275 8.42 -42.70 -4.64
C ILE C 275 9.82 -43.12 -4.18
N ILE C 276 9.88 -44.22 -3.43
CA ILE C 276 11.05 -44.56 -2.62
C ILE C 276 11.59 -45.91 -3.07
N GLU C 277 12.88 -45.96 -3.38
CA GLU C 277 13.48 -47.23 -3.79
C GLU C 277 13.38 -48.23 -2.65
N GLU C 278 13.16 -49.50 -3.01
CA GLU C 278 12.75 -50.52 -2.04
C GLU C 278 13.72 -50.63 -0.87
N GLY C 279 15.02 -50.53 -1.13
CA GLY C 279 15.99 -50.78 -0.07
C GLY C 279 15.96 -49.74 1.04
N ILE C 280 15.53 -48.52 0.74
CA ILE C 280 15.51 -47.43 1.72
C ILE C 280 14.09 -47.08 2.16
N ALA C 281 13.11 -47.86 1.70
CA ALA C 281 11.70 -47.46 1.84
C ALA C 281 11.22 -47.57 3.28
N SER C 282 11.57 -48.65 3.98
CA SER C 282 11.20 -48.76 5.38
C SER C 282 11.81 -47.64 6.20
N ALA C 283 13.10 -47.39 6.02
CA ALA C 283 13.76 -46.31 6.76
C ALA C 283 13.17 -44.95 6.41
N PHE C 284 12.92 -44.69 5.13
CA PHE C 284 12.29 -43.41 4.76
C PHE C 284 10.93 -43.27 5.40
N THR C 285 10.11 -44.32 5.29
CA THR C 285 8.73 -44.24 5.75
C THR C 285 8.67 -44.00 7.26
N GLU C 286 9.45 -44.77 8.03
CA GLU C 286 9.42 -44.59 9.47
C GLU C 286 9.87 -43.19 9.88
N ARG C 287 10.92 -42.66 9.21
CA ARG C 287 11.41 -41.33 9.56
C ARG C 287 10.44 -40.24 9.12
N PHE C 288 9.81 -40.44 7.95
CA PHE C 288 8.87 -39.43 7.45
C PHE C 288 7.65 -39.34 8.35
N VAL C 289 7.11 -40.50 8.77
CA VAL C 289 5.98 -40.48 9.69
C VAL C 289 6.35 -39.77 10.98
N ALA C 290 7.53 -40.07 11.53
CA ALA C 290 7.95 -39.44 12.79
C ALA C 290 8.12 -37.93 12.64
N ALA C 291 8.66 -37.49 11.49
CA ALA C 291 8.85 -36.06 11.26
C ALA C 291 7.53 -35.35 11.00
N ALA C 292 6.63 -35.98 10.24
CA ALA C 292 5.31 -35.40 10.03
C ALA C 292 4.54 -35.29 11.34
N ALA C 293 4.71 -36.27 12.24
CA ALA C 293 4.00 -36.26 13.51
C ALA C 293 4.52 -35.19 14.46
N ALA C 294 5.71 -34.66 14.23
CA ALA C 294 6.24 -33.60 15.07
C ALA C 294 5.71 -32.21 14.71
N LEU C 295 4.93 -32.08 13.63
CA LEU C 295 4.44 -30.78 13.20
C LEU C 295 3.28 -30.32 14.08
N LYS C 296 3.39 -29.09 14.60
CA LYS C 296 2.31 -28.51 15.38
C LYS C 296 1.27 -27.87 14.46
N MET C 297 0.00 -28.09 14.77
CA MET C 297 -1.11 -27.56 13.98
C MET C 297 -2.13 -26.90 14.90
N GLY C 298 -2.64 -25.75 14.47
CA GLY C 298 -3.61 -25.02 15.28
C GLY C 298 -3.80 -23.60 14.74
N ASP C 299 -4.23 -22.71 15.63
CA ASP C 299 -4.48 -21.32 15.31
C ASP C 299 -3.32 -20.71 14.55
N PRO C 300 -3.52 -20.27 13.29
CA PRO C 300 -2.38 -19.79 12.49
C PRO C 300 -1.84 -18.46 12.94
N ARG C 301 -2.52 -17.76 13.84
CA ARG C 301 -1.97 -16.56 14.45
C ARG C 301 -0.93 -16.89 15.52
N ASP C 302 -0.88 -18.15 15.96
CA ASP C 302 0.10 -18.62 16.94
C ASP C 302 1.32 -19.13 16.18
N GLU C 303 2.46 -18.47 16.38
CA GLU C 303 3.65 -18.77 15.60
C GLU C 303 4.27 -20.12 15.93
N GLU C 304 3.83 -20.79 16.99
CA GLU C 304 4.36 -22.13 17.22
C GLU C 304 3.81 -23.14 16.22
N ASN C 305 2.75 -22.80 15.49
CA ASN C 305 2.07 -23.78 14.64
C ASN C 305 2.68 -23.80 13.23
N ALA C 306 3.07 -24.99 12.78
CA ALA C 306 3.60 -25.18 11.43
C ALA C 306 2.51 -25.32 10.37
N LEU C 307 1.32 -25.75 10.76
CA LEU C 307 0.18 -25.88 9.87
C LEU C 307 -1.03 -25.21 10.51
N GLY C 308 -1.94 -24.72 9.67
CA GLY C 308 -3.19 -24.17 10.12
C GLY C 308 -4.34 -25.03 9.68
N PRO C 309 -5.55 -24.47 9.70
CA PRO C 309 -6.67 -25.14 9.05
C PRO C 309 -6.49 -25.10 7.54
N MET C 310 -7.19 -26.01 6.87
CA MET C 310 -7.28 -25.86 5.42
C MET C 310 -8.20 -24.70 5.09
N ALA C 311 -8.02 -24.13 3.88
CA ALA C 311 -8.66 -22.86 3.55
C ALA C 311 -10.17 -23.00 3.38
N ARG C 312 -10.64 -24.11 2.84
CA ARG C 312 -12.03 -24.23 2.41
C ARG C 312 -12.66 -25.49 2.99
N PHE C 313 -13.78 -25.33 3.71
CA PHE C 313 -14.44 -26.45 4.35
C PHE C 313 -14.82 -27.52 3.34
N ASP C 314 -15.28 -27.12 2.16
CA ASP C 314 -15.69 -28.09 1.14
C ASP C 314 -14.48 -28.83 0.58
N LEU C 315 -13.31 -28.19 0.57
CA LEU C 315 -12.13 -28.88 0.05
C LEU C 315 -11.53 -29.83 1.09
N ARG C 316 -11.69 -29.53 2.38
CA ARG C 316 -11.36 -30.54 3.38
C ARG C 316 -12.26 -31.77 3.23
N ASP C 317 -13.56 -31.56 2.98
CA ASP C 317 -14.43 -32.70 2.76
C ASP C 317 -13.99 -33.52 1.55
N GLU C 318 -13.58 -32.85 0.49
CA GLU C 318 -13.12 -33.57 -0.72
C GLU C 318 -11.83 -34.31 -0.41
N LEU C 319 -10.89 -33.64 0.27
CA LEU C 319 -9.63 -34.29 0.61
C LEU C 319 -9.86 -35.55 1.44
N HIS C 320 -10.74 -35.46 2.43
CA HIS C 320 -10.99 -36.63 3.28
C HIS C 320 -11.65 -37.76 2.48
N HIS C 321 -12.53 -37.40 1.54
CA HIS C 321 -13.12 -38.41 0.67
C HIS C 321 -12.07 -39.09 -0.18
N GLN C 322 -11.07 -38.33 -0.66
CA GLN C 322 -9.98 -38.96 -1.41
C GLN C 322 -9.20 -39.91 -0.51
N VAL C 323 -8.96 -39.53 0.75
CA VAL C 323 -8.32 -40.42 1.71
C VAL C 323 -9.15 -41.69 1.88
N GLU C 324 -10.45 -41.53 2.14
CA GLU C 324 -11.31 -42.69 2.38
C GLU C 324 -11.32 -43.63 1.18
N LYS C 325 -11.41 -43.08 -0.04
CA LYS C 325 -11.36 -43.91 -1.23
C LYS C 325 -10.02 -44.64 -1.33
N THR C 326 -8.92 -43.94 -1.04
CA THR C 326 -7.60 -44.57 -1.16
C THR C 326 -7.43 -45.70 -0.15
N LEU C 327 -7.91 -45.51 1.07
CA LEU C 327 -7.90 -46.59 2.04
C LEU C 327 -8.77 -47.76 1.58
N ALA C 328 -9.98 -47.47 1.10
CA ALA C 328 -10.86 -48.53 0.61
C ALA C 328 -10.23 -49.30 -0.56
N GLN C 329 -9.36 -48.65 -1.33
CA GLN C 329 -8.67 -49.29 -2.45
C GLN C 329 -7.47 -50.12 -2.01
N GLY C 330 -7.05 -50.05 -0.76
CA GLY C 330 -6.01 -50.92 -0.27
C GLY C 330 -4.81 -50.28 0.40
N ALA C 331 -4.74 -48.95 0.42
CA ALA C 331 -3.63 -48.29 1.11
C ALA C 331 -3.75 -48.48 2.62
N ARG C 332 -2.66 -48.19 3.32
CA ARG C 332 -2.63 -48.25 4.78
C ARG C 332 -2.44 -46.85 5.37
N LEU C 333 -3.18 -46.56 6.43
CA LEU C 333 -3.10 -45.28 7.14
C LEU C 333 -2.00 -45.36 8.18
N LEU C 334 -1.01 -44.47 8.06
CA LEU C 334 0.08 -44.43 9.02
C LEU C 334 0.00 -43.22 9.94
N LEU C 335 -0.81 -42.23 9.62
CA LEU C 335 -0.88 -41.02 10.42
C LEU C 335 -2.09 -40.20 10.00
N GLY C 336 -2.76 -39.60 10.97
CA GLY C 336 -3.86 -38.68 10.68
C GLY C 336 -5.06 -39.38 10.05
N GLY C 337 -5.60 -38.75 9.01
CA GLY C 337 -6.66 -39.36 8.22
C GLY C 337 -8.06 -39.25 8.78
N GLU C 338 -8.34 -38.26 9.63
CA GLU C 338 -9.70 -37.98 10.07
C GLU C 338 -9.86 -36.47 10.20
N LYS C 339 -11.05 -35.96 9.89
CA LYS C 339 -11.32 -34.56 10.12
C LYS C 339 -11.34 -34.25 11.61
N MET C 340 -10.71 -33.15 12.00
CA MET C 340 -10.78 -32.71 13.38
C MET C 340 -12.15 -32.14 13.70
N ALA C 341 -12.65 -32.46 14.91
CA ALA C 341 -13.90 -31.88 15.35
C ALA C 341 -13.70 -30.42 15.72
N GLY C 342 -14.77 -29.63 15.60
CA GLY C 342 -14.75 -28.25 16.02
C GLY C 342 -15.21 -27.32 14.93
N ALA C 343 -15.20 -26.03 15.26
CA ALA C 343 -15.65 -25.00 14.34
C ALA C 343 -14.66 -24.75 13.22
N GLY C 344 -13.37 -25.03 13.45
CA GLY C 344 -12.36 -24.78 12.44
C GLY C 344 -12.24 -25.90 11.43
N ASN C 345 -11.49 -25.63 10.37
CA ASN C 345 -11.38 -26.51 9.21
C ASN C 345 -10.08 -27.31 9.23
N TYR C 346 -9.79 -28.01 10.33
CA TYR C 346 -8.50 -28.63 10.52
C TYR C 346 -8.47 -30.06 9.99
N TYR C 347 -7.40 -30.39 9.27
CA TYR C 347 -7.11 -31.76 8.86
C TYR C 347 -5.67 -32.04 9.27
N PRO C 348 -5.42 -33.10 10.04
CA PRO C 348 -4.08 -33.30 10.60
C PRO C 348 -3.10 -33.80 9.54
N PRO C 349 -1.81 -33.65 9.78
CA PRO C 349 -0.83 -34.28 8.89
C PRO C 349 -1.13 -35.76 8.75
N THR C 350 -1.17 -36.22 7.51
CA THR C 350 -1.67 -37.55 7.19
C THR C 350 -0.69 -38.25 6.28
N VAL C 351 -0.52 -39.55 6.47
CA VAL C 351 0.40 -40.34 5.67
C VAL C 351 -0.31 -41.62 5.25
N LEU C 352 -0.29 -41.89 3.94
CA LEU C 352 -0.84 -43.12 3.35
C LEU C 352 0.31 -43.91 2.74
N ALA C 353 0.39 -45.19 3.07
CA ALA C 353 1.43 -46.03 2.48
C ALA C 353 0.80 -47.13 1.65
N ASN C 354 1.65 -47.93 1.00
CA ASN C 354 1.19 -48.94 0.05
C ASN C 354 0.22 -48.33 -0.98
N VAL C 355 0.57 -47.14 -1.46
CA VAL C 355 -0.21 -46.46 -2.47
C VAL C 355 0.27 -46.95 -3.83
N THR C 356 -0.62 -47.49 -4.62
CA THR C 356 -0.26 -47.96 -5.95
C THR C 356 -0.75 -46.97 -7.00
N PRO C 357 -0.26 -47.10 -8.25
CA PRO C 357 -0.64 -46.12 -9.29
C PRO C 357 -2.12 -46.12 -9.64
N GLU C 358 -2.89 -47.12 -9.22
CA GLU C 358 -4.31 -47.13 -9.51
C GLU C 358 -5.14 -46.37 -8.50
N MET C 359 -4.54 -45.93 -7.41
CA MET C 359 -5.31 -45.40 -6.31
C MET C 359 -5.56 -43.90 -6.44
N THR C 360 -6.62 -43.45 -5.77
CA THR C 360 -7.05 -42.07 -5.85
C THR C 360 -5.92 -41.11 -5.47
N ALA C 361 -5.21 -41.41 -4.39
CA ALA C 361 -4.18 -40.51 -3.88
C ALA C 361 -2.96 -40.48 -4.79
N PHE C 362 -2.84 -41.43 -5.72
CA PHE C 362 -1.78 -41.39 -6.72
C PHE C 362 -2.21 -40.67 -7.99
N ARG C 363 -3.50 -40.73 -8.36
CA ARG C 363 -3.96 -40.22 -9.64
C ARG C 363 -4.59 -38.85 -9.57
N GLU C 364 -5.01 -38.39 -8.39
CA GLU C 364 -5.60 -37.06 -8.26
C GLU C 364 -4.71 -36.16 -7.43
N GLU C 365 -4.81 -34.85 -7.65
CA GLU C 365 -4.10 -33.89 -6.80
C GLU C 365 -4.66 -33.95 -5.39
N MET C 366 -3.81 -34.27 -4.42
CA MET C 366 -4.17 -34.24 -3.00
C MET C 366 -3.77 -32.88 -2.44
N PHE C 367 -4.72 -31.95 -2.43
CA PHE C 367 -4.38 -30.55 -2.16
C PHE C 367 -4.59 -30.21 -0.68
N GLY C 368 -3.80 -30.90 0.14
CA GLY C 368 -3.88 -30.76 1.58
C GLY C 368 -2.82 -31.63 2.20
N PRO C 369 -2.82 -31.74 3.54
CA PRO C 369 -1.68 -32.38 4.25
C PRO C 369 -1.75 -33.89 4.27
N VAL C 370 -1.74 -34.50 3.09
CA VAL C 370 -1.83 -35.96 2.93
C VAL C 370 -0.70 -36.43 2.02
N ALA C 371 0.27 -37.11 2.61
CA ALA C 371 1.36 -37.70 1.83
C ALA C 371 0.97 -39.09 1.34
N ALA C 372 1.31 -39.39 0.09
CA ALA C 372 1.20 -40.74 -0.46
C ALA C 372 2.61 -41.31 -0.65
N ILE C 373 2.81 -42.56 -0.24
CA ILE C 373 4.12 -43.20 -0.34
C ILE C 373 3.99 -44.47 -1.17
N THR C 374 4.80 -44.55 -2.23
CA THR C 374 4.81 -45.67 -3.17
C THR C 374 6.22 -46.25 -3.26
N ILE C 375 6.33 -47.58 -3.33
CA ILE C 375 7.64 -48.23 -3.36
C ILE C 375 8.04 -48.50 -4.80
N ALA C 376 9.28 -48.15 -5.15
CA ALA C 376 9.86 -48.42 -6.46
C ALA C 376 10.88 -49.55 -6.37
N LYS C 377 10.89 -50.45 -7.36
CA LYS C 377 11.82 -51.57 -7.34
C LYS C 377 13.26 -51.10 -7.52
N ASP C 378 13.46 -50.06 -8.33
CA ASP C 378 14.77 -49.53 -8.66
C ASP C 378 14.57 -48.14 -9.25
N ALA C 379 15.68 -47.48 -9.61
CA ALA C 379 15.61 -46.11 -10.11
C ALA C 379 14.82 -46.01 -11.40
N GLU C 380 14.88 -47.02 -12.27
CA GLU C 380 14.12 -46.98 -13.51
C GLU C 380 12.62 -47.09 -13.24
N HIS C 381 12.24 -47.95 -12.29
CA HIS C 381 10.84 -48.01 -11.88
C HIS C 381 10.41 -46.71 -11.21
N ALA C 382 11.32 -46.09 -10.45
CA ALA C 382 11.02 -44.80 -9.83
C ALA C 382 10.67 -43.75 -10.87
N LEU C 383 11.45 -43.68 -11.95
CA LEU C 383 11.18 -42.73 -13.03
C LEU C 383 9.83 -43.01 -13.68
N GLU C 384 9.57 -44.27 -14.01
CA GLU C 384 8.29 -44.63 -14.62
C GLU C 384 7.11 -44.25 -13.72
N LEU C 385 7.22 -44.54 -12.41
CA LEU C 385 6.17 -44.13 -11.48
C LEU C 385 6.00 -42.62 -11.43
N ALA C 386 7.12 -41.90 -11.39
CA ALA C 386 7.06 -40.45 -11.35
C ALA C 386 6.33 -39.88 -12.57
N ASN C 387 6.59 -40.44 -13.75
CA ASN C 387 5.96 -39.93 -14.97
C ASN C 387 4.55 -40.45 -15.18
N ASP C 388 4.08 -41.41 -14.37
CA ASP C 388 2.74 -41.99 -14.51
C ASP C 388 1.74 -41.07 -13.79
N SER C 389 1.49 -39.93 -14.43
CA SER C 389 0.61 -38.92 -13.86
C SER C 389 0.05 -38.09 -14.99
N GLU C 390 -1.18 -37.59 -14.80
CA GLU C 390 -1.69 -36.64 -15.79
C GLU C 390 -1.18 -35.23 -15.53
N PHE C 391 -0.50 -35.02 -14.42
CA PHE C 391 0.13 -33.75 -14.08
C PHE C 391 1.61 -33.79 -14.44
N GLY C 392 2.24 -32.62 -14.41
CA GLY C 392 3.66 -32.52 -14.70
C GLY C 392 4.24 -31.17 -14.38
N LEU C 393 4.10 -30.74 -13.13
CA LEU C 393 4.55 -29.40 -12.78
C LEU C 393 6.03 -29.39 -12.36
N SER C 394 6.37 -30.16 -11.33
CA SER C 394 7.72 -30.14 -10.77
C SER C 394 8.02 -31.52 -10.18
N ALA C 395 9.27 -31.73 -9.77
CA ALA C 395 9.67 -33.01 -9.19
C ALA C 395 10.93 -32.83 -8.37
N THR C 396 11.20 -33.81 -7.49
CA THR C 396 12.40 -33.82 -6.67
C THR C 396 13.08 -35.17 -6.82
N ILE C 397 14.41 -35.17 -6.92
CA ILE C 397 15.18 -36.42 -6.88
C ILE C 397 16.24 -36.30 -5.80
N PHE C 398 16.28 -37.29 -4.90
CA PHE C 398 17.32 -37.38 -3.88
C PHE C 398 18.18 -38.59 -4.18
N THR C 399 19.45 -38.35 -4.48
CA THR C 399 20.46 -39.36 -4.76
C THR C 399 21.82 -38.67 -4.74
N THR C 400 22.84 -39.36 -4.25
CA THR C 400 24.18 -38.80 -4.28
C THR C 400 24.91 -39.09 -5.59
N ASP C 401 24.28 -39.84 -6.48
CA ASP C 401 24.82 -40.15 -7.80
C ASP C 401 24.36 -39.03 -8.73
N GLU C 402 25.23 -38.03 -8.93
CA GLU C 402 24.78 -36.85 -9.67
C GLU C 402 24.65 -37.14 -11.17
N THR C 403 25.38 -38.12 -11.70
CA THR C 403 25.16 -38.56 -13.08
C THR C 403 23.75 -39.11 -13.25
N GLN C 404 23.33 -39.96 -12.31
CA GLN C 404 21.96 -40.54 -12.35
C GLN C 404 20.93 -39.42 -12.22
N ALA C 405 21.20 -38.46 -11.35
CA ALA C 405 20.23 -37.37 -11.18
C ALA C 405 20.05 -36.57 -12.47
N ARG C 406 21.16 -36.29 -13.14
CA ARG C 406 21.13 -35.52 -14.41
C ARG C 406 20.34 -36.31 -15.47
N GLN C 407 20.58 -37.62 -15.54
CA GLN C 407 19.90 -38.44 -16.54
C GLN C 407 18.41 -38.58 -16.23
N MET C 408 18.05 -38.73 -14.96
CA MET C 408 16.63 -38.82 -14.61
C MET C 408 15.91 -37.49 -14.86
N ALA C 409 16.55 -36.38 -14.53
CA ALA C 409 15.94 -35.08 -14.75
C ALA C 409 15.60 -34.89 -16.22
N ALA C 410 16.50 -35.31 -17.11
CA ALA C 410 16.28 -35.19 -18.55
C ALA C 410 15.10 -36.02 -19.03
N ARG C 411 14.66 -36.98 -18.22
CA ARG C 411 13.55 -37.89 -18.64
C ARG C 411 12.27 -37.65 -17.81
N LEU C 412 12.31 -36.72 -16.86
CA LEU C 412 11.12 -36.41 -16.08
C LEU C 412 10.23 -35.45 -16.86
N GLU C 413 8.94 -35.78 -16.94
CA GLU C 413 7.97 -35.00 -17.72
C GLU C 413 7.34 -33.92 -16.84
N CYS C 414 8.16 -32.90 -16.55
CA CYS C 414 7.71 -31.80 -15.72
C CYS C 414 8.60 -30.60 -15.98
N GLY C 415 8.15 -29.43 -15.51
CA GLY C 415 8.83 -28.18 -15.81
C GLY C 415 9.92 -27.79 -14.83
N GLY C 416 10.07 -28.53 -13.74
CA GLY C 416 11.11 -28.21 -12.78
C GLY C 416 11.59 -29.48 -12.10
N VAL C 417 12.89 -29.63 -11.90
CA VAL C 417 13.44 -30.79 -11.22
C VAL C 417 14.42 -30.29 -10.18
N PHE C 418 14.19 -30.67 -8.93
CA PHE C 418 15.05 -30.25 -7.84
C PHE C 418 15.84 -31.46 -7.37
N ILE C 419 17.16 -31.35 -7.40
CA ILE C 419 18.06 -32.45 -7.04
C ILE C 419 18.64 -32.14 -5.67
N ASN C 420 18.37 -33.02 -4.71
CA ASN C 420 18.89 -32.91 -3.36
C ASN C 420 18.61 -31.55 -2.74
N GLY C 421 17.36 -31.09 -2.88
CA GLY C 421 17.01 -29.82 -2.33
C GLY C 421 15.51 -29.62 -2.22
N TYR C 422 15.14 -28.39 -1.87
CA TYR C 422 13.76 -28.00 -1.60
C TYR C 422 13.16 -27.29 -2.81
N CYS C 423 12.13 -27.91 -3.38
CA CYS C 423 11.38 -27.29 -4.48
C CYS C 423 10.75 -25.98 -4.06
N ALA C 424 10.89 -24.95 -4.90
CA ALA C 424 10.29 -23.65 -4.65
C ALA C 424 10.23 -22.89 -5.95
N SER C 425 9.35 -21.90 -6.01
CA SER C 425 9.39 -20.95 -7.10
C SER C 425 10.35 -19.83 -6.72
N ASP C 426 11.00 -19.26 -7.74
CA ASP C 426 12.04 -18.27 -7.54
C ASP C 426 12.11 -17.40 -8.79
N ALA C 427 12.22 -16.09 -8.60
CA ALA C 427 12.29 -15.14 -9.72
C ALA C 427 13.33 -15.54 -10.76
N ARG C 428 14.41 -16.17 -10.32
CA ARG C 428 15.56 -16.40 -11.18
C ARG C 428 15.42 -17.60 -12.12
N VAL C 429 14.35 -18.40 -11.97
CA VAL C 429 14.20 -19.61 -12.77
C VAL C 429 12.78 -19.71 -13.30
N ALA C 430 12.62 -20.57 -14.32
CA ALA C 430 11.32 -20.80 -14.93
C ALA C 430 10.38 -21.55 -13.98
N PHE C 431 9.08 -21.30 -14.13
CA PHE C 431 8.05 -21.98 -13.36
C PHE C 431 6.90 -22.32 -14.28
N GLY C 432 6.39 -23.54 -14.16
CA GLY C 432 5.29 -24.00 -14.98
C GLY C 432 5.56 -25.40 -15.50
N GLY C 433 4.50 -26.09 -15.86
CA GLY C 433 4.65 -27.49 -16.21
C GLY C 433 4.16 -27.92 -17.57
N VAL C 434 3.79 -29.21 -17.65
CA VAL C 434 3.33 -29.87 -18.85
C VAL C 434 2.10 -30.69 -18.50
N LYS C 435 1.54 -31.35 -19.53
CA LYS C 435 0.40 -32.25 -19.37
C LYS C 435 -0.75 -31.45 -18.76
N LYS C 436 -1.53 -32.02 -17.83
CA LYS C 436 -2.67 -31.30 -17.29
C LYS C 436 -2.28 -30.23 -16.28
N SER C 437 -0.99 -30.11 -15.94
CA SER C 437 -0.55 -28.91 -15.21
C SER C 437 -0.54 -27.66 -16.09
N GLY C 438 -0.65 -27.82 -17.41
CA GLY C 438 -0.84 -26.67 -18.27
C GLY C 438 0.32 -26.39 -19.20
N PHE C 439 0.54 -25.11 -19.49
CA PHE C 439 1.55 -24.70 -20.44
C PHE C 439 1.82 -23.22 -20.24
N GLY C 440 2.90 -22.76 -20.85
CA GLY C 440 3.37 -21.42 -20.61
C GLY C 440 4.29 -21.38 -19.41
N ARG C 441 5.12 -20.34 -19.33
CA ARG C 441 6.12 -20.28 -18.26
C ARG C 441 6.08 -18.92 -17.57
N GLU C 442 6.36 -18.94 -16.28
CA GLU C 442 6.38 -17.71 -15.50
C GLU C 442 7.76 -17.49 -14.90
N LEU C 443 7.98 -16.24 -14.44
CA LEU C 443 9.20 -15.80 -13.77
C LEU C 443 10.39 -15.78 -14.72
N SER C 444 11.56 -15.39 -14.20
CA SER C 444 12.74 -15.07 -15.01
C SER C 444 12.35 -14.23 -16.23
N HIS C 445 12.99 -14.47 -17.37
CA HIS C 445 12.60 -13.73 -18.57
C HIS C 445 11.35 -14.32 -19.22
N PHE C 446 10.95 -15.54 -18.84
CA PHE C 446 9.78 -16.16 -19.46
C PHE C 446 8.51 -15.40 -19.10
N GLY C 447 8.34 -15.06 -17.81
CA GLY C 447 7.17 -14.31 -17.40
C GLY C 447 7.09 -12.92 -18.00
N LEU C 448 8.24 -12.36 -18.38
CA LEU C 448 8.25 -11.07 -19.06
C LEU C 448 7.81 -11.22 -20.53
N HIS C 449 8.24 -12.29 -21.18
CA HIS C 449 8.06 -12.42 -22.63
C HIS C 449 6.76 -13.11 -23.02
N GLU C 450 6.12 -13.85 -22.11
CA GLU C 450 4.92 -14.59 -22.46
C GLU C 450 3.81 -13.68 -22.96
N PHE C 451 3.71 -12.49 -22.40
CA PHE C 451 2.66 -11.56 -22.80
C PHE C 451 3.25 -10.34 -23.50
N CYS C 452 4.28 -10.57 -24.31
CA CYS C 452 4.81 -9.57 -25.24
C CYS C 452 4.40 -9.92 -26.66
N ASN C 453 4.17 -8.86 -27.44
CA ASN C 453 4.20 -8.91 -28.90
C ASN C 453 5.67 -8.94 -29.31
N ILE C 454 6.16 -10.12 -29.66
CA ILE C 454 7.54 -10.26 -30.11
C ILE C 454 7.58 -9.79 -31.56
N GLN C 455 8.21 -8.65 -31.81
CA GLN C 455 8.05 -7.93 -33.07
C GLN C 455 9.37 -7.83 -33.81
N THR C 456 9.44 -8.41 -35.01
CA THR C 456 10.59 -8.24 -35.88
C THR C 456 10.51 -6.85 -36.52
N VAL C 457 11.61 -6.10 -36.44
CA VAL C 457 11.72 -4.82 -37.14
C VAL C 457 12.91 -4.92 -38.07
N TRP C 458 12.65 -4.82 -39.38
CA TRP C 458 13.63 -5.17 -40.39
C TRP C 458 13.73 -4.02 -41.38
N LYS C 459 14.90 -3.36 -41.42
CA LYS C 459 15.12 -2.20 -42.28
C LYS C 459 15.88 -2.62 -43.53
N ASP C 460 15.52 -2.01 -44.67
CA ASP C 460 16.28 -2.10 -45.91
C ASP C 460 16.44 -3.53 -46.41
N ARG C 461 15.39 -4.33 -46.29
CA ARG C 461 15.44 -5.68 -46.85
C ARG C 461 15.16 -5.55 -48.34
N ILE C 462 16.22 -5.33 -49.12
CA ILE C 462 16.08 -5.13 -50.57
C ILE C 462 17.19 -5.89 -51.28
N ILE D 3 -17.46 -38.73 -56.75
CA ILE D 3 -16.62 -38.41 -55.61
C ILE D 3 -16.90 -36.99 -55.12
N THR D 4 -17.19 -36.86 -53.84
CA THR D 4 -17.61 -35.61 -53.23
C THR D 4 -16.72 -35.28 -52.04
N PRO D 5 -16.53 -33.99 -51.75
CA PRO D 5 -15.77 -33.60 -50.54
C PRO D 5 -16.38 -34.09 -49.24
N ALA D 6 -17.61 -34.61 -49.25
CA ALA D 6 -18.15 -35.21 -48.04
C ALA D 6 -17.42 -36.50 -47.67
N THR D 7 -16.72 -37.11 -48.62
CA THR D 7 -16.00 -38.35 -48.38
C THR D 7 -14.53 -38.30 -48.74
N HIS D 8 -14.08 -37.32 -49.52
CA HIS D 8 -12.74 -37.37 -50.10
C HIS D 8 -12.05 -36.01 -50.05
N ALA D 9 -10.74 -36.06 -49.87
CA ALA D 9 -9.86 -34.97 -50.28
C ALA D 9 -9.69 -35.02 -51.79
N ILE D 10 -9.87 -33.89 -52.45
CA ILE D 10 -9.87 -33.81 -53.91
C ILE D 10 -8.86 -32.77 -54.35
N SER D 11 -7.97 -33.15 -55.27
CA SER D 11 -7.07 -32.23 -55.95
C SER D 11 -7.62 -31.93 -57.33
N ILE D 12 -7.63 -30.64 -57.69
CA ILE D 12 -8.03 -30.16 -59.01
C ILE D 12 -6.98 -29.18 -59.48
N ASN D 13 -6.49 -29.35 -60.71
CA ASN D 13 -5.52 -28.40 -61.26
C ASN D 13 -6.23 -27.07 -61.53
N PRO D 14 -5.88 -25.98 -60.85
CA PRO D 14 -6.61 -24.72 -61.06
C PRO D 14 -6.36 -24.09 -62.42
N ALA D 15 -5.29 -24.47 -63.11
CA ALA D 15 -5.03 -23.93 -64.45
C ALA D 15 -5.92 -24.56 -65.51
N THR D 16 -6.46 -25.76 -65.25
CA THR D 16 -7.20 -26.51 -66.25
C THR D 16 -8.58 -26.98 -65.80
N GLY D 17 -8.86 -27.07 -64.50
CA GLY D 17 -10.13 -27.58 -64.03
C GLY D 17 -10.21 -29.09 -63.90
N GLU D 18 -9.15 -29.80 -64.28
CA GLU D 18 -9.19 -31.26 -64.27
C GLU D 18 -8.92 -31.82 -62.88
N GLN D 19 -9.68 -32.86 -62.53
CA GLN D 19 -9.48 -33.56 -61.27
C GLN D 19 -8.20 -34.39 -61.33
N LEU D 20 -7.33 -34.22 -60.32
CA LEU D 20 -6.03 -34.88 -60.28
C LEU D 20 -6.02 -36.12 -59.39
N SER D 21 -6.75 -36.12 -58.29
CA SER D 21 -6.66 -37.22 -57.35
C SER D 21 -7.78 -37.11 -56.33
N VAL D 22 -8.12 -38.25 -55.72
CA VAL D 22 -9.07 -38.26 -54.62
C VAL D 22 -8.50 -39.14 -53.52
N LEU D 23 -8.79 -38.76 -52.27
CA LEU D 23 -8.28 -39.51 -51.13
C LEU D 23 -9.35 -39.55 -50.04
N PRO D 24 -9.84 -40.75 -49.68
CA PRO D 24 -10.88 -40.82 -48.65
C PRO D 24 -10.38 -40.31 -47.31
N TRP D 25 -11.29 -39.75 -46.52
CA TRP D 25 -10.89 -39.30 -45.19
C TRP D 25 -10.40 -40.48 -44.37
N ALA D 26 -9.52 -40.20 -43.42
CA ALA D 26 -9.08 -41.21 -42.48
C ALA D 26 -10.24 -41.66 -41.60
N GLY D 27 -10.34 -42.96 -41.40
CA GLY D 27 -11.29 -43.48 -40.44
C GLY D 27 -10.76 -43.40 -39.03
N ALA D 28 -11.65 -43.66 -38.08
CA ALA D 28 -11.25 -43.63 -36.67
C ALA D 28 -10.12 -44.61 -36.37
N ASP D 29 -10.07 -45.71 -37.12
CA ASP D 29 -8.99 -46.70 -36.95
C ASP D 29 -7.67 -46.11 -37.48
N ASP D 30 -7.71 -45.48 -38.65
CA ASP D 30 -6.52 -44.86 -39.21
C ASP D 30 -5.98 -43.78 -38.27
N ILE D 31 -6.87 -43.02 -37.64
CA ILE D 31 -6.44 -41.99 -36.70
C ILE D 31 -5.79 -42.63 -35.48
N GLU D 32 -6.45 -43.63 -34.90
CA GLU D 32 -5.86 -44.34 -33.76
C GLU D 32 -4.51 -44.93 -34.13
N ASN D 33 -4.41 -45.54 -35.31
CA ASN D 33 -3.13 -46.13 -35.73
C ASN D 33 -2.04 -45.07 -35.78
N ALA D 34 -2.34 -43.91 -36.37
CA ALA D 34 -1.33 -42.88 -36.48
C ALA D 34 -0.91 -42.34 -35.12
N LEU D 35 -1.86 -42.21 -34.19
CA LEU D 35 -1.52 -41.71 -32.85
C LEU D 35 -0.62 -42.69 -32.10
N GLN D 36 -0.89 -44.00 -32.23
CA GLN D 36 -0.01 -44.98 -31.60
C GLN D 36 1.40 -44.90 -32.15
N LEU D 37 1.54 -44.77 -33.46
CA LEU D 37 2.87 -44.74 -34.06
C LEU D 37 3.60 -43.44 -33.75
N ALA D 38 2.86 -42.32 -33.69
CA ALA D 38 3.46 -41.05 -33.28
C ALA D 38 3.98 -41.12 -31.85
N ALA D 39 3.18 -41.69 -30.94
CA ALA D 39 3.61 -41.83 -29.55
C ALA D 39 4.83 -42.72 -29.43
N ALA D 40 4.85 -43.85 -30.16
CA ALA D 40 6.01 -44.74 -30.12
C ALA D 40 7.22 -44.09 -30.77
N GLY D 41 7.00 -43.34 -31.86
CA GLY D 41 8.11 -42.65 -32.51
C GLY D 41 8.71 -41.57 -31.64
N PHE D 42 7.86 -40.75 -31.00
CA PHE D 42 8.37 -39.73 -30.09
C PHE D 42 9.14 -40.35 -28.93
N ARG D 43 8.61 -41.44 -28.36
CA ARG D 43 9.29 -42.09 -27.25
C ARG D 43 10.75 -42.40 -27.58
N ASP D 44 11.01 -42.90 -28.78
CA ASP D 44 12.38 -43.25 -29.17
C ASP D 44 13.15 -42.02 -29.67
N TRP D 45 12.49 -41.11 -30.36
CA TRP D 45 13.19 -39.95 -30.93
C TRP D 45 13.70 -39.01 -29.84
N ARG D 46 12.94 -38.86 -28.75
CA ARG D 46 13.33 -37.91 -27.71
C ARG D 46 14.63 -38.32 -27.01
N GLU D 47 15.05 -39.57 -27.16
CA GLU D 47 16.27 -40.06 -26.53
C GLU D 47 17.49 -39.96 -27.43
N THR D 48 17.35 -39.40 -28.63
CA THR D 48 18.49 -39.28 -29.54
C THR D 48 19.33 -38.06 -29.18
N ASN D 49 20.59 -38.08 -29.62
CA ASN D 49 21.49 -36.96 -29.39
C ASN D 49 21.18 -35.82 -30.35
N ILE D 50 21.34 -34.57 -29.86
CA ILE D 50 20.99 -33.39 -30.63
C ILE D 50 21.82 -33.30 -31.90
N ASP D 51 23.11 -33.68 -31.82
CA ASP D 51 23.95 -33.57 -33.01
C ASP D 51 23.56 -34.59 -34.06
N TYR D 52 23.09 -35.76 -33.63
CA TYR D 52 22.53 -36.72 -34.57
C TYR D 52 21.30 -36.15 -35.27
N ARG D 53 20.43 -35.50 -34.51
CA ARG D 53 19.21 -34.94 -35.12
C ARG D 53 19.56 -33.84 -36.10
N ALA D 54 20.59 -33.03 -35.78
CA ALA D 54 21.01 -31.99 -36.72
C ALA D 54 21.52 -32.61 -38.01
N GLU D 55 22.22 -33.74 -37.91
CA GLU D 55 22.65 -34.45 -39.12
C GLU D 55 21.45 -34.93 -39.92
N LYS D 56 20.39 -35.40 -39.24
CA LYS D 56 19.21 -35.86 -39.94
C LYS D 56 18.49 -34.72 -40.65
N LEU D 57 18.51 -33.51 -40.08
CA LEU D 57 18.01 -32.34 -40.81
C LEU D 57 18.79 -32.12 -42.09
N ARG D 58 20.11 -32.29 -42.06
CA ARG D 58 20.87 -32.16 -43.29
C ARG D 58 20.46 -33.22 -44.30
N ASP D 59 20.17 -34.43 -43.83
CA ASP D 59 19.68 -35.48 -44.73
C ASP D 59 18.31 -35.12 -45.31
N ILE D 60 17.47 -34.46 -44.53
CA ILE D 60 16.17 -34.02 -45.08
C ILE D 60 16.41 -33.01 -46.20
N GLY D 61 17.31 -32.05 -45.97
CA GLY D 61 17.61 -31.06 -47.00
C GLY D 61 18.21 -31.68 -48.25
N LYS D 62 18.97 -32.77 -48.09
CA LYS D 62 19.52 -33.47 -49.27
C LYS D 62 18.43 -34.23 -50.01
N ALA D 63 17.55 -34.92 -49.27
CA ALA D 63 16.49 -35.68 -49.93
C ALA D 63 15.50 -34.74 -50.63
N LEU D 64 15.30 -33.55 -50.07
CA LEU D 64 14.42 -32.58 -50.70
C LEU D 64 15.02 -32.04 -51.98
N ARG D 65 16.28 -31.60 -51.93
CA ARG D 65 16.93 -31.09 -53.13
C ARG D 65 16.98 -32.14 -54.22
N ALA D 66 17.09 -33.42 -53.85
CA ALA D 66 17.14 -34.51 -54.81
C ALA D 66 15.81 -34.66 -55.54
N ARG D 67 14.70 -34.28 -54.91
CA ARG D 67 13.38 -34.32 -55.54
C ARG D 67 12.84 -32.93 -55.88
N SER D 68 13.75 -31.96 -56.06
CA SER D 68 13.35 -30.56 -56.11
C SER D 68 12.37 -30.29 -57.26
N GLU D 69 12.67 -30.80 -58.46
CA GLU D 69 11.80 -30.45 -59.58
C GLU D 69 10.47 -31.18 -59.49
N GLU D 70 10.49 -32.44 -59.06
CA GLU D 70 9.24 -33.18 -58.82
C GLU D 70 8.35 -32.46 -57.80
N MET D 71 8.95 -32.00 -56.70
CA MET D 71 8.18 -31.30 -55.67
C MET D 71 7.63 -29.97 -56.21
N ALA D 72 8.48 -29.18 -56.87
CA ALA D 72 8.02 -27.91 -57.43
C ALA D 72 6.89 -28.11 -58.43
N GLN D 73 7.05 -29.08 -59.35
CA GLN D 73 5.97 -29.32 -60.31
C GLN D 73 4.68 -29.76 -59.61
N MET D 74 4.78 -30.51 -58.51
CA MET D 74 3.58 -30.91 -57.80
C MET D 74 2.90 -29.72 -57.13
N ILE D 75 3.69 -28.80 -56.58
CA ILE D 75 3.12 -27.58 -55.99
C ILE D 75 2.35 -26.81 -57.06
N THR D 76 3.01 -26.54 -58.20
CA THR D 76 2.37 -25.81 -59.29
C THR D 76 1.12 -26.52 -59.79
N ARG D 77 1.18 -27.85 -59.93
CA ARG D 77 0.05 -28.59 -60.48
C ARG D 77 -1.16 -28.53 -59.55
N GLU D 78 -0.95 -28.68 -58.24
CA GLU D 78 -2.09 -28.77 -57.34
C GLU D 78 -2.67 -27.41 -56.98
N MET D 79 -1.87 -26.35 -56.92
CA MET D 79 -2.46 -25.10 -56.46
C MET D 79 -2.09 -23.87 -57.29
N GLY D 80 -1.39 -24.02 -58.43
CA GLY D 80 -1.33 -22.97 -59.42
C GLY D 80 -0.17 -22.00 -59.34
N LYS D 81 0.73 -22.19 -58.39
CA LYS D 81 1.83 -21.25 -58.17
C LYS D 81 2.78 -21.25 -59.37
N PRO D 82 3.21 -20.08 -59.84
CA PRO D 82 4.23 -20.02 -60.90
C PRO D 82 5.42 -20.92 -60.58
N ILE D 83 5.89 -21.64 -61.59
CA ILE D 83 6.83 -22.75 -61.33
C ILE D 83 8.11 -22.24 -60.68
N ASN D 84 8.58 -21.04 -61.03
CA ASN D 84 9.79 -20.55 -60.42
C ASN D 84 9.58 -20.16 -58.96
N GLN D 85 8.36 -19.77 -58.58
CA GLN D 85 8.09 -19.55 -57.17
C GLN D 85 8.03 -20.87 -56.41
N ALA D 86 7.53 -21.93 -57.07
CA ALA D 86 7.53 -23.25 -56.43
C ALA D 86 8.95 -23.79 -56.29
N ARG D 87 9.80 -23.57 -57.30
CA ARG D 87 11.20 -23.93 -57.15
C ARG D 87 11.86 -23.14 -56.03
N ALA D 88 11.54 -21.85 -55.92
CA ALA D 88 12.06 -21.04 -54.82
C ALA D 88 11.59 -21.56 -53.47
N GLU D 89 10.33 -22.03 -53.40
CA GLU D 89 9.82 -22.61 -52.16
C GLU D 89 10.62 -23.83 -51.75
N VAL D 90 10.97 -24.68 -52.72
CA VAL D 90 11.78 -25.87 -52.42
C VAL D 90 13.16 -25.45 -51.92
N ALA D 91 13.80 -24.51 -52.62
CA ALA D 91 15.14 -24.07 -52.21
C ALA D 91 15.13 -23.47 -50.81
N LYS D 92 14.15 -22.62 -50.54
CA LYS D 92 14.04 -22.01 -49.21
C LYS D 92 13.81 -23.07 -48.13
N SER D 93 12.98 -24.07 -48.44
CA SER D 93 12.69 -25.12 -47.46
C SER D 93 13.91 -25.99 -47.19
N ALA D 94 14.69 -26.30 -48.24
CA ALA D 94 15.89 -27.10 -48.02
C ALA D 94 16.96 -26.29 -47.30
N ASN D 95 17.04 -24.98 -47.60
CA ASN D 95 17.99 -24.14 -46.87
C ASN D 95 17.65 -24.06 -45.38
N LEU D 96 16.35 -24.07 -45.06
CA LEU D 96 15.92 -24.04 -43.66
C LEU D 96 16.44 -25.25 -42.88
N CYS D 97 16.44 -26.43 -43.52
CA CYS D 97 16.99 -27.63 -42.89
C CYS D 97 18.44 -27.40 -42.50
N ASP D 98 19.25 -26.92 -43.45
CA ASP D 98 20.66 -26.68 -43.17
C ASP D 98 20.84 -25.57 -42.13
N TRP D 99 20.02 -24.53 -42.19
CA TRP D 99 20.17 -23.44 -41.24
C TRP D 99 19.91 -23.91 -39.82
N TYR D 100 18.83 -24.66 -39.59
CA TYR D 100 18.58 -25.16 -38.24
C TYR D 100 19.59 -26.22 -37.83
N ALA D 101 20.09 -27.02 -38.77
CA ALA D 101 21.14 -27.98 -38.44
C ALA D 101 22.37 -27.28 -37.89
N GLU D 102 22.69 -26.10 -38.43
CA GLU D 102 23.87 -25.35 -38.01
C GLU D 102 23.64 -24.57 -36.72
N HIS D 103 22.50 -23.88 -36.62
CA HIS D 103 22.28 -22.93 -35.52
C HIS D 103 21.36 -23.46 -34.44
N GLY D 104 20.54 -24.46 -34.74
CA GLY D 104 19.57 -24.98 -33.81
C GLY D 104 20.15 -25.58 -32.54
N PRO D 105 21.14 -26.48 -32.66
CA PRO D 105 21.69 -27.10 -31.45
C PRO D 105 22.14 -26.10 -30.39
N ALA D 106 22.81 -25.03 -30.80
CA ALA D 106 23.22 -24.02 -29.84
C ALA D 106 22.02 -23.38 -29.15
N MET D 107 20.90 -23.24 -29.85
CA MET D 107 19.71 -22.65 -29.24
C MET D 107 19.03 -23.57 -28.23
N LEU D 108 19.38 -24.85 -28.23
CA LEU D 108 18.81 -25.80 -27.28
C LEU D 108 19.73 -26.10 -26.10
N LYS D 109 20.89 -25.44 -26.03
CA LYS D 109 21.81 -25.69 -24.94
C LYS D 109 21.26 -25.12 -23.64
N ALA D 110 21.64 -25.76 -22.53
CA ALA D 110 21.18 -25.31 -21.22
C ALA D 110 21.57 -23.86 -20.99
N GLU D 111 20.71 -23.16 -20.33
CA GLU D 111 20.80 -21.74 -20.07
C GLU D 111 21.26 -21.50 -18.63
N PRO D 112 22.32 -20.72 -18.40
CA PRO D 112 22.69 -20.39 -17.03
C PRO D 112 21.67 -19.45 -16.39
N THR D 113 21.69 -19.40 -15.06
CA THR D 113 20.80 -18.51 -14.31
C THR D 113 21.61 -17.68 -13.33
N LEU D 114 20.93 -16.73 -12.71
CA LEU D 114 21.55 -15.90 -11.68
C LEU D 114 21.63 -16.59 -10.32
N VAL D 115 21.20 -17.85 -10.21
CA VAL D 115 21.30 -18.53 -8.92
C VAL D 115 22.77 -18.70 -8.56
N GLU D 116 23.09 -18.47 -7.29
CA GLU D 116 24.47 -18.55 -6.83
C GLU D 116 25.07 -19.94 -7.08
N ASN D 117 26.38 -19.94 -7.30
CA ASN D 117 27.19 -21.16 -7.30
C ASN D 117 26.81 -22.11 -8.44
N GLN D 118 26.26 -21.57 -9.53
CA GLN D 118 25.86 -22.37 -10.68
C GLN D 118 25.00 -23.55 -10.26
N GLN D 119 24.04 -23.30 -9.37
CA GLN D 119 23.16 -24.37 -8.90
C GLN D 119 22.05 -24.72 -9.87
N ALA D 120 21.66 -23.80 -10.75
CA ALA D 120 20.46 -23.98 -11.55
C ALA D 120 20.68 -23.61 -13.01
N VAL D 121 20.13 -24.43 -13.91
CA VAL D 121 20.10 -24.11 -15.32
C VAL D 121 18.67 -24.26 -15.83
N ILE D 122 18.41 -23.71 -17.01
CA ILE D 122 17.19 -23.94 -17.75
C ILE D 122 17.52 -24.88 -18.91
N GLU D 123 16.78 -25.97 -19.02
CA GLU D 123 16.95 -26.95 -20.09
C GLU D 123 15.74 -26.89 -21.01
N TYR D 124 15.96 -27.20 -22.29
CA TYR D 124 14.94 -27.14 -23.34
C TYR D 124 14.64 -28.58 -23.75
N ARG D 125 13.60 -29.19 -23.10
CA ARG D 125 13.29 -30.60 -23.31
C ARG D 125 12.23 -30.78 -24.39
N PRO D 126 12.23 -31.94 -25.05
CA PRO D 126 11.14 -32.26 -25.97
C PRO D 126 9.81 -32.26 -25.22
N LEU D 127 8.75 -31.89 -25.94
CA LEU D 127 7.40 -31.87 -25.40
C LEU D 127 6.59 -33.11 -25.79
N GLY D 128 6.57 -33.48 -27.06
CA GLY D 128 5.76 -34.62 -27.49
C GLY D 128 5.50 -34.55 -28.99
N THR D 129 4.39 -35.17 -29.40
CA THR D 129 3.96 -35.05 -30.79
C THR D 129 3.14 -33.78 -30.98
N ILE D 130 3.55 -32.96 -31.93
CA ILE D 130 2.86 -31.72 -32.25
C ILE D 130 1.95 -32.00 -33.43
N LEU D 131 0.65 -31.72 -33.27
CA LEU D 131 -0.29 -31.79 -34.38
C LEU D 131 -0.23 -30.49 -35.18
N ALA D 132 -0.05 -30.59 -36.51
CA ALA D 132 0.07 -29.42 -37.38
C ALA D 132 -1.06 -29.41 -38.40
N ILE D 133 -1.81 -28.32 -38.43
CA ILE D 133 -2.92 -28.12 -39.36
C ILE D 133 -2.46 -27.03 -40.32
N MET D 134 -2.28 -27.37 -41.59
CA MET D 134 -1.54 -26.53 -42.52
C MET D 134 -2.37 -26.20 -43.77
N PRO D 135 -2.02 -25.09 -44.48
CA PRO D 135 -2.80 -24.66 -45.65
C PRO D 135 -2.10 -24.92 -46.98
N TRP D 136 -2.81 -24.61 -48.06
CA TRP D 136 -2.38 -24.93 -49.42
C TRP D 136 -1.47 -23.88 -50.06
N ASN D 137 -1.33 -22.67 -49.50
CA ASN D 137 -0.69 -21.61 -50.27
C ASN D 137 0.81 -21.79 -50.39
N PHE D 138 1.46 -22.37 -49.38
CA PHE D 138 2.87 -22.79 -49.45
C PHE D 138 2.89 -24.22 -48.97
N PRO D 139 2.50 -25.17 -49.83
CA PRO D 139 2.25 -26.53 -49.33
C PRO D 139 3.48 -27.24 -48.79
N LEU D 140 4.68 -26.85 -49.21
CA LEU D 140 5.92 -27.37 -48.64
C LEU D 140 6.46 -26.49 -47.52
N TRP D 141 6.65 -25.19 -47.80
CA TRP D 141 7.27 -24.30 -46.82
C TRP D 141 6.47 -24.22 -45.53
N GLN D 142 5.13 -24.20 -45.62
CA GLN D 142 4.35 -24.13 -44.38
C GLN D 142 4.63 -25.32 -43.48
N VAL D 143 4.77 -26.50 -44.08
CA VAL D 143 5.08 -27.70 -43.31
C VAL D 143 6.49 -27.63 -42.74
N MET D 144 7.46 -27.28 -43.59
CA MET D 144 8.86 -27.33 -43.16
C MET D 144 9.18 -26.26 -42.13
N ARG D 145 8.53 -25.09 -42.22
CA ARG D 145 8.80 -23.97 -41.28
C ARG D 145 8.64 -24.49 -39.85
N GLY D 146 7.62 -25.30 -39.63
CA GLY D 146 7.40 -25.84 -38.31
C GLY D 146 8.07 -27.19 -38.10
N ALA D 147 7.99 -28.08 -39.10
CA ALA D 147 8.44 -29.45 -38.87
C ALA D 147 9.93 -29.52 -38.58
N VAL D 148 10.73 -28.68 -39.23
CA VAL D 148 12.18 -28.72 -39.06
C VAL D 148 12.57 -28.36 -37.62
N PRO D 149 12.19 -27.22 -37.05
CA PRO D 149 12.57 -26.98 -35.65
C PRO D 149 11.88 -27.92 -34.67
N ILE D 150 10.63 -28.31 -34.96
CA ILE D 150 9.88 -29.15 -34.02
C ILE D 150 10.58 -30.49 -33.84
N ILE D 151 11.02 -31.09 -34.94
CA ILE D 151 11.70 -32.39 -34.89
C ILE D 151 13.10 -32.24 -34.33
N LEU D 152 13.81 -31.17 -34.69
CA LEU D 152 15.13 -30.93 -34.13
C LEU D 152 15.10 -30.86 -32.61
N ALA D 153 14.03 -30.29 -32.05
CA ALA D 153 13.90 -30.20 -30.59
C ALA D 153 13.55 -31.54 -29.94
N GLY D 154 13.38 -32.62 -30.70
CA GLY D 154 13.10 -33.92 -30.14
C GLY D 154 11.63 -34.28 -30.12
N ASN D 155 10.78 -33.41 -30.66
CA ASN D 155 9.36 -33.69 -30.80
C ASN D 155 9.09 -34.56 -32.02
N GLY D 156 7.88 -35.10 -32.07
CA GLY D 156 7.31 -35.61 -33.30
C GLY D 156 6.40 -34.55 -33.94
N TYR D 157 6.04 -34.81 -35.19
CA TYR D 157 5.25 -33.89 -36.01
C TYR D 157 4.24 -34.72 -36.78
N LEU D 158 2.96 -34.42 -36.59
CA LEU D 158 1.87 -35.14 -37.27
C LEU D 158 1.09 -34.13 -38.09
N LEU D 159 1.13 -34.28 -39.41
CA LEU D 159 0.62 -33.27 -40.34
C LEU D 159 -0.81 -33.61 -40.77
N LYS D 160 -1.72 -32.66 -40.61
CA LYS D 160 -3.02 -32.67 -41.29
C LYS D 160 -2.96 -31.56 -42.32
N HIS D 161 -2.71 -31.91 -43.58
CA HIS D 161 -2.53 -30.90 -44.63
C HIS D 161 -3.87 -30.51 -45.25
N ALA D 162 -3.85 -29.40 -46.00
CA ALA D 162 -5.06 -28.96 -46.68
C ALA D 162 -5.49 -30.00 -47.71
N PRO D 163 -6.79 -30.25 -47.85
CA PRO D 163 -7.22 -31.42 -48.65
C PRO D 163 -7.05 -31.24 -50.15
N ASN D 164 -6.70 -30.04 -50.63
CA ASN D 164 -6.40 -29.89 -52.06
C ASN D 164 -4.93 -30.06 -52.40
N VAL D 165 -4.07 -30.38 -51.42
CA VAL D 165 -2.64 -30.57 -51.72
C VAL D 165 -2.14 -31.89 -51.14
N MET D 166 -2.95 -32.93 -51.20
CA MET D 166 -2.51 -34.21 -50.67
C MET D 166 -1.47 -34.89 -51.56
N GLY D 167 -1.35 -34.47 -52.82
CA GLY D 167 -0.22 -34.92 -53.62
C GLY D 167 1.08 -34.33 -53.10
N CYS D 168 1.09 -33.05 -52.74
CA CYS D 168 2.25 -32.48 -52.06
C CYS D 168 2.53 -33.20 -50.75
N ALA D 169 1.48 -33.47 -49.97
CA ALA D 169 1.67 -34.15 -48.68
C ALA D 169 2.35 -35.49 -48.85
N GLN D 170 1.93 -36.26 -49.85
CA GLN D 170 2.55 -37.56 -50.08
C GLN D 170 4.01 -37.42 -50.49
N LEU D 171 4.32 -36.44 -51.35
CA LEU D 171 5.71 -36.23 -51.76
C LEU D 171 6.59 -35.79 -50.58
N ILE D 172 6.07 -34.93 -49.70
CA ILE D 172 6.84 -34.53 -48.52
C ILE D 172 7.12 -35.74 -47.65
N ALA D 173 6.12 -36.61 -47.48
CA ALA D 173 6.31 -37.83 -46.69
C ALA D 173 7.36 -38.74 -47.33
N GLN D 174 7.38 -38.79 -48.66
CA GLN D 174 8.42 -39.56 -49.35
C GLN D 174 9.81 -38.97 -49.09
N VAL D 175 9.90 -37.63 -49.05
CA VAL D 175 11.18 -36.97 -48.76
C VAL D 175 11.67 -37.35 -47.36
N PHE D 176 10.76 -37.30 -46.38
CA PHE D 176 11.18 -37.67 -45.02
C PHE D 176 11.53 -39.14 -44.94
N LYS D 177 10.85 -39.98 -45.72
CA LYS D 177 11.20 -41.39 -45.78
C LYS D 177 12.56 -41.58 -46.47
N ASP D 178 12.80 -40.85 -47.57
CA ASP D 178 14.10 -40.88 -48.23
C ASP D 178 15.23 -40.50 -47.28
N ALA D 179 14.97 -39.55 -46.37
CA ALA D 179 16.00 -39.07 -45.47
C ALA D 179 16.20 -39.97 -44.27
N GLY D 180 15.39 -41.01 -44.11
CA GLY D 180 15.55 -41.91 -43.00
C GLY D 180 14.92 -41.43 -41.71
N ILE D 181 13.98 -40.49 -41.81
CA ILE D 181 13.27 -40.02 -40.58
C ILE D 181 12.35 -41.15 -40.12
N PRO D 182 12.47 -41.61 -38.87
CA PRO D 182 11.72 -42.76 -38.39
C PRO D 182 10.20 -42.66 -38.47
N GLN D 183 9.54 -43.83 -38.49
CA GLN D 183 8.06 -43.83 -38.49
C GLN D 183 7.66 -43.19 -37.15
N GLY D 184 6.69 -42.30 -37.19
CA GLY D 184 6.23 -41.69 -35.94
C GLY D 184 6.92 -40.38 -35.61
N VAL D 185 8.07 -40.06 -36.22
CA VAL D 185 8.66 -38.71 -35.99
C VAL D 185 8.00 -37.75 -36.97
N TYR D 186 7.97 -38.13 -38.24
CA TYR D 186 7.20 -37.35 -39.21
C TYR D 186 6.10 -38.24 -39.75
N GLY D 187 4.84 -37.83 -39.53
CA GLY D 187 3.71 -38.59 -39.99
C GLY D 187 2.63 -37.66 -40.53
N TRP D 188 1.64 -38.24 -41.20
CA TRP D 188 0.58 -37.41 -41.75
C TRP D 188 -0.69 -38.25 -41.91
N LEU D 189 -1.82 -37.55 -41.93
CA LEU D 189 -3.14 -38.17 -41.95
C LEU D 189 -4.10 -37.30 -42.75
N ASN D 190 -4.92 -37.94 -43.59
CA ASN D 190 -6.00 -37.25 -44.30
C ASN D 190 -7.26 -37.23 -43.43
N ALA D 191 -7.18 -36.49 -42.33
CA ALA D 191 -8.29 -36.41 -41.40
C ALA D 191 -9.30 -35.34 -41.81
N ASP D 192 -10.58 -35.62 -41.59
CA ASP D 192 -11.58 -34.56 -41.71
C ASP D 192 -11.60 -33.78 -40.41
N ASN D 193 -12.53 -32.81 -40.29
CA ASN D 193 -12.54 -31.95 -39.11
C ASN D 193 -12.81 -32.74 -37.84
N ASP D 194 -13.65 -33.78 -37.92
CA ASP D 194 -13.94 -34.60 -36.75
C ASP D 194 -12.72 -35.40 -36.33
N GLY D 195 -11.93 -35.86 -37.31
CA GLY D 195 -10.70 -36.54 -37.00
C GLY D 195 -9.69 -35.65 -36.31
N VAL D 196 -9.60 -34.40 -36.75
CA VAL D 196 -8.75 -33.44 -36.04
C VAL D 196 -9.23 -33.27 -34.60
N SER D 197 -10.55 -33.18 -34.41
CA SER D 197 -11.09 -33.06 -33.05
C SER D 197 -10.70 -34.27 -32.20
N GLN D 198 -10.77 -35.46 -32.80
CA GLN D 198 -10.35 -36.68 -32.10
C GLN D 198 -8.90 -36.60 -31.65
N MET D 199 -8.03 -36.07 -32.51
CA MET D 199 -6.61 -36.01 -32.17
C MET D 199 -6.32 -34.97 -31.11
N ILE D 200 -6.94 -33.79 -31.22
CA ILE D 200 -6.71 -32.73 -30.23
C ILE D 200 -7.03 -33.22 -28.82
N LYS D 201 -8.12 -33.98 -28.66
CA LYS D 201 -8.52 -34.48 -27.35
C LYS D 201 -7.66 -35.62 -26.84
N ASP D 202 -6.81 -36.19 -27.68
CA ASP D 202 -6.09 -37.41 -27.33
C ASP D 202 -4.79 -37.08 -26.60
N SER D 203 -4.48 -37.87 -25.56
CA SER D 203 -3.31 -37.59 -24.73
C SER D 203 -1.99 -37.72 -25.48
N ARG D 204 -1.98 -38.38 -26.64
CA ARG D 204 -0.76 -38.55 -27.41
C ARG D 204 -0.42 -37.36 -28.29
N ILE D 205 -1.28 -36.34 -28.33
CA ILE D 205 -0.97 -35.07 -28.96
C ILE D 205 -0.64 -34.07 -27.85
N ALA D 206 0.56 -33.49 -27.90
CA ALA D 206 1.03 -32.62 -26.83
C ALA D 206 0.70 -31.15 -27.04
N ALA D 207 0.70 -30.69 -28.30
CA ALA D 207 0.38 -29.31 -28.62
C ALA D 207 -0.08 -29.26 -30.07
N VAL D 208 -0.58 -28.10 -30.49
CA VAL D 208 -1.18 -27.93 -31.81
C VAL D 208 -0.62 -26.66 -32.44
N THR D 209 -0.32 -26.72 -33.74
CA THR D 209 0.03 -25.52 -34.48
C THR D 209 -0.86 -25.42 -35.71
N VAL D 210 -1.32 -24.20 -36.01
CA VAL D 210 -2.32 -23.97 -37.04
C VAL D 210 -1.88 -22.78 -37.88
N THR D 211 -1.87 -22.97 -39.19
CA THR D 211 -1.81 -21.86 -40.14
C THR D 211 -3.01 -21.97 -41.06
N GLY D 212 -3.84 -20.93 -41.09
CA GLY D 212 -4.99 -20.93 -41.97
C GLY D 212 -5.89 -19.74 -41.72
N SER D 213 -7.21 -19.94 -41.80
CA SER D 213 -8.14 -18.84 -41.66
C SER D 213 -8.39 -18.52 -40.18
N VAL D 214 -8.90 -17.31 -39.95
CA VAL D 214 -9.36 -16.93 -38.62
C VAL D 214 -10.37 -17.93 -38.09
N ARG D 215 -11.34 -18.32 -38.94
CA ARG D 215 -12.40 -19.22 -38.50
C ARG D 215 -11.83 -20.57 -38.08
N ALA D 216 -10.85 -21.07 -38.83
CA ALA D 216 -10.21 -22.33 -38.45
C ALA D 216 -9.42 -22.20 -37.15
N GLY D 217 -8.71 -21.09 -36.99
CA GLY D 217 -7.92 -20.91 -35.78
C GLY D 217 -8.80 -20.83 -34.53
N ALA D 218 -9.95 -20.17 -34.64
CA ALA D 218 -10.85 -20.08 -33.48
C ALA D 218 -11.45 -21.43 -33.15
N ALA D 219 -11.83 -22.20 -34.17
CA ALA D 219 -12.41 -23.53 -33.93
C ALA D 219 -11.38 -24.48 -33.34
N ILE D 220 -10.16 -24.46 -33.87
CA ILE D 220 -9.14 -25.36 -33.36
C ILE D 220 -8.60 -24.87 -32.02
N GLY D 221 -8.43 -23.56 -31.86
CA GLY D 221 -7.89 -23.05 -30.61
C GLY D 221 -8.81 -23.30 -29.42
N ALA D 222 -10.12 -23.19 -29.65
CA ALA D 222 -11.09 -23.52 -28.61
C ALA D 222 -10.93 -24.98 -28.16
N GLN D 223 -10.74 -25.89 -29.12
CA GLN D 223 -10.58 -27.30 -28.77
C GLN D 223 -9.28 -27.54 -28.04
N ALA D 224 -8.21 -26.87 -28.48
CA ALA D 224 -6.92 -27.06 -27.81
C ALA D 224 -7.00 -26.61 -26.37
N GLY D 225 -7.56 -25.42 -26.12
CA GLY D 225 -7.68 -24.95 -24.75
C GLY D 225 -8.54 -25.88 -23.91
N ALA D 226 -9.65 -26.37 -24.46
CA ALA D 226 -10.50 -27.30 -23.72
C ALA D 226 -9.76 -28.57 -23.35
N ALA D 227 -8.86 -29.02 -24.22
CA ALA D 227 -8.04 -30.22 -23.97
C ALA D 227 -6.74 -29.91 -23.25
N LEU D 228 -6.54 -28.66 -22.81
CA LEU D 228 -5.33 -28.24 -22.09
C LEU D 228 -4.07 -28.43 -22.93
N LYS D 229 -4.17 -28.15 -24.23
CA LYS D 229 -3.05 -28.25 -25.15
C LYS D 229 -2.65 -26.83 -25.58
N LYS D 230 -1.37 -26.50 -25.48
CA LYS D 230 -0.90 -25.24 -26.02
C LYS D 230 -1.06 -25.21 -27.54
N CYS D 231 -1.38 -24.03 -28.08
CA CYS D 231 -1.45 -23.91 -29.53
C CYS D 231 -0.72 -22.65 -29.99
N VAL D 232 -0.20 -22.72 -31.21
CA VAL D 232 0.33 -21.57 -31.92
C VAL D 232 -0.57 -21.36 -33.12
N LEU D 233 -1.07 -20.14 -33.31
CA LEU D 233 -2.03 -19.86 -34.38
C LEU D 233 -1.48 -18.74 -35.25
N GLU D 234 -1.37 -19.01 -36.56
CA GLU D 234 -1.01 -17.97 -37.56
C GLU D 234 -2.21 -17.92 -38.51
N LEU D 235 -3.03 -16.89 -38.41
CA LEU D 235 -4.34 -16.93 -39.10
C LEU D 235 -4.53 -15.86 -40.18
N GLY D 236 -3.47 -15.52 -40.88
CA GLY D 236 -3.63 -14.60 -42.00
C GLY D 236 -3.52 -13.17 -41.55
N GLY D 237 -3.65 -12.27 -42.52
CA GLY D 237 -3.38 -10.88 -42.22
C GLY D 237 -4.10 -9.97 -43.18
N SER D 238 -4.12 -8.69 -42.82
CA SER D 238 -4.50 -7.63 -43.74
C SER D 238 -3.45 -6.53 -43.65
N ASP D 239 -2.23 -6.88 -44.04
CA ASP D 239 -1.07 -6.06 -43.72
C ASP D 239 -1.18 -4.67 -44.35
N PRO D 240 -0.97 -3.61 -43.58
CA PRO D 240 -0.84 -2.27 -44.16
C PRO D 240 0.53 -2.06 -44.78
N PHE D 241 0.55 -1.24 -45.81
CA PHE D 241 1.76 -0.85 -46.54
C PHE D 241 1.68 0.66 -46.63
N ILE D 242 2.42 1.36 -45.76
CA ILE D 242 2.31 2.80 -45.60
C ILE D 242 3.40 3.47 -46.43
N VAL D 243 3.00 4.46 -47.23
CA VAL D 243 3.93 5.25 -48.03
C VAL D 243 3.73 6.72 -47.69
N LEU D 244 4.75 7.35 -47.13
CA LEU D 244 4.69 8.75 -46.75
C LEU D 244 5.29 9.62 -47.85
N ASN D 245 5.06 10.93 -47.74
CA ASN D 245 5.42 11.86 -48.83
C ASN D 245 6.90 11.80 -49.17
N ASP D 246 7.76 11.52 -48.19
CA ASP D 246 9.20 11.57 -48.42
C ASP D 246 9.79 10.20 -48.79
N ALA D 247 8.96 9.24 -49.17
CA ALA D 247 9.43 7.91 -49.51
C ALA D 247 10.21 7.88 -50.82
N ASP D 248 11.14 6.93 -50.92
CA ASP D 248 11.70 6.52 -52.19
C ASP D 248 10.58 5.91 -53.02
N LEU D 249 9.98 6.69 -53.92
CA LEU D 249 8.74 6.26 -54.56
C LEU D 249 8.94 5.06 -55.47
N GLU D 250 10.03 5.06 -56.26
CA GLU D 250 10.25 3.95 -57.19
C GLU D 250 10.45 2.63 -56.45
N LEU D 251 11.20 2.68 -55.34
CA LEU D 251 11.38 1.48 -54.53
C LEU D 251 10.10 1.10 -53.82
N ALA D 252 9.34 2.09 -53.34
CA ALA D 252 8.07 1.79 -52.67
C ALA D 252 7.12 1.06 -53.61
N VAL D 253 7.03 1.51 -54.86
CA VAL D 253 6.12 0.87 -55.82
C VAL D 253 6.56 -0.55 -56.12
N LYS D 254 7.88 -0.76 -56.30
CA LYS D 254 8.40 -2.11 -56.54
C LYS D 254 8.02 -3.05 -55.41
N ALA D 255 8.28 -2.64 -54.17
CA ALA D 255 7.97 -3.50 -53.04
C ALA D 255 6.46 -3.67 -52.87
N ALA D 256 5.69 -2.63 -53.17
CA ALA D 256 4.24 -2.72 -53.11
C ALA D 256 3.73 -3.80 -54.07
N VAL D 257 4.23 -3.79 -55.30
CA VAL D 257 3.75 -4.76 -56.29
C VAL D 257 4.18 -6.17 -55.91
N ALA D 258 5.45 -6.34 -55.55
CA ALA D 258 5.90 -7.67 -55.11
C ALA D 258 5.11 -8.15 -53.88
N GLY D 259 4.89 -7.27 -52.90
CA GLY D 259 4.21 -7.69 -51.68
C GLY D 259 2.75 -8.06 -51.88
N ARG D 260 2.06 -7.38 -52.80
CA ARG D 260 0.66 -7.72 -53.06
C ARG D 260 0.54 -8.95 -53.96
N TYR D 261 1.37 -9.08 -55.00
CA TYR D 261 1.09 -10.01 -56.07
C TYR D 261 1.95 -11.27 -56.07
N ARG D 262 2.88 -11.41 -55.12
CA ARG D 262 3.61 -12.67 -55.03
C ARG D 262 2.65 -13.80 -54.65
N ASN D 263 2.90 -15.00 -55.19
CA ASN D 263 2.02 -16.16 -55.03
C ASN D 263 0.57 -15.81 -55.39
N THR D 264 0.41 -15.04 -56.47
CA THR D 264 -0.89 -14.58 -56.95
C THR D 264 -1.71 -13.97 -55.81
N GLY D 265 -1.02 -13.27 -54.90
CA GLY D 265 -1.64 -12.58 -53.77
C GLY D 265 -2.00 -13.45 -52.59
N GLN D 266 -1.77 -14.76 -52.67
CA GLN D 266 -2.26 -15.69 -51.65
C GLN D 266 -1.20 -15.89 -50.55
N VAL D 267 -0.90 -14.79 -49.85
CA VAL D 267 0.11 -14.80 -48.80
C VAL D 267 -0.47 -14.16 -47.55
N CYS D 268 -0.28 -14.82 -46.40
CA CYS D 268 -0.77 -14.25 -45.15
C CYS D 268 -0.19 -12.86 -44.91
N ALA D 269 1.11 -12.68 -45.16
CA ALA D 269 1.77 -11.39 -44.96
C ALA D 269 1.87 -10.59 -46.25
N ALA D 270 0.96 -10.80 -47.20
CA ALA D 270 0.94 -9.94 -48.38
C ALA D 270 0.66 -8.50 -47.97
N ALA D 271 1.22 -7.57 -48.74
CA ALA D 271 0.80 -6.17 -48.67
C ALA D 271 -0.62 -6.07 -49.20
N LYS D 272 -1.58 -5.84 -48.31
CA LYS D 272 -3.00 -5.87 -48.71
C LYS D 272 -3.70 -4.52 -48.62
N ARG D 273 -3.33 -3.66 -47.67
CA ARG D 273 -3.97 -2.34 -47.54
C ARG D 273 -2.91 -1.27 -47.77
N PHE D 274 -2.95 -0.62 -48.92
CA PHE D 274 -2.00 0.43 -49.22
C PHE D 274 -2.54 1.74 -48.67
N ILE D 275 -1.77 2.36 -47.80
CA ILE D 275 -2.15 3.54 -47.05
C ILE D 275 -1.15 4.61 -47.41
N ILE D 276 -1.58 5.59 -48.22
CA ILE D 276 -0.69 6.49 -48.92
C ILE D 276 -0.96 7.91 -48.47
N GLU D 277 0.09 8.61 -48.03
CA GLU D 277 -0.08 10.01 -47.64
C GLU D 277 -0.56 10.83 -48.83
N GLU D 278 -1.47 11.76 -48.56
CA GLU D 278 -2.19 12.49 -49.61
C GLU D 278 -1.27 13.13 -50.64
N GLY D 279 -0.15 13.71 -50.19
CA GLY D 279 0.72 14.43 -51.10
C GLY D 279 1.31 13.56 -52.21
N ILE D 280 1.51 12.27 -51.94
CA ILE D 280 2.15 11.36 -52.88
C ILE D 280 1.16 10.33 -53.40
N ALA D 281 -0.12 10.45 -53.04
CA ALA D 281 -1.09 9.42 -53.39
C ALA D 281 -1.30 9.31 -54.89
N SER D 282 -1.42 10.45 -55.59
CA SER D 282 -1.63 10.41 -57.04
C SER D 282 -0.46 9.72 -57.74
N ALA D 283 0.77 10.12 -57.42
CA ALA D 283 1.93 9.55 -58.08
C ALA D 283 2.08 8.06 -57.77
N PHE D 284 1.93 7.69 -56.50
CA PHE D 284 2.02 6.27 -56.14
C PHE D 284 0.97 5.47 -56.91
N THR D 285 -0.27 5.97 -56.91
CA THR D 285 -1.37 5.19 -57.48
C THR D 285 -1.15 4.97 -58.97
N GLU D 286 -0.76 6.02 -59.70
CA GLU D 286 -0.53 5.87 -61.13
C GLU D 286 0.62 4.92 -61.41
N ARG D 287 1.72 5.04 -60.65
CA ARG D 287 2.87 4.16 -60.84
C ARG D 287 2.53 2.72 -60.47
N PHE D 288 1.76 2.54 -59.40
CA PHE D 288 1.40 1.19 -58.96
C PHE D 288 0.52 0.49 -59.98
N VAL D 289 -0.50 1.19 -60.51
CA VAL D 289 -1.35 0.61 -61.54
C VAL D 289 -0.53 0.19 -62.74
N ALA D 290 0.38 1.07 -63.18
CA ALA D 290 1.20 0.74 -64.35
C ALA D 290 2.09 -0.47 -64.09
N ALA D 291 2.67 -0.55 -62.89
CA ALA D 291 3.54 -1.68 -62.58
C ALA D 291 2.76 -2.98 -62.40
N ALA D 292 1.57 -2.91 -61.80
CA ALA D 292 0.75 -4.12 -61.71
C ALA D 292 0.28 -4.56 -63.09
N ALA D 293 -0.02 -3.61 -63.99
CA ALA D 293 -0.46 -3.93 -65.34
C ALA D 293 0.63 -4.55 -66.19
N ALA D 294 1.89 -4.49 -65.76
CA ALA D 294 2.98 -5.11 -66.50
C ALA D 294 3.19 -6.57 -66.12
N LEU D 295 2.44 -7.08 -65.14
CA LEU D 295 2.60 -8.46 -64.70
C LEU D 295 1.96 -9.42 -65.70
N LYS D 296 2.70 -10.44 -66.11
CA LYS D 296 2.17 -11.46 -66.99
C LYS D 296 1.48 -12.55 -66.18
N MET D 297 0.31 -12.99 -66.65
CA MET D 297 -0.45 -14.03 -65.97
C MET D 297 -0.82 -15.12 -66.97
N GLY D 298 -0.73 -16.38 -66.53
CA GLY D 298 -1.07 -17.48 -67.44
C GLY D 298 -0.63 -18.81 -66.87
N ASP D 299 -0.42 -19.77 -67.79
CA ASP D 299 0.03 -21.12 -67.47
C ASP D 299 1.21 -21.07 -66.48
N PRO D 300 1.04 -21.56 -65.25
CA PRO D 300 2.15 -21.43 -64.27
C PRO D 300 3.34 -22.32 -64.58
N ARG D 301 3.21 -23.29 -65.49
CA ARG D 301 4.41 -24.01 -65.94
C ARG D 301 5.28 -23.16 -66.85
N ASP D 302 4.77 -22.05 -67.36
CA ASP D 302 5.52 -21.15 -68.24
C ASP D 302 6.19 -20.07 -67.40
N GLU D 303 7.53 -20.04 -67.42
CA GLU D 303 8.27 -19.17 -66.52
C GLU D 303 8.18 -17.69 -66.88
N GLU D 304 7.58 -17.33 -68.03
CA GLU D 304 7.37 -15.91 -68.29
C GLU D 304 6.27 -15.33 -67.40
N ASN D 305 5.43 -16.16 -66.79
CA ASN D 305 4.26 -15.68 -66.08
C ASN D 305 4.60 -15.39 -64.62
N ALA D 306 4.26 -14.19 -64.17
CA ALA D 306 4.49 -13.80 -62.78
C ALA D 306 3.35 -14.22 -61.86
N LEU D 307 2.16 -14.40 -62.42
CA LEU D 307 0.99 -14.85 -61.69
C LEU D 307 0.40 -16.07 -62.39
N GLY D 308 -0.16 -16.97 -61.59
CA GLY D 308 -0.90 -18.10 -62.09
C GLY D 308 -2.38 -17.91 -61.84
N PRO D 309 -3.16 -18.97 -61.97
CA PRO D 309 -4.53 -18.92 -61.48
C PRO D 309 -4.52 -18.93 -59.95
N MET D 310 -5.65 -18.54 -59.37
CA MET D 310 -5.82 -18.77 -57.94
C MET D 310 -6.01 -20.26 -57.67
N ALA D 311 -5.73 -20.67 -56.44
CA ALA D 311 -5.69 -22.10 -56.13
C ALA D 311 -7.07 -22.73 -56.11
N ARG D 312 -8.09 -22.02 -55.62
CA ARG D 312 -9.40 -22.62 -55.37
C ARG D 312 -10.49 -21.83 -56.10
N PHE D 313 -11.30 -22.55 -56.88
CA PHE D 313 -12.37 -21.88 -57.63
C PHE D 313 -13.35 -21.16 -56.72
N ASP D 314 -13.68 -21.77 -55.57
CA ASP D 314 -14.60 -21.12 -54.65
C ASP D 314 -14.00 -19.84 -54.06
N LEU D 315 -12.68 -19.80 -53.88
CA LEU D 315 -12.07 -18.62 -53.30
C LEU D 315 -11.91 -17.49 -54.32
N ARG D 316 -11.76 -17.81 -55.61
CA ARG D 316 -11.84 -16.76 -56.62
C ARG D 316 -13.23 -16.15 -56.64
N ASP D 317 -14.27 -16.98 -56.50
CA ASP D 317 -15.63 -16.46 -56.41
C ASP D 317 -15.79 -15.55 -55.20
N GLU D 318 -15.22 -15.96 -54.08
CA GLU D 318 -15.33 -15.15 -52.84
C GLU D 318 -14.59 -13.82 -53.04
N LEU D 319 -13.40 -13.89 -53.62
CA LEU D 319 -12.62 -12.67 -53.80
C LEU D 319 -13.32 -11.71 -54.76
N HIS D 320 -13.88 -12.23 -55.85
CA HIS D 320 -14.60 -11.35 -56.77
C HIS D 320 -15.81 -10.73 -56.09
N HIS D 321 -16.48 -11.50 -55.22
CA HIS D 321 -17.61 -10.97 -54.48
C HIS D 321 -17.17 -9.84 -53.55
N GLN D 322 -16.00 -9.98 -52.92
CA GLN D 322 -15.46 -8.89 -52.10
C GLN D 322 -15.15 -7.67 -52.94
N VAL D 323 -14.65 -7.87 -54.16
CA VAL D 323 -14.41 -6.75 -55.07
C VAL D 323 -15.72 -6.04 -55.40
N GLU D 324 -16.75 -6.80 -55.76
CA GLU D 324 -18.03 -6.18 -56.14
C GLU D 324 -18.65 -5.43 -54.97
N LYS D 325 -18.60 -6.02 -53.78
CA LYS D 325 -19.12 -5.33 -52.60
C LYS D 325 -18.37 -4.02 -52.36
N THR D 326 -17.04 -4.07 -52.50
CA THR D 326 -16.26 -2.86 -52.26
C THR D 326 -16.58 -1.79 -53.30
N LEU D 327 -16.71 -2.17 -54.57
CA LEU D 327 -17.10 -1.21 -55.59
C LEU D 327 -18.49 -0.66 -55.33
N ALA D 328 -19.43 -1.54 -54.94
CA ALA D 328 -20.77 -1.08 -54.59
C ALA D 328 -20.75 -0.10 -53.42
N GLN D 329 -19.79 -0.24 -52.51
CA GLN D 329 -19.67 0.66 -51.38
C GLN D 329 -19.05 2.00 -51.73
N GLY D 330 -18.54 2.16 -52.95
CA GLY D 330 -18.02 3.45 -53.39
C GLY D 330 -16.57 3.45 -53.80
N ALA D 331 -15.86 2.32 -53.81
CA ALA D 331 -14.49 2.35 -54.29
C ALA D 331 -14.48 2.47 -55.82
N ARG D 332 -13.31 2.78 -56.37
CA ARG D 332 -13.14 2.89 -57.81
C ARG D 332 -12.25 1.78 -58.33
N LEU D 333 -12.64 1.20 -59.46
CA LEU D 333 -11.85 0.15 -60.11
C LEU D 333 -10.81 0.78 -61.01
N LEU D 334 -9.53 0.52 -60.73
CA LEU D 334 -8.43 1.02 -61.56
C LEU D 334 -7.78 -0.05 -62.43
N LEU D 335 -8.01 -1.33 -62.16
CA LEU D 335 -7.37 -2.39 -62.91
C LEU D 335 -8.07 -3.68 -62.58
N GLY D 336 -8.23 -4.54 -63.59
CA GLY D 336 -8.72 -5.89 -63.33
C GLY D 336 -10.16 -5.89 -62.87
N GLY D 337 -10.45 -6.73 -61.87
CA GLY D 337 -11.76 -6.74 -61.28
C GLY D 337 -12.81 -7.55 -62.00
N GLU D 338 -12.40 -8.56 -62.77
CA GLU D 338 -13.37 -9.48 -63.35
C GLU D 338 -12.74 -10.86 -63.48
N LYS D 339 -13.54 -11.89 -63.27
CA LYS D 339 -13.05 -13.25 -63.46
C LYS D 339 -12.72 -13.48 -64.93
N MET D 340 -11.60 -14.16 -65.19
CA MET D 340 -11.29 -14.53 -66.57
C MET D 340 -12.19 -15.68 -66.98
N ALA D 341 -12.65 -15.64 -68.23
CA ALA D 341 -13.46 -16.75 -68.72
C ALA D 341 -12.55 -17.94 -69.01
N GLY D 342 -13.15 -19.12 -69.06
CA GLY D 342 -12.44 -20.31 -69.44
C GLY D 342 -12.37 -21.30 -68.30
N ALA D 343 -11.64 -22.40 -68.56
CA ALA D 343 -11.59 -23.48 -67.60
C ALA D 343 -10.63 -23.20 -66.44
N GLY D 344 -9.72 -22.25 -66.59
CA GLY D 344 -8.77 -21.95 -65.54
C GLY D 344 -9.31 -20.95 -64.54
N ASN D 345 -8.76 -21.01 -63.32
CA ASN D 345 -9.24 -20.20 -62.20
C ASN D 345 -8.50 -18.86 -62.13
N TYR D 346 -8.48 -18.11 -63.23
CA TYR D 346 -7.65 -16.92 -63.33
C TYR D 346 -8.40 -15.67 -62.85
N TYR D 347 -7.74 -14.88 -62.01
CA TYR D 347 -8.20 -13.55 -61.63
C TYR D 347 -7.06 -12.58 -61.93
N PRO D 348 -7.30 -11.51 -62.68
CA PRO D 348 -6.20 -10.66 -63.12
C PRO D 348 -5.75 -9.75 -62.00
N PRO D 349 -4.54 -9.19 -62.10
CA PRO D 349 -4.12 -8.17 -61.13
C PRO D 349 -5.15 -7.05 -61.08
N THR D 350 -5.54 -6.67 -59.88
CA THR D 350 -6.68 -5.80 -59.64
C THR D 350 -6.30 -4.71 -58.66
N VAL D 351 -6.80 -3.50 -58.89
CA VAL D 351 -6.50 -2.35 -58.04
C VAL D 351 -7.80 -1.63 -57.74
N LEU D 352 -8.08 -1.44 -56.45
CA LEU D 352 -9.23 -0.67 -55.99
C LEU D 352 -8.72 0.60 -55.31
N ALA D 353 -9.30 1.74 -55.66
CA ALA D 353 -8.93 2.99 -55.01
C ALA D 353 -10.16 3.60 -54.35
N ASN D 354 -9.92 4.70 -53.62
CA ASN D 354 -10.95 5.29 -52.79
C ASN D 354 -11.54 4.25 -51.83
N VAL D 355 -10.66 3.40 -51.30
CA VAL D 355 -11.10 2.42 -50.30
C VAL D 355 -11.06 3.10 -48.93
N THR D 356 -12.19 3.09 -48.24
CA THR D 356 -12.31 3.67 -46.91
C THR D 356 -12.43 2.57 -45.85
N PRO D 357 -12.25 2.90 -44.57
CA PRO D 357 -12.19 1.85 -43.53
C PRO D 357 -13.50 1.08 -43.34
N GLU D 358 -14.62 1.60 -43.83
CA GLU D 358 -15.87 0.86 -43.70
C GLU D 358 -16.06 -0.19 -44.78
N MET D 359 -15.19 -0.22 -45.79
CA MET D 359 -15.43 -1.05 -46.96
C MET D 359 -14.90 -2.47 -46.77
N THR D 360 -15.45 -3.39 -47.57
CA THR D 360 -15.13 -4.81 -47.44
C THR D 360 -13.64 -5.06 -47.63
N ALA D 361 -13.04 -4.49 -48.69
CA ALA D 361 -11.63 -4.74 -48.97
C ALA D 361 -10.69 -4.12 -47.93
N PHE D 362 -11.19 -3.23 -47.08
CA PHE D 362 -10.39 -2.74 -45.96
C PHE D 362 -10.51 -3.63 -44.73
N ARG D 363 -11.67 -4.24 -44.52
CA ARG D 363 -11.92 -4.95 -43.27
C ARG D 363 -11.71 -6.45 -43.36
N GLU D 364 -11.76 -7.04 -44.55
CA GLU D 364 -11.57 -8.47 -44.71
C GLU D 364 -10.22 -8.74 -45.37
N GLU D 365 -9.70 -9.95 -45.15
CA GLU D 365 -8.49 -10.38 -45.86
C GLU D 365 -8.84 -10.59 -47.32
N MET D 366 -8.09 -9.93 -48.20
CA MET D 366 -8.26 -10.06 -49.65
C MET D 366 -7.18 -11.03 -50.12
N PHE D 367 -7.52 -12.32 -50.15
CA PHE D 367 -6.52 -13.37 -50.34
C PHE D 367 -6.38 -13.72 -51.81
N GLY D 368 -5.96 -12.72 -52.59
CA GLY D 368 -5.83 -12.84 -54.03
C GLY D 368 -5.25 -11.54 -54.57
N PRO D 369 -5.09 -11.43 -55.88
CA PRO D 369 -4.35 -10.30 -56.47
C PRO D 369 -5.19 -9.02 -56.57
N VAL D 370 -5.60 -8.49 -55.41
CA VAL D 370 -6.44 -7.29 -55.34
C VAL D 370 -5.80 -6.30 -54.38
N ALA D 371 -5.28 -5.20 -54.92
CA ALA D 371 -4.75 -4.13 -54.07
C ALA D 371 -5.87 -3.17 -53.69
N ALA D 372 -5.90 -2.79 -52.41
CA ALA D 372 -6.78 -1.73 -51.93
C ALA D 372 -5.94 -0.52 -51.57
N ILE D 373 -6.31 0.66 -52.08
CA ILE D 373 -5.53 1.87 -51.82
C ILE D 373 -6.39 2.86 -51.05
N THR D 374 -5.89 3.30 -49.91
CA THR D 374 -6.53 4.25 -49.01
C THR D 374 -5.64 5.47 -48.87
N ILE D 375 -6.26 6.67 -48.83
CA ILE D 375 -5.55 7.93 -48.68
C ILE D 375 -5.50 8.30 -47.20
N ALA D 376 -4.31 8.64 -46.71
CA ALA D 376 -4.13 9.12 -45.34
C ALA D 376 -3.78 10.61 -45.36
N LYS D 377 -4.36 11.37 -44.43
CA LYS D 377 -4.13 12.81 -44.44
C LYS D 377 -2.70 13.16 -44.00
N ASP D 378 -2.09 12.34 -43.15
CA ASP D 378 -0.75 12.57 -42.63
C ASP D 378 -0.27 11.27 -41.99
N ALA D 379 0.92 11.29 -41.39
CA ALA D 379 1.49 10.06 -40.83
C ALA D 379 0.68 9.55 -39.66
N GLU D 380 0.14 10.44 -38.83
CA GLU D 380 -0.70 10.02 -37.69
C GLU D 380 -1.91 9.26 -38.23
N HIS D 381 -2.58 9.84 -39.22
CA HIS D 381 -3.74 9.18 -39.82
C HIS D 381 -3.38 7.83 -40.41
N ALA D 382 -2.20 7.74 -41.05
CA ALA D 382 -1.77 6.46 -41.64
C ALA D 382 -1.61 5.40 -40.57
N LEU D 383 -1.02 5.76 -39.44
CA LEU D 383 -0.88 4.82 -38.34
C LEU D 383 -2.24 4.35 -37.84
N GLU D 384 -3.16 5.30 -37.65
CA GLU D 384 -4.52 4.95 -37.22
C GLU D 384 -5.19 4.03 -38.24
N LEU D 385 -5.05 4.34 -39.53
CA LEU D 385 -5.61 3.48 -40.57
C LEU D 385 -4.99 2.09 -40.52
N ALA D 386 -3.66 2.04 -40.42
CA ALA D 386 -2.96 0.75 -40.37
C ALA D 386 -3.46 -0.12 -39.22
N ASN D 387 -3.66 0.47 -38.04
CA ASN D 387 -4.10 -0.30 -36.88
C ASN D 387 -5.60 -0.54 -36.85
N ASP D 388 -6.37 0.09 -37.74
CA ASP D 388 -7.83 -0.08 -37.74
C ASP D 388 -8.17 -1.37 -38.51
N SER D 389 -7.85 -2.49 -37.88
CA SER D 389 -8.01 -3.78 -38.52
C SER D 389 -8.14 -4.81 -37.41
N GLU D 390 -8.83 -5.92 -37.68
CA GLU D 390 -8.89 -7.04 -36.71
C GLU D 390 -7.62 -7.88 -36.82
N PHE D 391 -6.90 -7.72 -37.92
CA PHE D 391 -5.69 -8.48 -38.19
C PHE D 391 -4.49 -7.73 -37.64
N GLY D 392 -3.35 -8.42 -37.60
CA GLY D 392 -2.13 -7.80 -37.13
C GLY D 392 -0.90 -8.66 -37.33
N LEU D 393 -0.64 -9.08 -38.57
CA LEU D 393 0.48 -9.98 -38.80
C LEU D 393 1.76 -9.20 -39.03
N SER D 394 1.78 -8.33 -40.03
CA SER D 394 2.99 -7.61 -40.40
C SER D 394 2.60 -6.28 -41.05
N ALA D 395 3.61 -5.49 -41.41
CA ALA D 395 3.38 -4.16 -41.97
C ALA D 395 4.66 -3.67 -42.63
N THR D 396 4.48 -2.71 -43.55
CA THR D 396 5.59 -2.07 -44.24
C THR D 396 5.43 -0.56 -44.09
N ILE D 397 6.55 0.15 -43.92
CA ILE D 397 6.56 1.61 -43.90
C ILE D 397 7.62 2.09 -44.86
N PHE D 398 7.23 2.94 -45.82
CA PHE D 398 8.18 3.59 -46.71
C PHE D 398 8.24 5.08 -46.39
N THR D 399 9.42 5.53 -45.94
CA THR D 399 9.69 6.91 -45.62
C THR D 399 11.20 7.05 -45.46
N THR D 400 11.75 8.16 -45.93
CA THR D 400 13.18 8.37 -45.71
C THR D 400 13.47 8.90 -44.31
N ASP D 401 12.46 9.28 -43.55
CA ASP D 401 12.64 9.68 -42.15
C ASP D 401 12.66 8.42 -41.30
N GLU D 402 13.84 7.88 -41.08
CA GLU D 402 13.95 6.60 -40.34
C GLU D 402 13.44 6.74 -38.91
N THR D 403 13.76 7.85 -38.26
CA THR D 403 13.31 8.02 -36.88
C THR D 403 11.80 7.94 -36.78
N GLN D 404 11.10 8.55 -37.74
CA GLN D 404 9.65 8.46 -37.74
C GLN D 404 9.19 7.03 -38.04
N ALA D 405 9.91 6.34 -38.93
CA ALA D 405 9.55 4.94 -39.22
C ALA D 405 9.63 4.08 -37.98
N ARG D 406 10.66 4.26 -37.16
CA ARG D 406 10.81 3.41 -35.97
C ARG D 406 9.83 3.77 -34.88
N GLN D 407 9.43 5.05 -34.80
CA GLN D 407 8.38 5.42 -33.85
C GLN D 407 7.05 4.82 -34.26
N MET D 408 6.75 4.83 -35.56
CA MET D 408 5.53 4.19 -36.04
C MET D 408 5.60 2.68 -35.83
N ALA D 409 6.77 2.08 -36.05
CA ALA D 409 6.94 0.65 -35.84
C ALA D 409 6.55 0.25 -34.42
N ALA D 410 6.97 1.06 -33.43
CA ALA D 410 6.67 0.73 -32.04
C ALA D 410 5.18 0.82 -31.73
N ARG D 411 4.43 1.53 -32.57
CA ARG D 411 2.97 1.75 -32.36
C ARG D 411 2.14 0.90 -33.31
N LEU D 412 2.78 0.16 -34.23
CA LEU D 412 2.04 -0.72 -35.12
C LEU D 412 1.69 -2.00 -34.37
N GLU D 413 0.41 -2.35 -34.40
CA GLU D 413 -0.10 -3.54 -33.72
C GLU D 413 0.07 -4.77 -34.62
N CYS D 414 1.33 -5.19 -34.77
CA CYS D 414 1.62 -6.36 -35.59
C CYS D 414 2.97 -6.92 -35.19
N GLY D 415 3.23 -8.14 -35.65
CA GLY D 415 4.42 -8.87 -35.25
C GLY D 415 5.64 -8.65 -36.10
N GLY D 416 5.52 -7.95 -37.22
CA GLY D 416 6.69 -7.66 -38.02
C GLY D 416 6.51 -6.33 -38.72
N VAL D 417 7.55 -5.50 -38.74
CA VAL D 417 7.51 -4.23 -39.46
C VAL D 417 8.71 -4.17 -40.37
N PHE D 418 8.48 -3.92 -41.66
CA PHE D 418 9.54 -3.78 -42.64
C PHE D 418 9.64 -2.32 -43.04
N ILE D 419 10.82 -1.74 -42.83
CA ILE D 419 11.06 -0.33 -43.11
C ILE D 419 11.83 -0.25 -44.42
N ASN D 420 11.20 0.41 -45.42
CA ASN D 420 11.82 0.60 -46.73
C ASN D 420 12.35 -0.70 -47.32
N GLY D 421 11.51 -1.73 -47.33
CA GLY D 421 11.94 -2.97 -47.96
C GLY D 421 10.80 -3.94 -48.18
N TYR D 422 11.17 -5.16 -48.55
CA TYR D 422 10.25 -6.22 -48.96
C TYR D 422 9.96 -7.16 -47.78
N CYS D 423 8.70 -7.22 -47.37
CA CYS D 423 8.28 -8.14 -46.32
C CYS D 423 8.50 -9.59 -46.77
N ALA D 424 8.98 -10.42 -45.86
CA ALA D 424 9.16 -11.84 -46.12
C ALA D 424 9.36 -12.56 -44.80
N SER D 425 9.16 -13.87 -44.82
CA SER D 425 9.56 -14.70 -43.69
C SER D 425 10.99 -15.17 -43.90
N ASP D 426 11.70 -15.38 -42.79
CA ASP D 426 13.13 -15.71 -42.85
C ASP D 426 13.49 -16.44 -41.57
N ALA D 427 14.26 -17.53 -41.70
CA ALA D 427 14.63 -18.35 -40.55
C ALA D 427 15.26 -17.55 -39.42
N ARG D 428 15.88 -16.42 -39.74
CA ARG D 428 16.68 -15.68 -38.78
C ARG D 428 15.88 -14.71 -37.90
N VAL D 429 14.58 -14.55 -38.15
CA VAL D 429 13.75 -13.59 -37.41
C VAL D 429 12.42 -14.22 -37.04
N ALA D 430 11.79 -13.66 -36.01
CA ALA D 430 10.48 -14.11 -35.56
C ALA D 430 9.41 -13.87 -36.62
N PHE D 431 8.43 -14.77 -36.65
CA PHE D 431 7.28 -14.64 -37.54
C PHE D 431 6.01 -14.96 -36.78
N GLY D 432 5.00 -14.13 -36.94
CA GLY D 432 3.74 -14.31 -36.23
C GLY D 432 3.20 -12.96 -35.82
N GLY D 433 1.88 -12.94 -35.55
CA GLY D 433 1.23 -11.67 -35.30
C GLY D 433 0.49 -11.51 -33.98
N VAL D 434 -0.48 -10.60 -33.98
CA VAL D 434 -1.32 -10.29 -32.83
C VAL D 434 -2.77 -10.20 -33.29
N LYS D 435 -3.65 -9.91 -32.33
CA LYS D 435 -5.08 -9.77 -32.58
C LYS D 435 -5.60 -11.02 -33.31
N LYS D 436 -6.44 -10.85 -34.34
CA LYS D 436 -7.00 -12.04 -34.97
C LYS D 436 -6.03 -12.73 -35.91
N SER D 437 -4.84 -12.16 -36.14
CA SER D 437 -3.80 -12.93 -36.81
C SER D 437 -3.22 -14.02 -35.92
N GLY D 438 -3.56 -14.04 -34.63
CA GLY D 438 -3.17 -15.16 -33.78
C GLY D 438 -2.15 -14.84 -32.70
N PHE D 439 -1.34 -15.82 -32.32
CA PHE D 439 -0.38 -15.64 -31.25
C PHE D 439 0.64 -16.77 -31.34
N GLY D 440 1.74 -16.59 -30.62
CA GLY D 440 2.86 -17.49 -30.73
C GLY D 440 3.76 -17.12 -31.91
N ARG D 441 5.00 -17.58 -31.85
CA ARG D 441 5.98 -17.15 -32.83
C ARG D 441 6.68 -18.36 -33.45
N GLU D 442 7.02 -18.23 -34.73
CA GLU D 442 7.74 -19.25 -35.46
C GLU D 442 9.10 -18.72 -35.89
N LEU D 443 9.94 -19.67 -36.31
CA LEU D 443 11.29 -19.44 -36.83
C LEU D 443 12.25 -18.90 -35.77
N SER D 444 13.51 -18.75 -36.14
CA SER D 444 14.60 -18.38 -35.23
C SER D 444 14.59 -19.32 -34.04
N HIS D 445 14.95 -18.82 -32.87
CA HIS D 445 14.84 -19.65 -31.68
C HIS D 445 13.41 -19.75 -31.18
N PHE D 446 12.51 -18.87 -31.64
CA PHE D 446 11.12 -18.92 -31.18
C PHE D 446 10.43 -20.19 -31.64
N GLY D 447 10.58 -20.56 -32.91
CA GLY D 447 9.93 -21.77 -33.39
C GLY D 447 10.49 -23.04 -32.79
N LEU D 448 11.72 -22.99 -32.29
CA LEU D 448 12.28 -24.12 -31.55
C LEU D 448 11.66 -24.19 -30.17
N HIS D 449 11.57 -23.06 -29.49
CA HIS D 449 11.25 -23.08 -28.06
C HIS D 449 9.75 -23.16 -27.80
N GLU D 450 8.91 -22.77 -28.76
CA GLU D 450 7.47 -22.79 -28.52
C GLU D 450 6.97 -24.18 -28.17
N PHE D 451 7.61 -25.21 -28.71
CA PHE D 451 7.16 -26.57 -28.46
C PHE D 451 8.21 -27.36 -27.67
N CYS D 452 8.96 -26.67 -26.82
CA CYS D 452 9.78 -27.32 -25.81
C CYS D 452 9.09 -27.27 -24.46
N ASN D 453 9.40 -28.26 -23.63
CA ASN D 453 9.17 -28.17 -22.19
C ASN D 453 10.36 -27.42 -21.60
N ILE D 454 10.17 -26.16 -21.23
CA ILE D 454 11.23 -25.37 -20.64
C ILE D 454 11.32 -25.77 -19.18
N GLN D 455 12.47 -26.32 -18.77
CA GLN D 455 12.57 -27.06 -17.52
C GLN D 455 13.70 -26.52 -16.67
N THR D 456 13.36 -26.03 -15.48
CA THR D 456 14.36 -25.64 -14.49
C THR D 456 14.95 -26.90 -13.86
N VAL D 457 16.28 -26.96 -13.76
CA VAL D 457 16.97 -28.04 -13.06
C VAL D 457 17.88 -27.38 -12.04
N TRP D 458 17.63 -27.65 -10.76
CA TRP D 458 18.23 -26.89 -9.68
C TRP D 458 18.77 -27.88 -8.67
N LYS D 459 20.08 -27.83 -8.44
CA LYS D 459 20.75 -28.76 -7.53
C LYS D 459 21.07 -28.06 -6.21
N ASP D 460 20.94 -28.79 -5.10
CA ASP D 460 21.39 -28.34 -3.77
C ASP D 460 20.70 -27.05 -3.33
N ARG D 461 19.40 -26.93 -3.61
CA ARG D 461 18.70 -25.75 -3.10
C ARG D 461 18.35 -26.03 -1.64
N ILE D 462 19.26 -25.67 -0.76
CA ILE D 462 19.08 -25.91 0.68
C ILE D 462 19.43 -24.66 1.48
#